data_2MY6
#
_entry.id   2MY6
#
_entity_poly.entity_id   1
_entity_poly.type   'polypeptide(L)'
_entity_poly.pdbx_seq_one_letter_code
;SEMQHASVIAQFVVEEFLPDVAPADVDVDLDLVDNGVIDALGLLKVIAWLEDRFGIAADDVELSPEHFRSIRSIDAFVVG
ATTPPVEAKLQ
;
_entity_poly.pdbx_strand_id   A
#
# COMPACT_ATOMS: atom_id res chain seq x y z
N SER A 1 -8.49 1.49 14.97
CA SER A 1 -7.05 1.34 14.61
C SER A 1 -6.92 0.41 13.39
N GLU A 2 -8.01 -0.01 12.83
CA GLU A 2 -7.95 -0.90 11.64
C GLU A 2 -7.14 -0.22 10.54
N MET A 3 -7.21 1.08 10.45
CA MET A 3 -6.44 1.80 9.40
C MET A 3 -4.95 1.53 9.56
N GLN A 4 -4.48 1.40 10.76
CA GLN A 4 -3.03 1.15 10.98
C GLN A 4 -2.22 2.23 10.26
N HIS A 5 -2.56 3.47 10.49
CA HIS A 5 -1.82 4.60 9.82
C HIS A 5 -2.22 4.68 8.35
N ALA A 6 -3.49 4.77 8.06
CA ALA A 6 -3.92 4.86 6.64
C ALA A 6 -3.31 6.11 6.00
N SER A 7 -3.26 7.19 6.72
CA SER A 7 -2.68 8.44 6.16
C SER A 7 -1.21 8.23 5.81
N VAL A 8 -0.51 7.47 6.61
CA VAL A 8 0.94 7.22 6.31
C VAL A 8 1.08 6.51 4.97
N ILE A 9 0.28 5.50 4.74
CA ILE A 9 0.36 4.77 3.45
C ILE A 9 0.10 5.74 2.30
N ALA A 10 -0.93 6.54 2.44
CA ALA A 10 -1.25 7.54 1.37
C ALA A 10 -0.08 8.51 1.25
N GLN A 11 0.54 8.84 2.34
CA GLN A 11 1.69 9.79 2.28
C GLN A 11 2.77 9.23 1.35
N PHE A 12 3.03 7.96 1.42
CA PHE A 12 4.09 7.38 0.53
C PHE A 12 3.62 7.40 -0.93
N VAL A 13 2.45 6.92 -1.20
CA VAL A 13 1.98 6.90 -2.62
C VAL A 13 1.79 8.35 -3.08
N VAL A 14 1.29 9.20 -2.24
CA VAL A 14 1.09 10.62 -2.63
C VAL A 14 2.46 11.26 -2.92
N GLU A 15 3.42 11.05 -2.07
CA GLU A 15 4.77 11.62 -2.29
C GLU A 15 5.46 10.89 -3.43
N GLU A 16 5.06 9.68 -3.69
CA GLU A 16 5.70 8.89 -4.78
C GLU A 16 5.45 9.55 -6.14
N PHE A 17 4.35 10.24 -6.30
CA PHE A 17 4.07 10.88 -7.62
C PHE A 17 3.47 12.28 -7.43
N LEU A 18 2.59 12.44 -6.47
CA LEU A 18 1.97 13.78 -6.26
C LEU A 18 2.24 14.28 -4.84
N PRO A 19 3.42 14.81 -4.61
CA PRO A 19 3.80 15.34 -3.27
C PRO A 19 3.14 16.70 -2.97
N ASP A 20 2.61 17.34 -3.97
CA ASP A 20 1.96 18.66 -3.75
C ASP A 20 0.48 18.46 -3.42
N VAL A 21 0.06 17.24 -3.24
CA VAL A 21 -1.38 16.97 -2.92
C VAL A 21 -1.50 16.47 -1.48
N ALA A 22 -2.44 16.99 -0.74
CA ALA A 22 -2.63 16.54 0.67
C ALA A 22 -3.22 15.13 0.68
N PRO A 23 -2.53 14.15 1.26
CA PRO A 23 -3.06 12.76 1.32
C PRO A 23 -4.48 12.70 1.87
N ALA A 24 -4.84 13.64 2.71
CA ALA A 24 -6.22 13.63 3.29
C ALA A 24 -7.23 13.85 2.17
N ASP A 25 -6.83 14.47 1.10
CA ASP A 25 -7.77 14.73 -0.03
C ASP A 25 -7.88 13.48 -0.90
N VAL A 26 -7.31 12.38 -0.47
CA VAL A 26 -7.39 11.14 -1.28
C VAL A 26 -8.39 10.19 -0.65
N ASP A 27 -9.28 9.63 -1.43
CA ASP A 27 -10.26 8.68 -0.85
C ASP A 27 -9.68 7.27 -0.87
N VAL A 28 -9.55 6.65 0.27
CA VAL A 28 -9.00 5.27 0.30
C VAL A 28 -10.08 4.28 -0.14
N ASP A 29 -11.22 4.78 -0.53
CA ASP A 29 -12.31 3.88 -0.99
C ASP A 29 -12.14 3.60 -2.48
N LEU A 30 -11.30 4.35 -3.13
CA LEU A 30 -11.07 4.14 -4.59
C LEU A 30 -9.85 3.24 -4.79
N ASP A 31 -9.93 2.32 -5.69
CA ASP A 31 -8.76 1.41 -5.92
C ASP A 31 -7.53 2.24 -6.29
N LEU A 32 -6.40 1.86 -5.80
CA LEU A 32 -5.15 2.60 -6.07
C LEU A 32 -4.77 2.47 -7.55
N VAL A 33 -4.98 1.33 -8.13
CA VAL A 33 -4.61 1.15 -9.57
C VAL A 33 -5.47 2.02 -10.46
N ASP A 34 -6.73 2.20 -10.11
CA ASP A 34 -7.61 3.05 -10.97
C ASP A 34 -6.91 4.40 -11.16
N ASN A 35 -6.20 4.83 -10.17
CA ASN A 35 -5.49 6.13 -10.26
C ASN A 35 -4.31 6.01 -11.24
N GLY A 36 -3.69 4.86 -11.28
CA GLY A 36 -2.52 4.67 -12.18
C GLY A 36 -1.26 5.18 -11.50
N VAL A 37 -1.37 5.55 -10.25
CA VAL A 37 -0.18 6.05 -9.51
C VAL A 37 0.87 4.94 -9.44
N ILE A 38 0.44 3.71 -9.35
CA ILE A 38 1.43 2.60 -9.29
C ILE A 38 1.80 2.15 -10.70
N ASP A 39 3.05 2.28 -11.04
CA ASP A 39 3.51 1.88 -12.39
C ASP A 39 4.54 0.76 -12.23
N ALA A 40 5.24 0.42 -13.29
CA ALA A 40 6.26 -0.67 -13.17
C ALA A 40 7.34 -0.22 -12.18
N LEU A 41 7.92 0.92 -12.42
CA LEU A 41 8.94 1.44 -11.49
C LEU A 41 8.22 1.86 -10.22
N GLY A 42 7.02 2.37 -10.39
CA GLY A 42 6.23 2.79 -9.21
C GLY A 42 6.02 1.58 -8.30
N LEU A 43 5.77 0.44 -8.89
CA LEU A 43 5.57 -0.78 -8.07
C LEU A 43 6.87 -1.11 -7.34
N LEU A 44 7.98 -1.01 -8.02
CA LEU A 44 9.28 -1.30 -7.36
C LEU A 44 9.49 -0.34 -6.20
N LYS A 45 9.25 0.90 -6.42
CA LYS A 45 9.44 1.91 -5.34
C LYS A 45 8.51 1.58 -4.17
N VAL A 46 7.33 1.10 -4.46
CA VAL A 46 6.37 0.77 -3.36
C VAL A 46 6.96 -0.31 -2.46
N ILE A 47 7.43 -1.37 -3.04
CA ILE A 47 8.03 -2.47 -2.24
C ILE A 47 9.35 -2.03 -1.61
N ALA A 48 10.08 -1.18 -2.27
CA ALA A 48 11.40 -0.74 -1.72
C ALA A 48 11.24 -0.01 -0.39
N TRP A 49 10.37 0.97 -0.33
CA TRP A 49 10.20 1.70 0.96
C TRP A 49 9.31 0.90 1.91
N LEU A 50 8.23 0.39 1.42
CA LEU A 50 7.31 -0.39 2.29
C LEU A 50 8.06 -1.57 2.93
N GLU A 51 8.87 -2.25 2.16
CA GLU A 51 9.62 -3.40 2.72
C GLU A 51 10.74 -2.89 3.64
N ASP A 52 11.34 -1.78 3.31
CA ASP A 52 12.44 -1.23 4.15
C ASP A 52 11.93 -0.91 5.56
N ARG A 53 10.74 -0.39 5.67
CA ARG A 53 10.20 -0.03 7.01
C ARG A 53 10.08 -1.26 7.92
N PHE A 54 9.72 -2.40 7.38
CA PHE A 54 9.57 -3.60 8.24
C PHE A 54 10.85 -4.45 8.18
N GLY A 55 11.74 -4.15 7.29
CA GLY A 55 12.99 -4.95 7.19
C GLY A 55 12.66 -6.32 6.61
N ILE A 56 11.67 -6.38 5.77
CA ILE A 56 11.27 -7.67 5.17
C ILE A 56 11.66 -7.71 3.69
N ALA A 57 11.89 -8.88 3.15
CA ALA A 57 12.29 -8.97 1.72
C ALA A 57 11.09 -9.39 0.87
N ALA A 58 10.84 -8.70 -0.20
CA ALA A 58 9.68 -9.05 -1.07
C ALA A 58 9.94 -10.40 -1.74
N ASP A 59 11.18 -10.74 -1.94
CA ASP A 59 11.51 -12.03 -2.60
C ASP A 59 10.86 -13.19 -1.83
N ASP A 60 10.78 -13.08 -0.54
CA ASP A 60 10.16 -14.18 0.26
C ASP A 60 8.77 -14.51 -0.30
N VAL A 61 8.04 -13.51 -0.73
CA VAL A 61 6.68 -13.77 -1.29
C VAL A 61 6.51 -13.04 -2.60
N GLU A 62 5.81 -13.62 -3.55
CA GLU A 62 5.61 -12.94 -4.86
C GLU A 62 4.36 -12.05 -4.78
N LEU A 63 4.45 -10.85 -5.27
CA LEU A 63 3.26 -9.95 -5.24
C LEU A 63 2.53 -9.99 -6.56
N SER A 64 1.22 -10.02 -6.53
CA SER A 64 0.44 -10.05 -7.79
C SER A 64 -0.30 -8.72 -7.95
N PRO A 65 -0.66 -8.37 -9.15
CA PRO A 65 -1.38 -7.10 -9.42
C PRO A 65 -2.64 -6.97 -8.57
N GLU A 66 -3.18 -8.08 -8.11
CA GLU A 66 -4.40 -8.03 -7.27
C GLU A 66 -4.06 -7.44 -5.91
N HIS A 67 -2.84 -7.60 -5.48
CA HIS A 67 -2.44 -7.05 -4.15
C HIS A 67 -2.51 -5.53 -4.21
N PHE A 68 -2.53 -4.97 -5.39
CA PHE A 68 -2.60 -3.50 -5.51
C PHE A 68 -4.05 -3.10 -5.78
N ARG A 69 -4.95 -4.01 -5.54
CA ARG A 69 -6.40 -3.73 -5.78
C ARG A 69 -6.79 -2.41 -5.11
N SER A 70 -6.29 -2.12 -3.95
CA SER A 70 -6.65 -0.85 -3.27
C SER A 70 -5.66 -0.55 -2.15
N ILE A 71 -5.57 0.69 -1.75
CA ILE A 71 -4.64 1.07 -0.65
C ILE A 71 -5.01 0.24 0.58
N ARG A 72 -6.28 -0.02 0.74
CA ARG A 72 -6.74 -0.82 1.91
C ARG A 72 -6.02 -2.17 1.89
N SER A 73 -5.88 -2.76 0.74
CA SER A 73 -5.19 -4.07 0.64
C SER A 73 -3.75 -3.93 1.08
N ILE A 74 -3.12 -2.83 0.73
CA ILE A 74 -1.70 -2.64 1.14
C ILE A 74 -1.59 -2.69 2.65
N ASP A 75 -2.46 -1.99 3.35
CA ASP A 75 -2.40 -2.01 4.83
C ASP A 75 -2.56 -3.44 5.32
N ALA A 76 -3.49 -4.17 4.75
CA ALA A 76 -3.72 -5.57 5.17
C ALA A 76 -2.50 -6.43 4.82
N PHE A 77 -1.93 -6.21 3.66
CA PHE A 77 -0.74 -7.01 3.27
C PHE A 77 0.41 -6.74 4.25
N VAL A 78 0.66 -5.50 4.57
CA VAL A 78 1.75 -5.18 5.52
C VAL A 78 1.45 -5.82 6.87
N VAL A 79 0.23 -5.68 7.35
CA VAL A 79 -0.13 -6.28 8.64
C VAL A 79 -0.14 -7.80 8.52
N GLY A 80 -0.68 -8.31 7.44
CA GLY A 80 -0.74 -9.78 7.23
C GLY A 80 0.67 -10.37 7.25
N ALA A 81 1.64 -9.61 6.83
CA ALA A 81 3.04 -10.14 6.81
C ALA A 81 3.58 -10.36 8.23
N THR A 82 3.31 -9.47 9.13
CA THR A 82 3.84 -9.64 10.52
C THR A 82 2.76 -10.15 11.45
N THR A 83 1.53 -9.76 11.26
CA THR A 83 0.44 -10.21 12.15
C THR A 83 -0.76 -10.68 11.31
N PRO A 84 -1.56 -11.57 11.82
CA PRO A 84 -2.75 -12.07 11.08
C PRO A 84 -3.55 -10.91 10.45
N PRO A 85 -4.10 -11.10 9.28
CA PRO A 85 -4.88 -10.02 8.60
C PRO A 85 -6.12 -9.63 9.37
N VAL A 86 -6.49 -8.37 9.32
CA VAL A 86 -7.70 -7.91 10.03
C VAL A 86 -8.84 -7.71 9.02
N GLU A 87 -9.98 -8.26 9.30
CA GLU A 87 -11.14 -8.11 8.36
C GLU A 87 -10.65 -8.13 6.92
N ALA A 88 -9.84 -9.10 6.56
CA ALA A 88 -9.33 -9.18 5.17
C ALA A 88 -10.50 -9.12 4.19
N LYS A 89 -10.31 -8.49 3.06
CA LYS A 89 -11.41 -8.40 2.06
C LYS A 89 -11.84 -9.81 1.66
N LEU A 90 -10.94 -10.73 1.60
CA LEU A 90 -11.30 -12.13 1.22
C LEU A 90 -12.33 -12.67 2.22
N GLN A 91 -12.20 -12.31 3.46
CA GLN A 91 -13.18 -12.81 4.49
C GLN A 91 -14.17 -11.71 4.82
N SER A 1 -10.33 3.53 14.15
CA SER A 1 -9.00 3.13 14.69
C SER A 1 -7.97 3.10 13.55
N GLU A 2 -6.81 3.66 13.75
CA GLU A 2 -5.78 3.66 12.67
C GLU A 2 -5.48 2.22 12.27
N MET A 3 -5.23 1.99 11.01
CA MET A 3 -4.92 0.61 10.55
C MET A 3 -3.40 0.40 10.58
N GLN A 4 -2.81 0.47 11.75
CA GLN A 4 -1.34 0.28 11.87
C GLN A 4 -0.62 1.33 11.02
N HIS A 5 -0.94 2.59 11.22
CA HIS A 5 -0.29 3.69 10.44
C HIS A 5 -0.92 3.76 9.04
N ALA A 6 -2.21 3.69 8.96
CA ALA A 6 -2.88 3.77 7.62
C ALA A 6 -2.55 5.10 6.96
N SER A 7 -2.53 6.16 7.72
CA SER A 7 -2.21 7.50 7.13
C SER A 7 -0.79 7.49 6.59
N VAL A 8 0.10 6.78 7.22
CA VAL A 8 1.51 6.74 6.73
C VAL A 8 1.54 6.13 5.34
N ILE A 9 0.82 5.05 5.15
CA ILE A 9 0.79 4.41 3.81
C ILE A 9 0.26 5.41 2.78
N ALA A 10 -0.76 6.15 3.15
CA ALA A 10 -1.34 7.14 2.22
C ALA A 10 -0.28 8.17 1.83
N GLN A 11 0.55 8.57 2.77
CA GLN A 11 1.60 9.58 2.46
C GLN A 11 2.58 9.00 1.42
N PHE A 12 2.94 7.76 1.56
CA PHE A 12 3.91 7.17 0.58
C PHE A 12 3.33 7.18 -0.83
N VAL A 13 2.13 6.71 -1.00
CA VAL A 13 1.54 6.70 -2.36
C VAL A 13 1.31 8.14 -2.81
N VAL A 14 0.82 8.98 -1.93
CA VAL A 14 0.58 10.40 -2.31
C VAL A 14 1.93 11.07 -2.65
N GLU A 15 2.93 10.85 -1.84
CA GLU A 15 4.26 11.47 -2.12
C GLU A 15 4.93 10.79 -3.31
N GLU A 16 4.56 9.58 -3.59
CA GLU A 16 5.18 8.85 -4.73
C GLU A 16 4.87 9.54 -6.05
N PHE A 17 3.75 10.20 -6.15
CA PHE A 17 3.41 10.89 -7.44
C PHE A 17 2.79 12.26 -7.19
N LEU A 18 1.91 12.38 -6.23
CA LEU A 18 1.27 13.70 -5.95
C LEU A 18 1.57 14.15 -4.52
N PRO A 19 2.74 14.70 -4.29
CA PRO A 19 3.14 15.19 -2.94
C PRO A 19 2.43 16.50 -2.57
N ASP A 20 1.86 17.16 -3.52
CA ASP A 20 1.17 18.45 -3.23
C ASP A 20 -0.31 18.20 -2.91
N VAL A 21 -0.69 16.95 -2.76
CA VAL A 21 -2.13 16.65 -2.46
C VAL A 21 -2.23 16.11 -1.03
N ALA A 22 -3.21 16.58 -0.29
CA ALA A 22 -3.38 16.09 1.11
C ALA A 22 -3.92 14.66 1.09
N PRO A 23 -3.21 13.69 1.64
CA PRO A 23 -3.68 12.28 1.66
C PRO A 23 -5.10 12.16 2.22
N ALA A 24 -5.50 13.08 3.07
CA ALA A 24 -6.87 13.01 3.64
C ALA A 24 -7.90 13.20 2.52
N ASP A 25 -7.52 13.85 1.46
CA ASP A 25 -8.46 14.08 0.34
C ASP A 25 -8.52 12.83 -0.55
N VAL A 26 -7.88 11.77 -0.13
CA VAL A 26 -7.90 10.53 -0.97
C VAL A 26 -8.91 9.54 -0.37
N ASP A 27 -9.74 8.96 -1.19
CA ASP A 27 -10.72 7.99 -0.66
C ASP A 27 -10.09 6.59 -0.66
N VAL A 28 -10.00 5.97 0.49
CA VAL A 28 -9.40 4.61 0.54
C VAL A 28 -10.37 3.62 -0.09
N ASP A 29 -11.45 4.09 -0.64
CA ASP A 29 -12.44 3.19 -1.29
C ASP A 29 -12.15 3.13 -2.79
N LEU A 30 -11.15 3.84 -3.24
CA LEU A 30 -10.81 3.85 -4.68
C LEU A 30 -9.62 2.91 -4.92
N ASP A 31 -9.72 2.07 -5.92
CA ASP A 31 -8.59 1.13 -6.19
C ASP A 31 -7.38 1.92 -6.71
N LEU A 32 -6.20 1.59 -6.25
CA LEU A 32 -4.98 2.30 -6.72
C LEU A 32 -4.73 2.05 -8.20
N VAL A 33 -4.96 0.87 -8.67
CA VAL A 33 -4.71 0.58 -10.10
C VAL A 33 -5.66 1.36 -11.00
N ASP A 34 -6.89 1.50 -10.59
CA ASP A 34 -7.86 2.27 -11.44
C ASP A 34 -7.24 3.63 -11.74
N ASN A 35 -6.50 4.16 -10.81
CA ASN A 35 -5.85 5.47 -11.01
C ASN A 35 -4.71 5.34 -12.03
N GLY A 36 -4.03 4.23 -12.04
CA GLY A 36 -2.90 4.04 -12.98
C GLY A 36 -1.66 4.71 -12.42
N VAL A 37 -1.76 5.23 -11.22
CA VAL A 37 -0.60 5.89 -10.60
C VAL A 37 0.52 4.87 -10.40
N ILE A 38 0.16 3.63 -10.15
CA ILE A 38 1.20 2.59 -9.96
C ILE A 38 1.57 1.96 -11.30
N ASP A 39 2.82 2.04 -11.65
CA ASP A 39 3.29 1.47 -12.93
C ASP A 39 4.27 0.34 -12.63
N ALA A 40 5.09 -0.03 -13.58
CA ALA A 40 6.08 -1.11 -13.34
C ALA A 40 7.11 -0.63 -12.33
N LEU A 41 7.73 0.48 -12.59
CA LEU A 41 8.72 1.03 -11.63
C LEU A 41 7.96 1.44 -10.40
N GLY A 42 6.75 1.88 -10.57
CA GLY A 42 5.93 2.29 -9.42
C GLY A 42 5.80 1.10 -8.47
N LEU A 43 5.61 -0.07 -9.02
CA LEU A 43 5.50 -1.28 -8.17
C LEU A 43 6.82 -1.51 -7.45
N LEU A 44 7.92 -1.35 -8.16
CA LEU A 44 9.25 -1.55 -7.53
C LEU A 44 9.41 -0.57 -6.38
N LYS A 45 9.07 0.66 -6.60
CA LYS A 45 9.21 1.68 -5.53
C LYS A 45 8.36 1.27 -4.31
N VAL A 46 7.23 0.68 -4.56
CA VAL A 46 6.34 0.27 -3.43
C VAL A 46 7.06 -0.76 -2.55
N ILE A 47 7.62 -1.78 -3.15
CA ILE A 47 8.33 -2.81 -2.35
C ILE A 47 9.60 -2.24 -1.73
N ALA A 48 10.25 -1.30 -2.36
CA ALA A 48 11.51 -0.75 -1.80
C ALA A 48 11.24 0.01 -0.49
N TRP A 49 10.30 0.90 -0.46
CA TRP A 49 10.03 1.66 0.79
C TRP A 49 9.17 0.83 1.74
N LEU A 50 8.15 0.22 1.23
CA LEU A 50 7.26 -0.59 2.09
C LEU A 50 8.07 -1.69 2.79
N GLU A 51 8.95 -2.34 2.09
CA GLU A 51 9.77 -3.41 2.71
C GLU A 51 10.80 -2.80 3.66
N ASP A 52 11.35 -1.68 3.31
CA ASP A 52 12.37 -1.03 4.18
C ASP A 52 11.78 -0.71 5.57
N ARG A 53 10.55 -0.29 5.61
CA ARG A 53 9.93 0.08 6.91
C ARG A 53 9.86 -1.12 7.86
N PHE A 54 9.57 -2.30 7.36
CA PHE A 54 9.47 -3.47 8.27
C PHE A 54 10.78 -4.26 8.25
N GLY A 55 11.67 -3.96 7.36
CA GLY A 55 12.96 -4.69 7.31
C GLY A 55 12.69 -6.10 6.79
N ILE A 56 11.70 -6.24 5.93
CA ILE A 56 11.38 -7.59 5.40
C ILE A 56 11.82 -7.68 3.94
N ALA A 57 12.12 -8.86 3.46
CA ALA A 57 12.56 -9.01 2.05
C ALA A 57 11.39 -9.45 1.18
N ALA A 58 11.21 -8.84 0.05
CA ALA A 58 10.09 -9.23 -0.85
C ALA A 58 10.35 -10.62 -1.42
N ASP A 59 11.58 -11.03 -1.45
CA ASP A 59 11.91 -12.38 -2.00
C ASP A 59 11.09 -13.45 -1.28
N ASP A 60 10.85 -13.28 -0.01
CA ASP A 60 10.06 -14.30 0.74
C ASP A 60 8.71 -14.52 0.07
N VAL A 61 8.09 -13.46 -0.41
CA VAL A 61 6.77 -13.62 -1.08
C VAL A 61 6.73 -12.78 -2.35
N GLU A 62 6.11 -13.26 -3.39
CA GLU A 62 6.05 -12.49 -4.65
C GLU A 62 4.77 -11.64 -4.66
N LEU A 63 4.87 -10.39 -5.01
CA LEU A 63 3.67 -9.52 -5.02
C LEU A 63 3.13 -9.42 -6.46
N SER A 64 1.83 -9.47 -6.60
CA SER A 64 1.23 -9.38 -7.96
C SER A 64 0.50 -8.03 -8.09
N PRO A 65 0.31 -7.56 -9.29
CA PRO A 65 -0.38 -6.28 -9.54
C PRO A 65 -1.75 -6.22 -8.87
N GLU A 66 -2.33 -7.37 -8.62
CA GLU A 66 -3.67 -7.40 -7.97
C GLU A 66 -3.53 -7.01 -6.51
N HIS A 67 -2.39 -7.24 -5.92
CA HIS A 67 -2.21 -6.87 -4.50
C HIS A 67 -2.28 -5.35 -4.36
N PHE A 68 -2.07 -4.65 -5.45
CA PHE A 68 -2.12 -3.18 -5.40
C PHE A 68 -3.54 -2.72 -5.72
N ARG A 69 -4.47 -3.63 -5.65
CA ARG A 69 -5.89 -3.30 -5.94
C ARG A 69 -6.32 -2.05 -5.17
N SER A 70 -5.86 -1.88 -3.96
CA SER A 70 -6.27 -0.68 -3.19
C SER A 70 -5.32 -0.46 -2.00
N ILE A 71 -5.24 0.74 -1.50
CA ILE A 71 -4.34 1.03 -0.35
C ILE A 71 -4.72 0.13 0.82
N ARG A 72 -6.00 -0.07 1.02
CA ARG A 72 -6.47 -0.94 2.14
C ARG A 72 -5.86 -2.33 1.99
N SER A 73 -5.80 -2.83 0.79
CA SER A 73 -5.21 -4.18 0.58
C SER A 73 -3.72 -4.17 0.93
N ILE A 74 -3.05 -3.09 0.62
CA ILE A 74 -1.59 -3.02 0.94
C ILE A 74 -1.39 -3.04 2.46
N ASP A 75 -2.18 -2.28 3.18
CA ASP A 75 -2.03 -2.25 4.66
C ASP A 75 -2.25 -3.66 5.22
N ALA A 76 -3.23 -4.36 4.70
CA ALA A 76 -3.50 -5.74 5.19
C ALA A 76 -2.34 -6.67 4.84
N PHE A 77 -1.86 -6.57 3.63
CA PHE A 77 -0.73 -7.46 3.22
C PHE A 77 0.49 -7.18 4.10
N VAL A 78 0.82 -5.93 4.30
CA VAL A 78 1.99 -5.59 5.14
C VAL A 78 1.75 -6.10 6.55
N VAL A 79 0.57 -5.89 7.07
CA VAL A 79 0.27 -6.37 8.44
C VAL A 79 0.28 -7.90 8.45
N GLY A 80 -0.31 -8.51 7.46
CA GLY A 80 -0.35 -10.00 7.40
C GLY A 80 1.08 -10.55 7.42
N ALA A 81 2.04 -9.76 7.02
CA ALA A 81 3.44 -10.24 7.00
C ALA A 81 3.95 -10.47 8.43
N THR A 82 3.43 -9.75 9.40
CA THR A 82 3.90 -9.94 10.80
C THR A 82 2.72 -10.13 11.75
N THR A 83 1.61 -9.51 11.47
CA THR A 83 0.44 -9.64 12.37
C THR A 83 -0.82 -9.95 11.53
N PRO A 84 -1.79 -10.60 12.11
CA PRO A 84 -3.06 -10.95 11.39
C PRO A 84 -3.79 -9.69 10.90
N PRO A 85 -4.25 -9.68 9.67
CA PRO A 85 -4.96 -8.49 9.10
C PRO A 85 -6.35 -8.31 9.70
N VAL A 86 -6.82 -7.10 9.73
CA VAL A 86 -8.18 -6.83 10.29
C VAL A 86 -9.16 -6.63 9.14
N GLU A 87 -10.31 -7.25 9.21
CA GLU A 87 -11.31 -7.10 8.12
C GLU A 87 -10.60 -7.12 6.77
N ALA A 88 -10.05 -8.25 6.39
CA ALA A 88 -9.33 -8.33 5.09
C ALA A 88 -10.25 -7.83 3.96
N LYS A 89 -9.69 -7.23 2.95
CA LYS A 89 -10.51 -6.71 1.83
C LYS A 89 -11.35 -7.85 1.24
N LEU A 90 -10.80 -9.04 1.19
CA LEU A 90 -11.56 -10.19 0.63
C LEU A 90 -12.32 -10.90 1.76
N GLN A 91 -13.51 -11.35 1.49
CA GLN A 91 -14.30 -12.05 2.54
C GLN A 91 -15.55 -12.67 1.92
N SER A 1 -12.53 3.98 5.97
CA SER A 1 -12.27 4.11 7.42
C SER A 1 -10.76 4.08 7.68
N GLU A 2 -10.27 4.97 8.52
CA GLU A 2 -8.81 4.99 8.80
C GLU A 2 -8.37 3.62 9.33
N MET A 3 -7.19 3.18 8.97
CA MET A 3 -6.72 1.86 9.45
C MET A 3 -5.58 2.07 10.44
N GLN A 4 -4.44 1.52 10.14
CA GLN A 4 -3.26 1.69 11.03
C GLN A 4 -2.19 2.43 10.24
N HIS A 5 -1.72 3.54 10.74
CA HIS A 5 -0.69 4.29 9.97
C HIS A 5 -1.17 4.40 8.52
N ALA A 6 -2.45 4.27 8.30
CA ALA A 6 -2.98 4.36 6.90
C ALA A 6 -2.55 5.68 6.27
N SER A 7 -2.57 6.75 7.02
CA SER A 7 -2.17 8.07 6.47
C SER A 7 -0.71 8.00 6.00
N VAL A 8 0.11 7.28 6.72
CA VAL A 8 1.55 7.18 6.32
C VAL A 8 1.65 6.50 4.95
N ILE A 9 0.92 5.42 4.76
CA ILE A 9 0.97 4.73 3.45
C ILE A 9 0.52 5.68 2.35
N ALA A 10 -0.55 6.39 2.60
CA ALA A 10 -1.06 7.36 1.59
C ALA A 10 0.01 8.43 1.37
N GLN A 11 0.72 8.80 2.40
CA GLN A 11 1.79 9.83 2.24
C GLN A 11 2.82 9.34 1.23
N PHE A 12 3.15 8.08 1.25
CA PHE A 12 4.16 7.56 0.29
C PHE A 12 3.62 7.57 -1.14
N VAL A 13 2.43 7.06 -1.35
CA VAL A 13 1.89 7.01 -2.74
C VAL A 13 1.77 8.42 -3.31
N VAL A 14 1.21 9.34 -2.58
CA VAL A 14 1.08 10.71 -3.12
C VAL A 14 2.47 11.32 -3.32
N GLU A 15 3.35 11.19 -2.36
CA GLU A 15 4.71 11.76 -2.52
C GLU A 15 5.44 11.05 -3.68
N GLU A 16 5.07 9.83 -3.93
CA GLU A 16 5.74 9.07 -5.03
C GLU A 16 5.45 9.73 -6.38
N PHE A 17 4.32 10.35 -6.53
CA PHE A 17 4.01 10.99 -7.85
C PHE A 17 3.24 12.30 -7.64
N LEU A 18 2.41 12.38 -6.63
CA LEU A 18 1.63 13.64 -6.40
C LEU A 18 1.94 14.19 -5.00
N PRO A 19 3.04 14.87 -4.85
CA PRO A 19 3.46 15.46 -3.54
C PRO A 19 2.68 16.72 -3.18
N ASP A 20 2.06 17.35 -4.14
CA ASP A 20 1.28 18.59 -3.84
C ASP A 20 -0.16 18.24 -3.47
N VAL A 21 -0.44 16.98 -3.21
CA VAL A 21 -1.84 16.59 -2.84
C VAL A 21 -1.89 16.26 -1.36
N ALA A 22 -2.88 16.76 -0.67
CA ALA A 22 -3.01 16.47 0.79
C ALA A 22 -3.40 14.99 0.98
N PRO A 23 -2.58 14.19 1.63
CA PRO A 23 -2.91 12.75 1.84
C PRO A 23 -4.31 12.57 2.44
N ALA A 24 -4.71 13.45 3.31
CA ALA A 24 -6.06 13.33 3.92
C ALA A 24 -7.12 13.60 2.84
N ASP A 25 -6.72 14.22 1.77
CA ASP A 25 -7.68 14.52 0.67
C ASP A 25 -7.87 13.30 -0.22
N VAL A 26 -7.31 12.19 0.16
CA VAL A 26 -7.46 10.96 -0.67
C VAL A 26 -8.46 10.02 -0.01
N ASP A 27 -9.40 9.52 -0.76
CA ASP A 27 -10.39 8.58 -0.17
C ASP A 27 -9.85 7.16 -0.27
N VAL A 28 -9.65 6.50 0.83
CA VAL A 28 -9.12 5.11 0.79
C VAL A 28 -10.22 4.16 0.33
N ASP A 29 -11.38 4.67 0.00
CA ASP A 29 -12.49 3.79 -0.46
C ASP A 29 -12.34 3.56 -1.96
N LEU A 30 -11.59 4.40 -2.63
CA LEU A 30 -11.39 4.22 -4.09
C LEU A 30 -10.18 3.32 -4.32
N ASP A 31 -10.30 2.37 -5.18
CA ASP A 31 -9.15 1.46 -5.41
C ASP A 31 -7.96 2.29 -5.91
N LEU A 32 -6.80 2.03 -5.37
CA LEU A 32 -5.59 2.79 -5.78
C LEU A 32 -5.28 2.54 -7.27
N VAL A 33 -5.51 1.36 -7.75
CA VAL A 33 -5.22 1.08 -9.18
C VAL A 33 -6.12 1.91 -10.09
N ASP A 34 -7.34 2.13 -9.69
CA ASP A 34 -8.25 2.94 -10.54
C ASP A 34 -7.56 4.25 -10.88
N ASN A 35 -6.76 4.74 -9.96
CA ASN A 35 -6.03 6.01 -10.20
C ASN A 35 -4.92 5.78 -11.23
N GLY A 36 -4.32 4.63 -11.21
CA GLY A 36 -3.21 4.35 -12.18
C GLY A 36 -1.90 4.86 -11.59
N VAL A 37 -1.94 5.34 -10.38
CA VAL A 37 -0.70 5.85 -9.73
C VAL A 37 0.31 4.72 -9.63
N ILE A 38 -0.16 3.51 -9.44
CA ILE A 38 0.78 2.37 -9.32
C ILE A 38 1.17 1.87 -10.72
N ASP A 39 2.42 2.02 -11.06
CA ASP A 39 2.90 1.56 -12.39
C ASP A 39 3.84 0.37 -12.19
N ALA A 40 4.39 -0.16 -13.25
CA ALA A 40 5.33 -1.31 -13.10
C ALA A 40 6.49 -0.86 -12.21
N LEU A 41 7.10 0.23 -12.55
CA LEU A 41 8.21 0.76 -11.71
C LEU A 41 7.59 1.27 -10.43
N GLY A 42 6.38 1.77 -10.53
CA GLY A 42 5.68 2.28 -9.33
C GLY A 42 5.54 1.13 -8.33
N LEU A 43 5.22 -0.05 -8.81
CA LEU A 43 5.10 -1.22 -7.91
C LEU A 43 6.45 -1.52 -7.28
N LEU A 44 7.49 -1.51 -8.07
CA LEU A 44 8.84 -1.80 -7.54
C LEU A 44 9.18 -0.79 -6.45
N LYS A 45 8.92 0.46 -6.68
CA LYS A 45 9.24 1.48 -5.66
C LYS A 45 8.43 1.20 -4.39
N VAL A 46 7.22 0.73 -4.55
CA VAL A 46 6.36 0.45 -3.37
C VAL A 46 7.03 -0.60 -2.47
N ILE A 47 7.47 -1.68 -3.05
CA ILE A 47 8.12 -2.76 -2.26
C ILE A 47 9.46 -2.28 -1.69
N ALA A 48 10.16 -1.42 -2.40
CA ALA A 48 11.50 -0.97 -1.91
C ALA A 48 11.36 -0.14 -0.62
N TRP A 49 10.51 0.85 -0.61
CA TRP A 49 10.37 1.68 0.62
C TRP A 49 9.46 0.96 1.63
N LEU A 50 8.37 0.43 1.17
CA LEU A 50 7.44 -0.26 2.10
C LEU A 50 8.16 -1.40 2.82
N GLU A 51 8.96 -2.15 2.11
CA GLU A 51 9.69 -3.28 2.76
C GLU A 51 10.81 -2.72 3.64
N ASP A 52 11.43 -1.65 3.22
CA ASP A 52 12.53 -1.07 4.04
C ASP A 52 12.02 -0.65 5.41
N ARG A 53 10.82 -0.12 5.47
CA ARG A 53 10.27 0.33 6.78
C ARG A 53 10.15 -0.84 7.76
N PHE A 54 9.78 -2.01 7.30
CA PHE A 54 9.64 -3.15 8.23
C PHE A 54 10.89 -4.04 8.16
N GLY A 55 11.74 -3.81 7.20
CA GLY A 55 12.96 -4.65 7.09
C GLY A 55 12.55 -6.05 6.66
N ILE A 56 11.53 -6.15 5.86
CA ILE A 56 11.07 -7.49 5.41
C ILE A 56 11.53 -7.75 3.97
N ALA A 57 11.78 -8.98 3.63
CA ALA A 57 12.22 -9.30 2.25
C ALA A 57 11.01 -9.67 1.39
N ALA A 58 10.77 -8.94 0.35
CA ALA A 58 9.61 -9.25 -0.54
C ALA A 58 9.83 -10.59 -1.23
N ASP A 59 11.07 -10.95 -1.46
CA ASP A 59 11.38 -12.24 -2.14
C ASP A 59 10.75 -13.41 -1.37
N ASP A 60 10.70 -13.32 -0.07
CA ASP A 60 10.11 -14.44 0.71
C ASP A 60 8.71 -14.75 0.20
N VAL A 61 7.96 -13.73 -0.14
CA VAL A 61 6.57 -13.94 -0.66
C VAL A 61 6.40 -13.22 -1.99
N GLU A 62 5.79 -13.85 -2.95
CA GLU A 62 5.59 -13.17 -4.27
C GLU A 62 4.32 -12.34 -4.20
N LEU A 63 4.40 -11.09 -4.57
CA LEU A 63 3.20 -10.22 -4.51
C LEU A 63 2.56 -10.12 -5.90
N SER A 64 1.25 -10.12 -5.95
CA SER A 64 0.55 -10.01 -7.26
C SER A 64 -0.01 -8.59 -7.37
N PRO A 65 -0.14 -8.09 -8.57
CA PRO A 65 -0.68 -6.71 -8.80
C PRO A 65 -2.04 -6.50 -8.12
N GLU A 66 -2.74 -7.58 -7.84
CA GLU A 66 -4.07 -7.46 -7.18
C GLU A 66 -3.89 -7.00 -5.75
N HIS A 67 -2.77 -7.33 -5.15
CA HIS A 67 -2.54 -6.92 -3.74
C HIS A 67 -2.44 -5.40 -3.67
N PHE A 68 -2.15 -4.77 -4.77
CA PHE A 68 -2.03 -3.29 -4.77
C PHE A 68 -3.36 -2.68 -5.24
N ARG A 69 -4.40 -3.46 -5.23
CA ARG A 69 -5.72 -2.97 -5.67
C ARG A 69 -6.11 -1.72 -4.87
N SER A 70 -5.75 -1.64 -3.62
CA SER A 70 -6.10 -0.43 -2.82
C SER A 70 -5.18 -0.30 -1.62
N ILE A 71 -5.09 0.88 -1.08
CA ILE A 71 -4.23 1.11 0.11
C ILE A 71 -4.70 0.19 1.23
N ARG A 72 -5.97 -0.06 1.30
CA ARG A 72 -6.52 -0.94 2.37
C ARG A 72 -5.84 -2.31 2.32
N SER A 73 -5.66 -2.85 1.15
CA SER A 73 -5.01 -4.18 1.04
C SER A 73 -3.53 -4.09 1.43
N ILE A 74 -2.89 -2.99 1.10
CA ILE A 74 -1.45 -2.85 1.45
C ILE A 74 -1.27 -2.80 2.96
N ASP A 75 -2.04 -1.99 3.63
CA ASP A 75 -1.91 -1.88 5.10
C ASP A 75 -2.18 -3.25 5.74
N ALA A 76 -3.20 -3.91 5.27
CA ALA A 76 -3.54 -5.25 5.84
C ALA A 76 -2.43 -6.26 5.52
N PHE A 77 -1.95 -6.25 4.31
CA PHE A 77 -0.87 -7.22 3.93
C PHE A 77 0.37 -6.96 4.78
N VAL A 78 0.75 -5.72 4.92
CA VAL A 78 1.95 -5.40 5.73
C VAL A 78 1.71 -5.77 7.19
N VAL A 79 0.58 -5.41 7.74
CA VAL A 79 0.28 -5.75 9.15
C VAL A 79 0.05 -7.26 9.28
N GLY A 80 -0.73 -7.81 8.40
CA GLY A 80 -1.02 -9.26 8.46
C GLY A 80 0.27 -10.07 8.22
N ALA A 81 1.18 -9.55 7.47
CA ALA A 81 2.44 -10.30 7.19
C ALA A 81 3.27 -10.44 8.47
N THR A 82 3.32 -9.41 9.28
CA THR A 82 4.12 -9.50 10.53
C THR A 82 3.28 -10.15 11.63
N THR A 83 2.00 -10.01 11.57
CA THR A 83 1.13 -10.62 12.61
C THR A 83 -0.05 -11.33 11.95
N PRO A 84 -0.59 -12.33 12.60
CA PRO A 84 -1.75 -13.10 12.07
C PRO A 84 -2.96 -12.20 11.82
N PRO A 85 -3.33 -11.95 10.59
CA PRO A 85 -4.49 -11.07 10.27
C PRO A 85 -5.85 -11.74 10.51
N VAL A 86 -6.83 -10.95 10.80
CA VAL A 86 -8.19 -11.51 11.03
C VAL A 86 -9.05 -11.25 9.79
N GLU A 87 -9.77 -12.24 9.32
CA GLU A 87 -10.59 -12.03 8.10
C GLU A 87 -9.77 -11.26 7.07
N ALA A 88 -8.77 -11.88 6.51
CA ALA A 88 -7.92 -11.17 5.50
C ALA A 88 -8.80 -10.52 4.44
N LYS A 89 -8.37 -9.41 3.91
CA LYS A 89 -9.16 -8.71 2.87
C LYS A 89 -9.43 -9.68 1.70
N LEU A 90 -10.42 -9.39 0.91
CA LEU A 90 -10.74 -10.29 -0.23
C LEU A 90 -9.47 -10.56 -1.04
N GLN A 91 -8.63 -9.57 -1.20
CA GLN A 91 -7.38 -9.77 -1.98
C GLN A 91 -6.26 -8.96 -1.35
N SER A 1 -12.84 -2.27 5.86
CA SER A 1 -12.18 -0.94 5.80
C SER A 1 -11.02 -0.92 6.80
N GLU A 2 -10.63 -2.05 7.31
CA GLU A 2 -9.51 -2.09 8.28
C GLU A 2 -8.25 -1.52 7.63
N MET A 3 -7.43 -0.86 8.40
CA MET A 3 -6.18 -0.27 7.83
C MET A 3 -5.39 0.42 8.94
N GLN A 4 -4.32 -0.17 9.37
CA GLN A 4 -3.50 0.45 10.45
C GLN A 4 -2.46 1.40 9.83
N HIS A 5 -2.43 2.62 10.29
CA HIS A 5 -1.44 3.60 9.74
C HIS A 5 -1.68 3.78 8.24
N ALA A 6 -2.90 3.76 7.80
CA ALA A 6 -3.18 3.93 6.35
C ALA A 6 -2.70 5.31 5.90
N SER A 7 -2.78 6.29 6.76
CA SER A 7 -2.32 7.66 6.38
C SER A 7 -0.87 7.63 5.94
N VAL A 8 -0.05 6.83 6.58
CA VAL A 8 1.38 6.76 6.18
C VAL A 8 1.50 6.24 4.75
N ILE A 9 0.78 5.19 4.45
CA ILE A 9 0.84 4.62 3.07
C ILE A 9 0.40 5.68 2.07
N ALA A 10 -0.63 6.41 2.39
CA ALA A 10 -1.12 7.46 1.47
C ALA A 10 -0.02 8.49 1.26
N GLN A 11 0.74 8.78 2.29
CA GLN A 11 1.83 9.77 2.15
C GLN A 11 2.89 9.28 1.15
N PHE A 12 3.24 8.03 1.21
CA PHE A 12 4.27 7.50 0.27
C PHE A 12 3.78 7.59 -1.18
N VAL A 13 2.61 7.09 -1.45
CA VAL A 13 2.10 7.14 -2.85
C VAL A 13 1.92 8.61 -3.27
N VAL A 14 1.42 9.44 -2.39
CA VAL A 14 1.24 10.87 -2.75
C VAL A 14 2.61 11.49 -3.03
N GLU A 15 3.58 11.25 -2.18
CA GLU A 15 4.94 11.83 -2.39
C GLU A 15 5.61 11.13 -3.57
N GLU A 16 5.23 9.92 -3.84
CA GLU A 16 5.86 9.17 -4.96
C GLU A 16 5.55 9.84 -6.30
N PHE A 17 4.42 10.49 -6.43
CA PHE A 17 4.09 11.13 -7.73
C PHE A 17 3.52 12.54 -7.51
N LEU A 18 2.65 12.71 -6.55
CA LEU A 18 2.06 14.06 -6.31
C LEU A 18 2.40 14.56 -4.90
N PRO A 19 3.59 15.07 -4.70
CA PRO A 19 4.02 15.58 -3.38
C PRO A 19 3.39 16.94 -3.05
N ASP A 20 2.82 17.59 -4.03
CA ASP A 20 2.19 18.92 -3.78
C ASP A 20 0.72 18.72 -3.39
N VAL A 21 0.30 17.50 -3.19
CA VAL A 21 -1.12 17.25 -2.81
C VAL A 21 -1.18 16.72 -1.37
N ALA A 22 -2.08 17.22 -0.58
CA ALA A 22 -2.19 16.76 0.83
C ALA A 22 -2.81 15.35 0.85
N PRO A 23 -2.11 14.36 1.33
CA PRO A 23 -2.65 12.97 1.39
C PRO A 23 -4.02 12.90 2.07
N ALA A 24 -4.31 13.85 2.92
CA ALA A 24 -5.63 13.85 3.62
C ALA A 24 -6.75 14.05 2.59
N ASP A 25 -6.44 14.64 1.46
CA ASP A 25 -7.50 14.88 0.44
C ASP A 25 -7.67 13.63 -0.43
N VAL A 26 -7.02 12.55 -0.08
CA VAL A 26 -7.16 11.30 -0.89
C VAL A 26 -8.07 10.31 -0.17
N ASP A 27 -9.02 9.76 -0.86
CA ASP A 27 -9.93 8.79 -0.19
C ASP A 27 -9.34 7.39 -0.33
N VAL A 28 -9.07 6.73 0.76
CA VAL A 28 -8.49 5.36 0.68
C VAL A 28 -9.62 4.37 0.37
N ASP A 29 -10.81 4.87 0.17
CA ASP A 29 -11.96 3.96 -0.14
C ASP A 29 -11.95 3.66 -1.64
N LEU A 30 -11.31 4.49 -2.41
CA LEU A 30 -11.26 4.27 -3.88
C LEU A 30 -10.06 3.38 -4.20
N ASP A 31 -10.22 2.43 -5.07
CA ASP A 31 -9.08 1.54 -5.40
C ASP A 31 -7.92 2.37 -5.90
N LEU A 32 -6.73 2.06 -5.44
CA LEU A 32 -5.53 2.82 -5.84
C LEU A 32 -5.25 2.63 -7.33
N VAL A 33 -5.46 1.45 -7.83
CA VAL A 33 -5.19 1.18 -9.27
C VAL A 33 -6.10 2.04 -10.15
N ASP A 34 -7.31 2.27 -9.74
CA ASP A 34 -8.22 3.10 -10.56
C ASP A 34 -7.50 4.42 -10.89
N ASN A 35 -6.71 4.88 -9.97
CA ASN A 35 -5.96 6.16 -10.19
C ASN A 35 -4.87 5.92 -11.23
N GLY A 36 -4.28 4.77 -11.24
CA GLY A 36 -3.18 4.48 -12.21
C GLY A 36 -1.86 5.01 -11.65
N VAL A 37 -1.87 5.46 -10.42
CA VAL A 37 -0.63 5.99 -9.82
C VAL A 37 0.41 4.86 -9.75
N ILE A 38 -0.03 3.65 -9.53
CA ILE A 38 0.92 2.51 -9.46
C ILE A 38 1.30 2.06 -10.86
N ASP A 39 2.52 2.27 -11.25
CA ASP A 39 2.98 1.87 -12.59
C ASP A 39 4.00 0.73 -12.45
N ALA A 40 4.73 0.43 -13.49
CA ALA A 40 5.74 -0.66 -13.40
C ALA A 40 6.82 -0.23 -12.42
N LEU A 41 7.41 0.91 -12.63
CA LEU A 41 8.45 1.40 -11.70
C LEU A 41 7.75 1.79 -10.40
N GLY A 42 6.55 2.27 -10.53
CA GLY A 42 5.77 2.66 -9.33
C GLY A 42 5.62 1.44 -8.43
N LEU A 43 5.35 0.31 -9.02
CA LEU A 43 5.20 -0.93 -8.22
C LEU A 43 6.55 -1.28 -7.57
N LEU A 44 7.62 -1.13 -8.31
CA LEU A 44 8.96 -1.45 -7.74
C LEU A 44 9.23 -0.54 -6.54
N LYS A 45 8.96 0.73 -6.70
CA LYS A 45 9.21 1.68 -5.57
C LYS A 45 8.36 1.27 -4.37
N VAL A 46 7.17 0.77 -4.60
CA VAL A 46 6.30 0.36 -3.48
C VAL A 46 6.96 -0.78 -2.70
N ILE A 47 7.48 -1.74 -3.40
CA ILE A 47 8.14 -2.89 -2.73
C ILE A 47 9.44 -2.47 -2.03
N ALA A 48 10.20 -1.60 -2.62
CA ALA A 48 11.49 -1.21 -1.99
C ALA A 48 11.29 -0.42 -0.69
N TRP A 49 10.47 0.59 -0.69
CA TRP A 49 10.28 1.39 0.56
C TRP A 49 9.36 0.66 1.53
N LEU A 50 8.27 0.14 1.05
CA LEU A 50 7.32 -0.57 1.97
C LEU A 50 8.03 -1.73 2.66
N GLU A 51 8.79 -2.50 1.93
CA GLU A 51 9.49 -3.66 2.56
C GLU A 51 10.60 -3.15 3.48
N ASP A 52 11.25 -2.08 3.10
CA ASP A 52 12.37 -1.53 3.93
C ASP A 52 11.87 -1.10 5.31
N ARG A 53 10.70 -0.52 5.39
CA ARG A 53 10.19 -0.04 6.71
C ARG A 53 10.07 -1.19 7.71
N PHE A 54 9.66 -2.35 7.29
CA PHE A 54 9.52 -3.46 8.26
C PHE A 54 10.81 -4.27 8.35
N GLY A 55 11.80 -3.91 7.56
CA GLY A 55 13.08 -4.66 7.62
C GLY A 55 12.90 -6.01 6.94
N ILE A 56 12.02 -6.09 6.00
CA ILE A 56 11.76 -7.38 5.30
C ILE A 56 12.21 -7.27 3.84
N ALA A 57 12.56 -8.37 3.24
CA ALA A 57 13.01 -8.33 1.82
C ALA A 57 11.87 -8.81 0.91
N ALA A 58 11.67 -8.15 -0.20
CA ALA A 58 10.58 -8.57 -1.13
C ALA A 58 10.86 -9.96 -1.67
N ASP A 59 12.12 -10.32 -1.80
CA ASP A 59 12.45 -11.67 -2.35
C ASP A 59 11.78 -12.74 -1.49
N ASP A 60 11.68 -12.53 -0.21
CA ASP A 60 11.04 -13.55 0.67
C ASP A 60 9.61 -13.83 0.20
N VAL A 61 8.90 -12.82 -0.20
CA VAL A 61 7.50 -13.05 -0.68
C VAL A 61 7.24 -12.23 -1.95
N GLU A 62 6.51 -12.78 -2.88
CA GLU A 62 6.23 -12.03 -4.14
C GLU A 62 4.81 -11.44 -4.08
N LEU A 63 4.65 -10.22 -4.49
CA LEU A 63 3.31 -9.59 -4.46
C LEU A 63 2.71 -9.57 -5.87
N SER A 64 1.42 -9.75 -5.98
CA SER A 64 0.77 -9.73 -7.31
C SER A 64 0.07 -8.39 -7.50
N PRO A 65 -0.09 -7.95 -8.72
CA PRO A 65 -0.77 -6.66 -9.02
C PRO A 65 -2.16 -6.57 -8.37
N GLU A 66 -2.76 -7.71 -8.10
CA GLU A 66 -4.10 -7.71 -7.47
C GLU A 66 -3.98 -7.25 -6.02
N HIS A 67 -2.85 -7.49 -5.42
CA HIS A 67 -2.67 -7.07 -4.01
C HIS A 67 -2.69 -5.55 -3.93
N PHE A 68 -2.46 -4.91 -5.04
CA PHE A 68 -2.46 -3.42 -5.04
C PHE A 68 -3.86 -2.93 -5.40
N ARG A 69 -4.82 -3.81 -5.33
CA ARG A 69 -6.23 -3.44 -5.65
C ARG A 69 -6.60 -2.15 -4.92
N SER A 70 -6.15 -1.98 -3.72
CA SER A 70 -6.49 -0.74 -2.97
C SER A 70 -5.48 -0.50 -1.85
N ILE A 71 -5.33 0.72 -1.43
CA ILE A 71 -4.38 1.02 -0.32
C ILE A 71 -4.80 0.22 0.91
N ARG A 72 -6.08 0.04 1.08
CA ARG A 72 -6.58 -0.73 2.26
C ARG A 72 -5.96 -2.13 2.25
N SER A 73 -5.91 -2.76 1.11
CA SER A 73 -5.32 -4.12 1.03
C SER A 73 -3.83 -4.06 1.36
N ILE A 74 -3.15 -3.05 0.88
CA ILE A 74 -1.70 -2.93 1.17
C ILE A 74 -1.45 -2.83 2.66
N ASP A 75 -2.19 -2.00 3.35
CA ASP A 75 -2.00 -1.86 4.82
C ASP A 75 -2.23 -3.21 5.49
N ALA A 76 -3.26 -3.91 5.07
CA ALA A 76 -3.57 -5.22 5.69
C ALA A 76 -2.48 -6.24 5.34
N PHE A 77 -2.03 -6.24 4.12
CA PHE A 77 -0.97 -7.22 3.73
C PHE A 77 0.29 -6.97 4.56
N VAL A 78 0.70 -5.73 4.69
CA VAL A 78 1.91 -5.43 5.48
C VAL A 78 1.67 -5.73 6.96
N VAL A 79 0.58 -5.27 7.51
CA VAL A 79 0.29 -5.54 8.94
C VAL A 79 -0.04 -7.03 9.13
N GLY A 80 -0.83 -7.57 8.24
CA GLY A 80 -1.22 -9.00 8.34
C GLY A 80 0.02 -9.90 8.26
N ALA A 81 1.00 -9.50 7.50
CA ALA A 81 2.22 -10.34 7.35
C ALA A 81 3.02 -10.40 8.65
N THR A 82 3.15 -9.29 9.34
CA THR A 82 3.91 -9.30 10.61
C THR A 82 3.03 -9.79 11.75
N THR A 83 1.77 -9.50 11.68
CA THR A 83 0.84 -9.92 12.76
C THR A 83 -0.41 -10.55 12.14
N PRO A 84 -1.07 -11.42 12.86
CA PRO A 84 -2.31 -12.08 12.37
C PRO A 84 -3.44 -11.04 12.16
N PRO A 85 -3.89 -10.85 10.93
CA PRO A 85 -4.95 -9.85 10.64
C PRO A 85 -6.34 -10.32 11.09
N VAL A 86 -7.19 -9.38 11.43
CA VAL A 86 -8.57 -9.74 11.85
C VAL A 86 -9.52 -9.44 10.70
N GLU A 87 -10.46 -10.30 10.44
CA GLU A 87 -11.42 -10.06 9.33
C GLU A 87 -10.64 -9.52 8.12
N ALA A 88 -9.77 -10.30 7.55
CA ALA A 88 -8.98 -9.83 6.38
C ALA A 88 -9.90 -9.13 5.39
N LYS A 89 -9.38 -8.20 4.63
CA LYS A 89 -10.22 -7.47 3.64
C LYS A 89 -10.89 -8.48 2.71
N LEU A 90 -10.22 -9.56 2.40
CA LEU A 90 -10.83 -10.57 1.49
C LEU A 90 -11.59 -11.60 2.33
N GLN A 91 -12.72 -12.06 1.85
CA GLN A 91 -13.50 -13.07 2.62
C GLN A 91 -14.17 -14.04 1.65
N SER A 1 -5.26 -4.92 16.36
CA SER A 1 -4.60 -3.70 15.82
C SER A 1 -4.82 -3.62 14.31
N GLU A 2 -5.65 -2.72 13.88
CA GLU A 2 -5.91 -2.60 12.41
C GLU A 2 -5.13 -1.40 11.86
N MET A 3 -4.48 -1.57 10.74
CA MET A 3 -3.69 -0.44 10.15
C MET A 3 -2.97 0.31 11.26
N GLN A 4 -1.77 -0.13 11.57
CA GLN A 4 -0.99 0.54 12.66
C GLN A 4 -0.80 2.02 12.30
N HIS A 5 -0.66 2.33 11.05
CA HIS A 5 -0.46 3.75 10.64
C HIS A 5 -0.88 3.93 9.19
N ALA A 6 -2.13 3.65 8.88
CA ALA A 6 -2.59 3.81 7.47
C ALA A 6 -2.46 5.27 7.04
N SER A 7 -2.68 6.18 7.95
CA SER A 7 -2.58 7.63 7.59
C SER A 7 -1.18 7.94 7.08
N VAL A 8 -0.17 7.36 7.67
CA VAL A 8 1.22 7.63 7.21
C VAL A 8 1.42 7.06 5.81
N ILE A 9 0.99 5.84 5.59
CA ILE A 9 1.16 5.23 4.24
C ILE A 9 0.43 6.07 3.19
N ALA A 10 -0.81 6.39 3.44
CA ALA A 10 -1.59 7.20 2.45
C ALA A 10 -0.97 8.59 2.29
N GLN A 11 -0.56 9.21 3.36
CA GLN A 11 0.02 10.59 3.25
C GLN A 11 1.38 10.55 2.56
N PHE A 12 2.25 9.67 2.97
CA PHE A 12 3.60 9.61 2.35
C PHE A 12 3.51 9.04 0.92
N VAL A 13 2.76 8.00 0.73
CA VAL A 13 2.67 7.41 -0.63
C VAL A 13 2.10 8.41 -1.64
N VAL A 14 1.03 9.08 -1.31
CA VAL A 14 0.46 10.06 -2.27
C VAL A 14 1.45 11.20 -2.51
N GLU A 15 2.13 11.63 -1.48
CA GLU A 15 3.11 12.74 -1.68
C GLU A 15 4.27 12.28 -2.57
N GLU A 16 4.67 11.05 -2.44
CA GLU A 16 5.79 10.54 -3.28
C GLU A 16 5.37 10.51 -4.75
N PHE A 17 4.18 10.07 -5.04
CA PHE A 17 3.73 10.02 -6.47
C PHE A 17 3.02 11.31 -6.85
N LEU A 18 2.15 11.80 -6.00
CA LEU A 18 1.40 13.05 -6.34
C LEU A 18 1.64 14.11 -5.25
N PRO A 19 2.76 14.80 -5.30
CA PRO A 19 3.08 15.85 -4.31
C PRO A 19 2.20 17.10 -4.46
N ASP A 20 1.53 17.22 -5.58
CA ASP A 20 0.66 18.41 -5.79
C ASP A 20 -0.79 18.08 -5.42
N VAL A 21 -1.02 16.95 -4.81
CA VAL A 21 -2.42 16.59 -4.44
C VAL A 21 -2.55 16.53 -2.91
N ALA A 22 -3.60 17.09 -2.38
CA ALA A 22 -3.79 17.07 -0.90
C ALA A 22 -4.23 15.65 -0.47
N PRO A 23 -3.46 14.98 0.36
CA PRO A 23 -3.83 13.61 0.82
C PRO A 23 -5.26 13.56 1.38
N ALA A 24 -5.68 14.58 2.05
CA ALA A 24 -7.06 14.59 2.60
C ALA A 24 -8.06 14.63 1.44
N ASP A 25 -7.63 15.10 0.30
CA ASP A 25 -8.55 15.17 -0.87
C ASP A 25 -8.50 13.86 -1.64
N VAL A 26 -7.83 12.87 -1.12
CA VAL A 26 -7.76 11.56 -1.83
C VAL A 26 -8.63 10.53 -1.12
N ASP A 27 -9.50 9.88 -1.82
CA ASP A 27 -10.37 8.86 -1.16
C ASP A 27 -9.66 7.50 -1.20
N VAL A 28 -9.39 6.92 -0.07
CA VAL A 28 -8.72 5.60 -0.07
C VAL A 28 -9.77 4.52 -0.37
N ASP A 29 -10.97 4.92 -0.63
CA ASP A 29 -12.04 3.94 -0.96
C ASP A 29 -11.96 3.57 -2.44
N LEU A 30 -11.31 4.39 -3.22
CA LEU A 30 -11.19 4.11 -4.67
C LEU A 30 -9.94 3.28 -4.90
N ASP A 31 -10.01 2.29 -5.75
CA ASP A 31 -8.82 1.44 -6.00
C ASP A 31 -7.68 2.31 -6.51
N LEU A 32 -6.51 2.07 -6.01
CA LEU A 32 -5.32 2.86 -6.43
C LEU A 32 -4.99 2.60 -7.89
N VAL A 33 -5.13 1.38 -8.34
CA VAL A 33 -4.81 1.05 -9.75
C VAL A 33 -5.73 1.83 -10.70
N ASP A 34 -6.95 2.04 -10.32
CA ASP A 34 -7.87 2.79 -11.22
C ASP A 34 -7.18 4.10 -11.61
N ASN A 35 -6.42 4.65 -10.71
CA ASN A 35 -5.70 5.92 -11.01
C ASN A 35 -4.57 5.67 -12.00
N GLY A 36 -3.95 4.52 -11.91
CA GLY A 36 -2.83 4.22 -12.84
C GLY A 36 -1.53 4.80 -12.28
N VAL A 37 -1.59 5.31 -11.08
CA VAL A 37 -0.36 5.88 -10.46
C VAL A 37 0.69 4.78 -10.30
N ILE A 38 0.26 3.57 -10.05
CA ILE A 38 1.24 2.46 -9.89
C ILE A 38 1.62 1.91 -11.27
N ASP A 39 2.86 2.08 -11.64
CA ASP A 39 3.33 1.57 -12.95
C ASP A 39 4.42 0.54 -12.72
N ALA A 40 5.25 0.29 -13.71
CA ALA A 40 6.34 -0.70 -13.53
C ALA A 40 7.30 -0.18 -12.47
N LEU A 41 7.79 1.01 -12.64
CA LEU A 41 8.70 1.61 -11.63
C LEU A 41 7.88 1.88 -10.38
N GLY A 42 6.62 2.21 -10.58
CA GLY A 42 5.73 2.48 -9.43
C GLY A 42 5.68 1.25 -8.52
N LEU A 43 5.52 0.10 -9.11
CA LEU A 43 5.47 -1.14 -8.30
C LEU A 43 6.83 -1.34 -7.63
N LEU A 44 7.89 -1.04 -8.34
CA LEU A 44 9.24 -1.20 -7.75
C LEU A 44 9.35 -0.32 -6.51
N LYS A 45 8.91 0.90 -6.62
CA LYS A 45 8.97 1.82 -5.45
C LYS A 45 8.16 1.24 -4.30
N VAL A 46 7.07 0.59 -4.59
CA VAL A 46 6.23 0.00 -3.51
C VAL A 46 7.06 -1.01 -2.72
N ILE A 47 7.75 -1.87 -3.40
CA ILE A 47 8.58 -2.89 -2.70
C ILE A 47 9.77 -2.23 -1.98
N ALA A 48 10.30 -1.17 -2.52
CA ALA A 48 11.48 -0.51 -1.88
C ALA A 48 11.09 0.12 -0.53
N TRP A 49 10.04 0.88 -0.49
CA TRP A 49 9.66 1.52 0.82
C TRP A 49 8.91 0.51 1.67
N LEU A 50 8.03 -0.24 1.08
CA LEU A 50 7.26 -1.23 1.86
C LEU A 50 8.20 -2.23 2.54
N GLU A 51 9.22 -2.67 1.85
CA GLU A 51 10.16 -3.64 2.46
C GLU A 51 11.04 -2.92 3.49
N ASP A 52 11.41 -1.70 3.21
CA ASP A 52 12.28 -0.94 4.15
C ASP A 52 11.61 -0.81 5.53
N ARG A 53 10.33 -0.60 5.55
CA ARG A 53 9.63 -0.44 6.86
C ARG A 53 9.75 -1.69 7.72
N PHE A 54 9.64 -2.86 7.16
CA PHE A 54 9.75 -4.09 7.98
C PHE A 54 11.09 -4.78 7.73
N GLY A 55 11.80 -4.38 6.71
CA GLY A 55 13.11 -5.01 6.43
C GLY A 55 12.88 -6.42 5.92
N ILE A 56 11.79 -6.65 5.26
CA ILE A 56 11.52 -8.02 4.74
C ILE A 56 11.93 -8.11 3.26
N ALA A 57 12.69 -9.11 2.92
CA ALA A 57 13.13 -9.25 1.50
C ALA A 57 11.92 -9.58 0.62
N ALA A 58 11.81 -8.93 -0.50
CA ALA A 58 10.65 -9.20 -1.40
C ALA A 58 10.76 -10.62 -1.95
N ASP A 59 11.96 -11.11 -2.12
CA ASP A 59 12.12 -12.50 -2.66
C ASP A 59 11.39 -13.50 -1.76
N ASP A 60 11.40 -13.28 -0.48
CA ASP A 60 10.70 -14.23 0.44
C ASP A 60 9.25 -14.37 0.04
N VAL A 61 8.61 -13.29 -0.35
CA VAL A 61 7.18 -13.37 -0.76
C VAL A 61 7.00 -12.68 -2.11
N GLU A 62 6.28 -13.29 -3.01
CA GLU A 62 6.08 -12.66 -4.35
C GLU A 62 4.80 -11.82 -4.32
N LEU A 63 4.87 -10.60 -4.77
CA LEU A 63 3.66 -9.73 -4.76
C LEU A 63 3.00 -9.75 -6.14
N SER A 64 1.70 -9.81 -6.19
CA SER A 64 0.98 -9.82 -7.49
C SER A 64 0.26 -8.49 -7.67
N PRO A 65 -0.03 -8.12 -8.89
CA PRO A 65 -0.74 -6.85 -9.19
C PRO A 65 -2.03 -6.72 -8.38
N GLU A 66 -2.59 -7.81 -7.94
CA GLU A 66 -3.84 -7.77 -7.16
C GLU A 66 -3.55 -7.18 -5.78
N HIS A 67 -2.35 -7.34 -5.30
CA HIS A 67 -2.00 -6.78 -3.96
C HIS A 67 -2.07 -5.27 -4.02
N PHE A 68 -2.01 -4.72 -5.19
CA PHE A 68 -2.07 -3.24 -5.33
C PHE A 68 -3.50 -2.85 -5.71
N ARG A 69 -4.43 -3.75 -5.51
CA ARG A 69 -5.84 -3.47 -5.84
C ARG A 69 -6.27 -2.13 -5.22
N SER A 70 -5.82 -1.85 -4.03
CA SER A 70 -6.21 -0.56 -3.39
C SER A 70 -5.25 -0.23 -2.25
N ILE A 71 -5.16 1.02 -1.89
CA ILE A 71 -4.26 1.42 -0.79
C ILE A 71 -4.68 0.65 0.47
N ARG A 72 -5.95 0.42 0.62
CA ARG A 72 -6.45 -0.31 1.80
C ARG A 72 -5.78 -1.69 1.87
N SER A 73 -5.65 -2.34 0.75
CA SER A 73 -5.01 -3.68 0.73
C SER A 73 -3.51 -3.54 1.00
N ILE A 74 -2.90 -2.51 0.50
CA ILE A 74 -1.43 -2.34 0.72
C ILE A 74 -1.16 -2.18 2.22
N ASP A 75 -1.86 -1.29 2.87
CA ASP A 75 -1.63 -1.10 4.32
C ASP A 75 -2.01 -2.39 5.05
N ALA A 76 -3.10 -2.99 4.66
CA ALA A 76 -3.54 -4.26 5.31
C ALA A 76 -2.55 -5.38 4.98
N PHE A 77 -2.04 -5.40 3.79
CA PHE A 77 -1.08 -6.48 3.41
C PHE A 77 0.13 -6.45 4.35
N VAL A 78 0.69 -5.30 4.58
CA VAL A 78 1.88 -5.22 5.48
C VAL A 78 1.47 -5.53 6.92
N VAL A 79 0.43 -4.93 7.41
CA VAL A 79 -0.02 -5.18 8.80
C VAL A 79 -0.59 -6.60 8.90
N GLY A 80 -1.41 -6.98 7.97
CA GLY A 80 -2.01 -8.35 8.01
C GLY A 80 -0.91 -9.42 7.94
N ALA A 81 0.09 -9.19 7.14
CA ALA A 81 1.18 -10.20 7.03
C ALA A 81 1.97 -10.29 8.34
N THR A 82 2.24 -9.18 8.96
CA THR A 82 3.01 -9.22 10.24
C THR A 82 2.07 -9.53 11.40
N THR A 83 0.84 -9.13 11.28
CA THR A 83 -0.13 -9.38 12.39
C THR A 83 -1.43 -9.95 11.80
N PRO A 84 -2.16 -10.70 12.58
CA PRO A 84 -3.46 -11.29 12.13
C PRO A 84 -4.53 -10.21 11.92
N PRO A 85 -4.95 -9.98 10.70
CA PRO A 85 -5.98 -8.95 10.40
C PRO A 85 -7.39 -9.39 10.77
N VAL A 86 -8.24 -8.45 11.06
CA VAL A 86 -9.65 -8.80 11.42
C VAL A 86 -10.54 -8.52 10.22
N GLU A 87 -11.50 -9.38 9.96
CA GLU A 87 -12.39 -9.15 8.79
C GLU A 87 -11.54 -8.72 7.59
N ALA A 88 -10.75 -9.62 7.07
CA ALA A 88 -9.89 -9.27 5.91
C ALA A 88 -10.72 -8.54 4.84
N LYS A 89 -10.10 -7.69 4.08
CA LYS A 89 -10.84 -6.93 3.03
C LYS A 89 -11.55 -7.92 2.10
N LEU A 90 -10.94 -9.04 1.83
CA LEU A 90 -11.58 -10.04 0.94
C LEU A 90 -12.40 -11.03 1.78
N GLN A 91 -13.55 -11.43 1.29
CA GLN A 91 -14.38 -12.39 2.06
C GLN A 91 -13.98 -13.83 1.70
N SER A 1 -5.41 6.73 12.09
CA SER A 1 -5.46 5.79 10.93
C SER A 1 -6.65 4.86 11.08
N GLU A 2 -7.50 4.79 10.09
CA GLU A 2 -8.69 3.90 10.18
C GLU A 2 -8.22 2.46 10.40
N MET A 3 -7.12 2.08 9.81
CA MET A 3 -6.60 0.70 10.00
C MET A 3 -5.31 0.75 10.80
N GLN A 4 -4.25 0.25 10.24
CA GLN A 4 -2.94 0.28 10.94
C GLN A 4 -2.00 1.19 10.15
N HIS A 5 -1.65 2.32 10.69
CA HIS A 5 -0.76 3.24 9.92
C HIS A 5 -1.33 3.36 8.50
N ALA A 6 -2.62 3.23 8.37
CA ALA A 6 -3.25 3.33 7.02
C ALA A 6 -2.94 4.69 6.40
N SER A 7 -3.01 5.74 7.19
CA SER A 7 -2.72 7.09 6.64
C SER A 7 -1.27 7.17 6.18
N VAL A 8 -0.39 6.44 6.82
CA VAL A 8 1.03 6.47 6.41
C VAL A 8 1.19 5.89 5.01
N ILE A 9 0.54 4.79 4.76
CA ILE A 9 0.63 4.17 3.41
C ILE A 9 0.11 5.15 2.37
N ALA A 10 -1.00 5.79 2.66
CA ALA A 10 -1.58 6.76 1.70
C ALA A 10 -0.57 7.88 1.44
N GLN A 11 0.17 8.26 2.45
CA GLN A 11 1.17 9.35 2.25
C GLN A 11 2.27 8.89 1.29
N PHE A 12 2.72 7.67 1.39
CA PHE A 12 3.79 7.19 0.47
C PHE A 12 3.31 7.21 -0.98
N VAL A 13 2.17 6.65 -1.25
CA VAL A 13 1.67 6.64 -2.65
C VAL A 13 1.41 8.08 -3.11
N VAL A 14 0.85 8.89 -2.27
CA VAL A 14 0.59 10.30 -2.66
C VAL A 14 1.93 11.00 -2.91
N GLU A 15 2.87 10.85 -2.02
CA GLU A 15 4.19 11.51 -2.19
C GLU A 15 4.96 10.85 -3.34
N GLU A 16 4.71 9.59 -3.58
CA GLU A 16 5.44 8.88 -4.67
C GLU A 16 5.08 9.47 -6.03
N PHE A 17 3.89 10.00 -6.19
CA PHE A 17 3.51 10.57 -7.51
C PHE A 17 2.86 11.95 -7.35
N LEU A 18 1.95 12.10 -6.42
CA LEU A 18 1.28 13.43 -6.25
C LEU A 18 1.57 13.99 -4.86
N PRO A 19 2.73 14.57 -4.66
CA PRO A 19 3.13 15.17 -3.36
C PRO A 19 2.48 16.53 -3.12
N ASP A 20 1.88 17.11 -4.12
CA ASP A 20 1.23 18.44 -3.94
C ASP A 20 -0.22 18.26 -3.52
N VAL A 21 -0.63 17.06 -3.22
CA VAL A 21 -2.05 16.83 -2.80
C VAL A 21 -2.07 16.24 -1.39
N ALA A 22 -2.95 16.73 -0.55
CA ALA A 22 -3.03 16.21 0.85
C ALA A 22 -3.64 14.80 0.83
N PRO A 23 -2.93 13.80 1.31
CA PRO A 23 -3.46 12.40 1.33
C PRO A 23 -4.85 12.33 1.98
N ALA A 24 -5.14 13.23 2.88
CA ALA A 24 -6.48 13.21 3.53
C ALA A 24 -7.56 13.47 2.50
N ASP A 25 -7.23 14.14 1.42
CA ASP A 25 -8.24 14.45 0.38
C ASP A 25 -8.40 13.23 -0.54
N VAL A 26 -7.75 12.14 -0.22
CA VAL A 26 -7.86 10.93 -1.09
C VAL A 26 -8.70 9.86 -0.37
N ASP A 27 -9.65 9.29 -1.05
CA ASP A 27 -10.48 8.24 -0.40
C ASP A 27 -9.81 6.88 -0.60
N VAL A 28 -9.48 6.21 0.47
CA VAL A 28 -8.83 4.87 0.32
C VAL A 28 -9.90 3.84 -0.03
N ASP A 29 -11.13 4.28 -0.19
CA ASP A 29 -12.22 3.34 -0.56
C ASP A 29 -12.13 3.06 -2.05
N LEU A 30 -11.63 3.99 -2.81
CA LEU A 30 -11.51 3.79 -4.28
C LEU A 30 -10.23 3.01 -4.55
N ASP A 31 -10.27 2.08 -5.45
CA ASP A 31 -9.04 1.29 -5.74
C ASP A 31 -7.90 2.23 -6.11
N LEU A 32 -6.76 2.04 -5.53
CA LEU A 32 -5.59 2.90 -5.82
C LEU A 32 -5.15 2.73 -7.28
N VAL A 33 -5.22 1.55 -7.79
CA VAL A 33 -4.78 1.33 -9.21
C VAL A 33 -5.66 2.12 -10.17
N ASP A 34 -6.92 2.26 -9.88
CA ASP A 34 -7.80 3.03 -10.79
C ASP A 34 -7.16 4.39 -11.05
N ASN A 35 -6.48 4.91 -10.06
CA ASN A 35 -5.82 6.22 -10.22
C ASN A 35 -4.61 6.09 -11.15
N GLY A 36 -3.94 4.97 -11.12
CA GLY A 36 -2.75 4.79 -12.00
C GLY A 36 -1.50 5.25 -11.25
N VAL A 37 -1.67 5.63 -10.01
CA VAL A 37 -0.50 6.08 -9.21
C VAL A 37 0.49 4.92 -9.11
N ILE A 38 0.00 3.71 -9.15
CA ILE A 38 0.90 2.54 -9.05
C ILE A 38 1.25 2.04 -10.45
N ASP A 39 2.49 1.75 -10.69
CA ASP A 39 2.91 1.26 -12.03
C ASP A 39 3.93 0.14 -11.85
N ALA A 40 4.57 -0.28 -12.91
CA ALA A 40 5.57 -1.37 -12.80
C ALA A 40 6.70 -0.89 -11.89
N LEU A 41 7.29 0.23 -12.20
CA LEU A 41 8.36 0.77 -11.34
C LEU A 41 7.71 1.23 -10.04
N GLY A 42 6.49 1.69 -10.13
CA GLY A 42 5.77 2.15 -8.92
C GLY A 42 5.65 0.98 -7.94
N LEU A 43 5.32 -0.17 -8.43
CA LEU A 43 5.20 -1.35 -7.53
C LEU A 43 6.58 -1.69 -6.97
N LEU A 44 7.59 -1.60 -7.78
CA LEU A 44 8.96 -1.91 -7.29
C LEU A 44 9.30 -0.96 -6.14
N LYS A 45 9.03 0.30 -6.32
CA LYS A 45 9.33 1.27 -5.25
C LYS A 45 8.52 0.92 -4.00
N VAL A 46 7.33 0.43 -4.17
CA VAL A 46 6.50 0.06 -2.99
C VAL A 46 7.24 -0.98 -2.16
N ILE A 47 7.82 -1.95 -2.81
CA ILE A 47 8.55 -3.01 -2.05
C ILE A 47 9.79 -2.43 -1.36
N ALA A 48 10.48 -1.54 -2.00
CA ALA A 48 11.73 -0.97 -1.39
C ALA A 48 11.42 -0.18 -0.12
N TRP A 49 10.49 0.74 -0.17
CA TRP A 49 10.19 1.53 1.05
C TRP A 49 9.29 0.73 2.00
N LEU A 50 8.28 0.09 1.47
CA LEU A 50 7.36 -0.68 2.34
C LEU A 50 8.14 -1.76 3.10
N GLU A 51 9.05 -2.43 2.45
CA GLU A 51 9.83 -3.49 3.15
C GLU A 51 10.82 -2.84 4.12
N ASP A 52 11.39 -1.73 3.74
CA ASP A 52 12.37 -1.05 4.64
C ASP A 52 11.70 -0.65 5.96
N ARG A 53 10.47 -0.21 5.90
CA ARG A 53 9.76 0.22 7.14
C ARG A 53 9.63 -0.93 8.14
N PHE A 54 9.40 -2.13 7.68
CA PHE A 54 9.24 -3.27 8.63
C PHE A 54 10.56 -4.02 8.78
N GLY A 55 11.54 -3.69 7.98
CA GLY A 55 12.84 -4.40 8.09
C GLY A 55 12.68 -5.82 7.58
N ILE A 56 11.81 -6.01 6.63
CA ILE A 56 11.58 -7.38 6.10
C ILE A 56 12.15 -7.48 4.68
N ALA A 57 12.53 -8.66 4.27
CA ALA A 57 13.11 -8.83 2.90
C ALA A 57 12.05 -9.46 1.98
N ALA A 58 12.17 -9.25 0.70
CA ALA A 58 11.18 -9.83 -0.23
C ALA A 58 11.18 -11.36 -0.09
N ASP A 59 12.27 -11.92 0.35
CA ASP A 59 12.35 -13.39 0.52
C ASP A 59 12.09 -14.06 -0.82
N ASP A 60 12.58 -13.49 -1.88
CA ASP A 60 12.37 -14.08 -3.23
C ASP A 60 10.89 -14.31 -3.48
N VAL A 61 10.06 -13.35 -3.18
CA VAL A 61 8.59 -13.50 -3.42
C VAL A 61 8.12 -12.39 -4.35
N GLU A 62 7.34 -12.73 -5.35
CA GLU A 62 6.87 -11.69 -6.30
C GLU A 62 5.41 -11.33 -5.97
N LEU A 63 5.12 -10.07 -5.87
CA LEU A 63 3.73 -9.64 -5.56
C LEU A 63 3.03 -9.23 -6.86
N SER A 64 1.76 -9.51 -6.97
CA SER A 64 1.04 -9.13 -8.21
C SER A 64 0.45 -7.73 -8.02
N PRO A 65 0.35 -6.97 -9.07
CA PRO A 65 -0.19 -5.58 -8.99
C PRO A 65 -1.62 -5.56 -8.41
N GLU A 66 -2.29 -6.68 -8.45
CA GLU A 66 -3.68 -6.74 -7.91
C GLU A 66 -3.64 -6.55 -6.41
N HIS A 67 -2.58 -6.98 -5.78
CA HIS A 67 -2.49 -6.81 -4.31
C HIS A 67 -2.41 -5.33 -3.99
N PHE A 68 -2.04 -4.55 -4.95
CA PHE A 68 -1.93 -3.08 -4.72
C PHE A 68 -3.19 -2.41 -5.23
N ARG A 69 -4.20 -3.18 -5.49
CA ARG A 69 -5.48 -2.61 -6.00
C ARG A 69 -5.93 -1.45 -5.11
N SER A 70 -5.68 -1.52 -3.83
CA SER A 70 -6.10 -0.42 -2.94
C SER A 70 -5.19 -0.35 -1.71
N ILE A 71 -5.10 0.81 -1.11
CA ILE A 71 -4.25 0.96 0.09
C ILE A 71 -4.74 -0.04 1.15
N ARG A 72 -6.03 -0.28 1.16
CA ARG A 72 -6.60 -1.22 2.16
C ARG A 72 -5.94 -2.59 2.02
N SER A 73 -5.79 -3.06 0.81
CA SER A 73 -5.14 -4.39 0.60
C SER A 73 -3.67 -4.32 1.04
N ILE A 74 -2.99 -3.26 0.71
CA ILE A 74 -1.57 -3.13 1.09
C ILE A 74 -1.42 -3.16 2.60
N ASP A 75 -2.24 -2.43 3.31
CA ASP A 75 -2.15 -2.42 4.79
C ASP A 75 -2.35 -3.84 5.32
N ALA A 76 -3.29 -4.56 4.78
CA ALA A 76 -3.54 -5.94 5.25
C ALA A 76 -2.33 -6.82 4.94
N PHE A 77 -1.82 -6.74 3.75
CA PHE A 77 -0.64 -7.56 3.40
C PHE A 77 0.54 -7.17 4.28
N VAL A 78 0.75 -5.88 4.46
CA VAL A 78 1.87 -5.41 5.31
C VAL A 78 1.65 -5.90 6.74
N VAL A 79 0.47 -5.74 7.26
CA VAL A 79 0.20 -6.19 8.65
C VAL A 79 0.23 -7.72 8.69
N GLY A 80 -0.33 -8.37 7.71
CA GLY A 80 -0.33 -9.86 7.69
C GLY A 80 1.10 -10.38 7.72
N ALA A 81 2.05 -9.58 7.30
CA ALA A 81 3.46 -10.03 7.30
C ALA A 81 3.97 -10.24 8.72
N THR A 82 3.51 -9.45 9.65
CA THR A 82 4.00 -9.59 11.07
C THR A 82 2.84 -9.88 12.02
N THR A 83 1.69 -9.34 11.75
CA THR A 83 0.53 -9.58 12.66
C THR A 83 -0.71 -9.94 11.83
N PRO A 84 -1.63 -10.69 12.39
CA PRO A 84 -2.87 -11.10 11.67
C PRO A 84 -3.48 -9.92 10.91
N PRO A 85 -4.12 -10.17 9.80
CA PRO A 85 -4.74 -9.11 8.97
C PRO A 85 -5.87 -8.37 9.71
N VAL A 86 -6.06 -7.11 9.39
CA VAL A 86 -7.14 -6.34 10.07
C VAL A 86 -8.33 -6.23 9.13
N GLU A 87 -9.51 -6.52 9.61
CA GLU A 87 -10.71 -6.44 8.72
C GLU A 87 -10.37 -6.99 7.34
N ALA A 88 -10.00 -8.24 7.27
CA ALA A 88 -9.64 -8.84 5.95
C ALA A 88 -10.77 -8.58 4.95
N LYS A 89 -10.44 -8.40 3.70
CA LYS A 89 -11.49 -8.14 2.68
C LYS A 89 -12.21 -9.45 2.34
N LEU A 90 -13.01 -9.43 1.31
CA LEU A 90 -13.76 -10.66 0.91
C LEU A 90 -12.85 -11.58 0.10
N GLN A 91 -12.99 -12.86 0.25
CA GLN A 91 -12.13 -13.81 -0.50
C GLN A 91 -12.98 -14.99 -0.98
N SER A 1 -5.80 8.12 11.66
CA SER A 1 -5.74 6.97 10.72
C SER A 1 -6.97 6.07 10.93
N GLU A 2 -7.75 5.87 9.91
CA GLU A 2 -8.96 5.01 10.05
C GLU A 2 -8.51 3.59 10.43
N MET A 3 -7.39 3.16 9.94
CA MET A 3 -6.91 1.79 10.27
C MET A 3 -5.67 1.90 11.15
N GLN A 4 -4.58 1.36 10.71
CA GLN A 4 -3.32 1.44 11.48
C GLN A 4 -2.36 2.38 10.74
N HIS A 5 -2.07 3.52 11.30
CA HIS A 5 -1.17 4.47 10.60
C HIS A 5 -1.65 4.57 9.15
N ALA A 6 -2.92 4.36 8.94
CA ALA A 6 -3.48 4.42 7.56
C ALA A 6 -3.23 5.81 6.96
N SER A 7 -3.46 6.85 7.73
CA SER A 7 -3.25 8.22 7.20
C SER A 7 -1.76 8.45 6.92
N VAL A 8 -0.89 7.84 7.68
CA VAL A 8 0.56 8.04 7.44
C VAL A 8 0.94 7.46 6.08
N ILE A 9 0.51 6.28 5.79
CA ILE A 9 0.83 5.65 4.47
C ILE A 9 0.30 6.53 3.34
N ALA A 10 -0.94 6.92 3.43
CA ALA A 10 -1.54 7.76 2.35
C ALA A 10 -0.82 9.11 2.26
N GLN A 11 -0.53 9.73 3.37
CA GLN A 11 0.15 11.06 3.31
C GLN A 11 1.59 10.91 2.80
N PHE A 12 2.32 9.98 3.33
CA PHE A 12 3.74 9.81 2.88
C PHE A 12 3.77 9.22 1.48
N VAL A 13 3.03 8.19 1.22
CA VAL A 13 3.03 7.58 -0.14
C VAL A 13 2.59 8.61 -1.17
N VAL A 14 1.63 9.43 -0.84
CA VAL A 14 1.16 10.46 -1.82
C VAL A 14 2.29 11.44 -2.11
N GLU A 15 3.01 11.86 -1.11
CA GLU A 15 4.11 12.83 -1.35
C GLU A 15 5.19 12.18 -2.22
N GLU A 16 5.49 10.93 -2.01
CA GLU A 16 6.53 10.26 -2.83
C GLU A 16 6.04 10.08 -4.27
N PHE A 17 4.82 9.68 -4.44
CA PHE A 17 4.29 9.48 -5.82
C PHE A 17 3.78 10.79 -6.42
N LEU A 18 2.92 11.48 -5.72
CA LEU A 18 2.37 12.76 -6.26
C LEU A 18 2.66 13.91 -5.30
N PRO A 19 3.85 14.44 -5.31
CA PRO A 19 4.22 15.57 -4.41
C PRO A 19 3.49 16.87 -4.78
N ASP A 20 2.90 16.93 -5.94
CA ASP A 20 2.18 18.16 -6.36
C ASP A 20 0.69 18.04 -6.01
N VAL A 21 0.30 17.00 -5.34
CA VAL A 21 -1.14 16.83 -4.97
C VAL A 21 -1.29 16.82 -3.45
N ALA A 22 -2.26 17.52 -2.94
CA ALA A 22 -2.47 17.53 -1.46
C ALA A 22 -3.15 16.22 -1.03
N PRO A 23 -2.50 15.40 -0.23
CA PRO A 23 -3.09 14.11 0.24
C PRO A 23 -4.50 14.30 0.83
N ALA A 24 -4.78 15.48 1.34
CA ALA A 24 -6.13 15.72 1.93
C ALA A 24 -7.19 15.64 0.83
N ASP A 25 -6.82 15.89 -0.40
CA ASP A 25 -7.83 15.83 -1.49
C ASP A 25 -7.97 14.39 -2.01
N VAL A 26 -7.33 13.45 -1.36
CA VAL A 26 -7.44 12.03 -1.81
C VAL A 26 -8.25 11.23 -0.81
N ASP A 27 -9.20 10.47 -1.27
CA ASP A 27 -10.01 9.65 -0.32
C ASP A 27 -9.33 8.30 -0.13
N VAL A 28 -8.95 7.98 1.08
CA VAL A 28 -8.28 6.67 1.32
C VAL A 28 -9.27 5.54 1.01
N ASP A 29 -10.43 5.87 0.52
CA ASP A 29 -11.44 4.83 0.19
C ASP A 29 -11.50 4.65 -1.33
N LEU A 30 -10.63 5.30 -2.05
CA LEU A 30 -10.63 5.17 -3.53
C LEU A 30 -9.61 4.12 -3.95
N ASP A 31 -9.97 3.27 -4.87
CA ASP A 31 -9.02 2.22 -5.31
C ASP A 31 -7.81 2.85 -6.00
N LEU A 32 -6.64 2.31 -5.78
CA LEU A 32 -5.40 2.86 -6.39
C LEU A 32 -5.38 2.61 -7.89
N VAL A 33 -5.90 1.50 -8.34
CA VAL A 33 -5.87 1.21 -9.79
C VAL A 33 -6.58 2.32 -10.58
N ASP A 34 -7.74 2.72 -10.13
CA ASP A 34 -8.46 3.81 -10.84
C ASP A 34 -7.59 5.06 -10.80
N ASN A 35 -6.87 5.24 -9.74
CA ASN A 35 -6.00 6.44 -9.61
C ASN A 35 -4.81 6.33 -10.57
N GLY A 36 -4.33 5.14 -10.78
CA GLY A 36 -3.16 4.97 -11.70
C GLY A 36 -1.88 5.15 -10.89
N VAL A 37 -1.99 5.29 -9.60
CA VAL A 37 -0.78 5.46 -8.77
C VAL A 37 0.12 4.25 -8.97
N ILE A 38 -0.48 3.11 -9.21
CA ILE A 38 0.33 1.88 -9.42
C ILE A 38 0.75 1.78 -10.88
N ASP A 39 2.01 1.57 -11.11
CA ASP A 39 2.52 1.45 -12.50
C ASP A 39 3.71 0.50 -12.51
N ALA A 40 4.42 0.40 -13.59
CA ALA A 40 5.60 -0.51 -13.62
C ALA A 40 6.60 -0.05 -12.56
N LEU A 41 7.00 1.20 -12.64
CA LEU A 41 7.93 1.74 -11.63
C LEU A 41 7.17 1.88 -10.33
N GLY A 42 5.89 2.19 -10.43
CA GLY A 42 5.07 2.36 -9.21
C GLY A 42 5.06 1.05 -8.43
N LEU A 43 4.86 -0.05 -9.09
CA LEU A 43 4.87 -1.36 -8.39
C LEU A 43 6.25 -1.62 -7.80
N LEU A 44 7.28 -1.35 -8.54
CA LEU A 44 8.65 -1.60 -8.02
C LEU A 44 8.87 -0.78 -6.75
N LYS A 45 8.51 0.47 -6.77
CA LYS A 45 8.71 1.30 -5.57
C LYS A 45 7.88 0.74 -4.40
N VAL A 46 6.73 0.20 -4.69
CA VAL A 46 5.87 -0.34 -3.60
C VAL A 46 6.59 -1.48 -2.87
N ILE A 47 7.10 -2.44 -3.59
CA ILE A 47 7.80 -3.58 -2.94
C ILE A 47 9.11 -3.13 -2.28
N ALA A 48 9.85 -2.26 -2.92
CA ALA A 48 11.16 -1.83 -2.35
C ALA A 48 10.99 -1.00 -1.07
N TRP A 49 10.15 0.00 -1.08
CA TRP A 49 10.00 0.83 0.14
C TRP A 49 9.11 0.12 1.16
N LEU A 50 8.04 -0.46 0.72
CA LEU A 50 7.13 -1.15 1.68
C LEU A 50 7.87 -2.27 2.41
N GLU A 51 8.68 -3.02 1.72
CA GLU A 51 9.42 -4.12 2.38
C GLU A 51 10.54 -3.55 3.25
N ASP A 52 11.17 -2.50 2.79
CA ASP A 52 12.28 -1.89 3.58
C ASP A 52 11.80 -1.42 4.96
N ARG A 53 10.62 -0.87 5.03
CA ARG A 53 10.10 -0.37 6.34
C ARG A 53 9.98 -1.50 7.36
N PHE A 54 9.58 -2.68 6.95
CA PHE A 54 9.44 -3.78 7.94
C PHE A 54 10.67 -4.69 7.92
N GLY A 55 11.55 -4.49 6.98
CA GLY A 55 12.77 -5.34 6.92
C GLY A 55 12.37 -6.74 6.51
N ILE A 56 11.34 -6.85 5.70
CA ILE A 56 10.88 -8.19 5.26
C ILE A 56 11.23 -8.40 3.79
N ALA A 57 11.40 -9.63 3.38
CA ALA A 57 11.74 -9.89 1.96
C ALA A 57 10.47 -10.31 1.20
N ALA A 58 10.21 -9.70 0.08
CA ALA A 58 9.00 -10.06 -0.71
C ALA A 58 9.15 -11.48 -1.25
N ASP A 59 10.35 -11.91 -1.49
CA ASP A 59 10.57 -13.29 -2.02
C ASP A 59 9.90 -14.32 -1.10
N ASP A 60 9.92 -14.09 0.18
CA ASP A 60 9.29 -15.06 1.12
C ASP A 60 7.82 -15.27 0.75
N VAL A 61 7.13 -14.21 0.39
CA VAL A 61 5.70 -14.34 0.02
C VAL A 61 5.45 -13.66 -1.33
N GLU A 62 4.74 -14.30 -2.21
CA GLU A 62 4.47 -13.68 -3.53
C GLU A 62 3.35 -12.65 -3.40
N LEU A 63 3.59 -11.45 -3.84
CA LEU A 63 2.56 -10.39 -3.74
C LEU A 63 2.00 -10.08 -5.13
N SER A 64 0.71 -9.88 -5.24
CA SER A 64 0.12 -9.56 -6.56
C SER A 64 -0.27 -8.08 -6.56
N PRO A 65 -0.16 -7.42 -7.69
CA PRO A 65 -0.50 -5.98 -7.80
C PRO A 65 -1.97 -5.71 -7.46
N GLU A 66 -2.80 -6.72 -7.53
CA GLU A 66 -4.23 -6.54 -7.23
C GLU A 66 -4.42 -6.26 -5.75
N HIS A 67 -3.53 -6.75 -4.92
CA HIS A 67 -3.68 -6.53 -3.47
C HIS A 67 -3.49 -5.03 -3.18
N PHE A 68 -2.88 -4.32 -4.09
CA PHE A 68 -2.67 -2.87 -3.87
C PHE A 68 -3.78 -2.08 -4.55
N ARG A 69 -4.80 -2.76 -4.99
CA ARG A 69 -5.94 -2.08 -5.67
C ARG A 69 -6.42 -0.90 -4.84
N SER A 70 -6.14 -0.90 -3.56
CA SER A 70 -6.59 0.24 -2.70
C SER A 70 -5.57 0.49 -1.58
N ILE A 71 -5.41 1.72 -1.17
CA ILE A 71 -4.44 2.03 -0.09
C ILE A 71 -4.83 1.28 1.18
N ARG A 72 -6.10 1.19 1.45
CA ARG A 72 -6.56 0.49 2.67
C ARG A 72 -6.04 -0.95 2.65
N SER A 73 -6.05 -1.58 1.51
CA SER A 73 -5.57 -2.97 1.42
C SER A 73 -4.07 -3.03 1.72
N ILE A 74 -3.34 -2.04 1.31
CA ILE A 74 -1.87 -2.04 1.57
C ILE A 74 -1.60 -2.03 3.06
N ASP A 75 -2.26 -1.16 3.80
CA ASP A 75 -2.02 -1.11 5.27
C ASP A 75 -2.42 -2.44 5.90
N ALA A 76 -3.51 -3.02 5.45
CA ALA A 76 -3.95 -4.31 6.03
C ALA A 76 -2.95 -5.42 5.68
N PHE A 77 -2.53 -5.47 4.44
CA PHE A 77 -1.54 -6.51 4.04
C PHE A 77 -0.24 -6.30 4.82
N VAL A 78 0.20 -5.08 4.91
CA VAL A 78 1.46 -4.79 5.65
C VAL A 78 1.28 -5.23 7.11
N VAL A 79 0.19 -4.88 7.72
CA VAL A 79 -0.06 -5.27 9.12
C VAL A 79 -0.29 -6.79 9.18
N GLY A 80 -1.04 -7.30 8.24
CA GLY A 80 -1.32 -8.77 8.22
C GLY A 80 -0.04 -9.54 7.87
N ALA A 81 0.91 -8.89 7.26
CA ALA A 81 2.16 -9.60 6.88
C ALA A 81 2.93 -10.00 8.15
N THR A 82 2.90 -9.17 9.16
CA THR A 82 3.62 -9.52 10.41
C THR A 82 2.71 -10.33 11.32
N THR A 83 1.42 -10.17 11.19
CA THR A 83 0.48 -10.94 12.06
C THR A 83 -0.63 -11.55 11.19
N PRO A 84 -1.21 -12.63 11.64
CA PRO A 84 -2.31 -13.32 10.90
C PRO A 84 -3.31 -12.32 10.29
N PRO A 85 -3.24 -12.08 9.01
CA PRO A 85 -4.16 -11.13 8.33
C PRO A 85 -5.64 -11.51 8.52
N VAL A 86 -6.50 -10.54 8.61
CA VAL A 86 -7.94 -10.83 8.79
C VAL A 86 -8.67 -10.61 7.47
N GLU A 87 -9.61 -11.47 7.15
CA GLU A 87 -10.36 -11.30 5.87
C GLU A 87 -9.41 -10.89 4.76
N ALA A 88 -8.25 -11.49 4.68
CA ALA A 88 -7.28 -11.13 3.62
C ALA A 88 -7.91 -11.36 2.24
N LYS A 89 -7.58 -10.54 1.28
CA LYS A 89 -8.16 -10.72 -0.08
C LYS A 89 -7.84 -12.12 -0.60
N LEU A 90 -6.67 -12.63 -0.28
CA LEU A 90 -6.31 -14.00 -0.76
C LEU A 90 -6.64 -15.01 0.34
N GLN A 91 -7.13 -16.16 -0.04
CA GLN A 91 -7.47 -17.20 0.98
C GLN A 91 -6.24 -17.49 1.84
N SER A 1 -5.71 6.63 7.97
CA SER A 1 -5.31 5.98 9.25
C SER A 1 -6.42 5.04 9.73
N GLU A 2 -7.37 4.76 8.87
CA GLU A 2 -8.49 3.86 9.27
C GLU A 2 -7.92 2.47 9.62
N MET A 3 -6.89 2.06 8.94
CA MET A 3 -6.30 0.73 9.22
C MET A 3 -5.13 0.90 10.19
N GLN A 4 -3.97 0.48 9.77
CA GLN A 4 -2.75 0.63 10.63
C GLN A 4 -1.82 1.62 9.95
N HIS A 5 -1.58 2.75 10.54
CA HIS A 5 -0.69 3.75 9.88
C HIS A 5 -1.11 3.86 8.41
N ALA A 6 -2.38 3.65 8.14
CA ALA A 6 -2.87 3.73 6.74
C ALA A 6 -2.57 5.12 6.17
N SER A 7 -2.70 6.14 6.97
CA SER A 7 -2.41 7.51 6.47
C SER A 7 -0.96 7.61 6.02
N VAL A 8 -0.08 6.89 6.66
CA VAL A 8 1.35 6.94 6.25
C VAL A 8 1.49 6.41 4.83
N ILE A 9 0.82 5.33 4.53
CA ILE A 9 0.89 4.76 3.16
C ILE A 9 0.39 5.80 2.16
N ALA A 10 -0.66 6.49 2.50
CA ALA A 10 -1.22 7.51 1.59
C ALA A 10 -0.17 8.59 1.32
N GLN A 11 0.59 8.95 2.32
CA GLN A 11 1.63 10.00 2.11
C GLN A 11 2.70 9.50 1.13
N PHE A 12 3.07 8.26 1.22
CA PHE A 12 4.13 7.74 0.29
C PHE A 12 3.64 7.77 -1.15
N VAL A 13 2.47 7.24 -1.41
CA VAL A 13 1.97 7.24 -2.81
C VAL A 13 1.72 8.68 -3.26
N VAL A 14 1.17 9.50 -2.40
CA VAL A 14 0.90 10.91 -2.78
C VAL A 14 2.24 11.62 -3.05
N GLU A 15 3.20 11.46 -2.18
CA GLU A 15 4.51 12.14 -2.38
C GLU A 15 5.26 11.49 -3.53
N GLU A 16 5.02 10.24 -3.78
CA GLU A 16 5.73 9.54 -4.89
C GLU A 16 5.38 10.14 -6.24
N PHE A 17 4.17 10.61 -6.41
CA PHE A 17 3.79 11.20 -7.74
C PHE A 17 3.06 12.53 -7.57
N LEU A 18 2.34 12.71 -6.49
CA LEU A 18 1.60 13.99 -6.30
C LEU A 18 2.00 14.64 -4.96
N PRO A 19 3.12 15.29 -4.94
CA PRO A 19 3.61 15.98 -3.71
C PRO A 19 2.91 17.32 -3.45
N ASP A 20 2.28 17.86 -4.46
CA ASP A 20 1.57 19.16 -4.29
C ASP A 20 0.11 18.93 -3.91
N VAL A 21 -0.27 17.71 -3.66
CA VAL A 21 -1.69 17.42 -3.29
C VAL A 21 -1.76 16.95 -1.83
N ALA A 22 -2.71 17.44 -1.09
CA ALA A 22 -2.83 17.03 0.33
C ALA A 22 -3.36 15.58 0.40
N PRO A 23 -2.61 14.65 0.93
CA PRO A 23 -3.06 13.23 1.06
C PRO A 23 -4.43 13.11 1.74
N ALA A 24 -4.79 14.07 2.54
CA ALA A 24 -6.11 14.01 3.22
C ALA A 24 -7.24 14.08 2.20
N ASP A 25 -6.97 14.60 1.04
CA ASP A 25 -8.03 14.69 0.00
C ASP A 25 -8.15 13.38 -0.77
N VAL A 26 -7.46 12.35 -0.34
CA VAL A 26 -7.54 11.05 -1.06
C VAL A 26 -8.40 10.07 -0.25
N ASP A 27 -9.36 9.45 -0.87
CA ASP A 27 -10.21 8.49 -0.13
C ASP A 27 -9.58 7.09 -0.21
N VAL A 28 -9.24 6.52 0.91
CA VAL A 28 -8.63 5.16 0.89
C VAL A 28 -9.71 4.12 0.60
N ASP A 29 -10.91 4.56 0.33
CA ASP A 29 -12.00 3.60 0.03
C ASP A 29 -12.03 3.33 -1.48
N LEU A 30 -11.30 4.10 -2.23
CA LEU A 30 -11.26 3.89 -3.71
C LEU A 30 -10.05 3.04 -4.06
N ASP A 31 -10.20 2.11 -4.96
CA ASP A 31 -9.05 1.25 -5.32
C ASP A 31 -7.90 2.13 -5.83
N LEU A 32 -6.72 1.88 -5.35
CA LEU A 32 -5.55 2.70 -5.77
C LEU A 32 -5.24 2.45 -7.25
N VAL A 33 -5.37 1.24 -7.70
CA VAL A 33 -5.06 0.94 -9.13
C VAL A 33 -6.00 1.72 -10.05
N ASP A 34 -7.24 1.88 -9.66
CA ASP A 34 -8.17 2.63 -10.53
C ASP A 34 -7.54 3.96 -10.89
N ASN A 35 -6.78 4.52 -9.98
CA ASN A 35 -6.11 5.81 -10.25
C ASN A 35 -4.98 5.62 -11.26
N GLY A 36 -4.32 4.50 -11.23
CA GLY A 36 -3.21 4.25 -12.18
C GLY A 36 -1.92 4.87 -11.62
N VAL A 37 -1.97 5.35 -10.41
CA VAL A 37 -0.76 5.96 -9.79
C VAL A 37 0.32 4.89 -9.69
N ILE A 38 -0.06 3.66 -9.46
CA ILE A 38 0.96 2.58 -9.34
C ILE A 38 1.36 2.10 -10.74
N ASP A 39 2.59 2.32 -11.10
CA ASP A 39 3.07 1.87 -12.44
C ASP A 39 4.07 0.74 -12.26
N ALA A 40 4.76 0.38 -13.30
CA ALA A 40 5.76 -0.73 -13.17
C ALA A 40 6.86 -0.28 -12.21
N LEU A 41 7.45 0.85 -12.48
CA LEU A 41 8.51 1.35 -11.56
C LEU A 41 7.82 1.79 -10.29
N GLY A 42 6.62 2.28 -10.42
CA GLY A 42 5.86 2.71 -9.22
C GLY A 42 5.70 1.52 -8.29
N LEU A 43 5.43 0.37 -8.84
CA LEU A 43 5.27 -0.85 -8.01
C LEU A 43 6.61 -1.17 -7.34
N LEU A 44 7.68 -1.07 -8.07
CA LEU A 44 9.01 -1.37 -7.48
C LEU A 44 9.28 -0.42 -6.33
N LYS A 45 9.03 0.84 -6.53
CA LYS A 45 9.28 1.84 -5.46
C LYS A 45 8.40 1.51 -4.25
N VAL A 46 7.21 1.03 -4.48
CA VAL A 46 6.31 0.69 -3.35
C VAL A 46 6.94 -0.39 -2.47
N ILE A 47 7.42 -1.44 -3.08
CA ILE A 47 8.05 -2.54 -2.31
C ILE A 47 9.37 -2.08 -1.67
N ALA A 48 10.09 -1.19 -2.31
CA ALA A 48 11.40 -0.75 -1.75
C ALA A 48 11.22 0.04 -0.45
N TRP A 49 10.36 1.02 -0.43
CA TRP A 49 10.19 1.82 0.81
C TRP A 49 9.27 1.08 1.78
N LEU A 50 8.21 0.53 1.29
CA LEU A 50 7.26 -0.18 2.19
C LEU A 50 7.99 -1.33 2.92
N GLU A 51 8.83 -2.04 2.22
CA GLU A 51 9.55 -3.16 2.88
C GLU A 51 10.63 -2.60 3.82
N ASP A 52 11.28 -1.54 3.41
CA ASP A 52 12.35 -0.95 4.26
C ASP A 52 11.78 -0.56 5.63
N ARG A 53 10.59 -0.04 5.68
CA ARG A 53 10.00 0.39 6.97
C ARG A 53 9.81 -0.81 7.92
N PHE A 54 9.47 -1.96 7.41
CA PHE A 54 9.27 -3.12 8.32
C PHE A 54 10.55 -3.96 8.39
N GLY A 55 11.52 -3.68 7.56
CA GLY A 55 12.78 -4.46 7.59
C GLY A 55 12.51 -5.85 7.00
N ILE A 56 11.60 -5.93 6.09
CA ILE A 56 11.28 -7.25 5.48
C ILE A 56 11.78 -7.29 4.03
N ALA A 57 12.07 -8.45 3.52
CA ALA A 57 12.56 -8.55 2.11
C ALA A 57 11.42 -8.99 1.20
N ALA A 58 11.27 -8.38 0.06
CA ALA A 58 10.18 -8.78 -0.87
C ALA A 58 10.46 -10.18 -1.40
N ASP A 59 11.69 -10.58 -1.47
CA ASP A 59 12.01 -11.94 -1.99
C ASP A 59 11.28 -12.99 -1.16
N ASP A 60 11.14 -12.77 0.11
CA ASP A 60 10.43 -13.76 0.97
C ASP A 60 9.04 -14.07 0.41
N VAL A 61 8.37 -13.07 -0.09
CA VAL A 61 7.00 -13.30 -0.66
C VAL A 61 6.86 -12.56 -1.99
N GLU A 62 6.18 -13.14 -2.94
CA GLU A 62 6.01 -12.46 -4.26
C GLU A 62 4.70 -11.68 -4.25
N LEU A 63 4.72 -10.44 -4.67
CA LEU A 63 3.48 -9.63 -4.69
C LEU A 63 2.88 -9.62 -6.10
N SER A 64 1.58 -9.70 -6.19
CA SER A 64 0.93 -9.69 -7.53
C SER A 64 0.19 -8.36 -7.70
N PRO A 65 -0.04 -7.95 -8.91
CA PRO A 65 -0.75 -6.67 -9.20
C PRO A 65 -2.10 -6.60 -8.48
N GLU A 66 -2.68 -7.73 -8.17
CA GLU A 66 -3.99 -7.74 -7.46
C GLU A 66 -3.78 -7.28 -6.02
N HIS A 67 -2.62 -7.49 -5.48
CA HIS A 67 -2.37 -7.07 -4.09
C HIS A 67 -2.43 -5.55 -3.99
N PHE A 68 -2.26 -4.89 -5.09
CA PHE A 68 -2.31 -3.41 -5.08
C PHE A 68 -3.73 -2.96 -5.39
N ARG A 69 -4.66 -3.87 -5.31
CA ARG A 69 -6.08 -3.54 -5.59
C ARG A 69 -6.48 -2.27 -4.85
N SER A 70 -6.02 -2.10 -3.63
CA SER A 70 -6.37 -0.88 -2.87
C SER A 70 -5.37 -0.65 -1.75
N ILE A 71 -5.25 0.56 -1.28
CA ILE A 71 -4.32 0.86 -0.18
C ILE A 71 -4.72 0.03 1.03
N ARG A 72 -5.99 -0.18 1.20
CA ARG A 72 -6.47 -0.98 2.36
C ARG A 72 -5.81 -2.36 2.35
N SER A 73 -5.74 -2.98 1.21
CA SER A 73 -5.12 -4.32 1.13
C SER A 73 -3.61 -4.22 1.36
N ILE A 74 -3.01 -3.14 0.94
CA ILE A 74 -1.55 -2.99 1.12
C ILE A 74 -1.21 -2.98 2.62
N ASP A 75 -1.88 -2.16 3.37
CA ASP A 75 -1.60 -2.10 4.84
C ASP A 75 -1.88 -3.47 5.46
N ALA A 76 -2.96 -4.09 5.05
CA ALA A 76 -3.32 -5.41 5.61
C ALA A 76 -2.29 -6.46 5.19
N PHE A 77 -1.82 -6.40 3.98
CA PHE A 77 -0.83 -7.41 3.52
C PHE A 77 0.44 -7.31 4.37
N VAL A 78 0.94 -6.12 4.58
CA VAL A 78 2.17 -5.96 5.40
C VAL A 78 1.89 -6.37 6.85
N VAL A 79 0.83 -5.87 7.42
CA VAL A 79 0.51 -6.23 8.83
C VAL A 79 0.06 -7.69 8.89
N GLY A 80 -0.82 -8.08 8.01
CA GLY A 80 -1.31 -9.48 8.01
C GLY A 80 -0.16 -10.46 7.76
N ALA A 81 0.83 -10.04 7.01
CA ALA A 81 1.98 -10.95 6.71
C ALA A 81 2.78 -11.23 7.98
N THR A 82 2.99 -10.23 8.79
CA THR A 82 3.77 -10.45 10.04
C THR A 82 2.87 -11.09 11.09
N THR A 83 1.61 -10.78 11.06
CA THR A 83 0.67 -11.36 12.07
C THR A 83 -0.58 -11.87 11.35
N PRO A 84 -1.21 -12.90 11.86
CA PRO A 84 -2.45 -13.46 11.24
C PRO A 84 -3.58 -12.40 11.22
N PRO A 85 -4.05 -12.01 10.06
CA PRO A 85 -5.12 -10.99 9.95
C PRO A 85 -6.50 -11.53 10.33
N VAL A 86 -7.36 -10.67 10.79
CA VAL A 86 -8.73 -11.11 11.18
C VAL A 86 -9.70 -10.70 10.07
N GLU A 87 -10.58 -11.57 9.67
CA GLU A 87 -11.54 -11.22 8.59
C GLU A 87 -10.78 -10.52 7.47
N ALA A 88 -9.97 -11.26 6.74
CA ALA A 88 -9.19 -10.64 5.63
C ALA A 88 -10.11 -9.74 4.79
N LYS A 89 -9.54 -8.76 4.14
CA LYS A 89 -10.37 -7.85 3.30
C LYS A 89 -11.17 -8.66 2.28
N LEU A 90 -10.60 -9.73 1.78
CA LEU A 90 -11.32 -10.56 0.78
C LEU A 90 -12.11 -11.65 1.51
N GLN A 91 -13.29 -11.96 1.04
CA GLN A 91 -14.10 -13.02 1.71
C GLN A 91 -15.04 -13.65 0.68
N SER A 1 -6.37 1.83 16.27
CA SER A 1 -6.30 1.99 14.78
C SER A 1 -5.72 0.72 14.15
N GLU A 2 -6.56 -0.18 13.72
CA GLU A 2 -6.04 -1.43 13.09
C GLU A 2 -5.21 -1.09 11.85
N MET A 3 -5.57 -0.04 11.17
CA MET A 3 -4.80 0.35 9.95
C MET A 3 -3.35 0.63 10.33
N GLN A 4 -3.12 1.14 11.51
CA GLN A 4 -1.73 1.44 11.95
C GLN A 4 -1.05 2.39 10.96
N HIS A 5 -1.08 3.66 11.23
CA HIS A 5 -0.42 4.66 10.33
C HIS A 5 -1.00 4.57 8.91
N ALA A 6 -2.29 4.52 8.79
CA ALA A 6 -2.90 4.45 7.43
C ALA A 6 -2.54 5.72 6.65
N SER A 7 -2.57 6.85 7.30
CA SER A 7 -2.23 8.13 6.60
C SER A 7 -0.81 8.05 6.06
N VAL A 8 0.07 7.38 6.76
CA VAL A 8 1.48 7.28 6.28
C VAL A 8 1.50 6.60 4.92
N ILE A 9 0.78 5.53 4.75
CA ILE A 9 0.75 4.83 3.45
C ILE A 9 0.21 5.78 2.38
N ALA A 10 -0.84 6.47 2.69
CA ALA A 10 -1.41 7.43 1.70
C ALA A 10 -0.37 8.51 1.38
N GLN A 11 0.38 8.91 2.36
CA GLN A 11 1.43 9.95 2.13
C GLN A 11 2.49 9.43 1.17
N PHE A 12 2.88 8.18 1.30
CA PHE A 12 3.94 7.63 0.40
C PHE A 12 3.45 7.66 -1.05
N VAL A 13 2.28 7.14 -1.31
CA VAL A 13 1.78 7.14 -2.71
C VAL A 13 1.58 8.57 -3.17
N VAL A 14 1.05 9.42 -2.32
CA VAL A 14 0.85 10.83 -2.72
C VAL A 14 2.20 11.49 -2.99
N GLU A 15 3.16 11.30 -2.12
CA GLU A 15 4.51 11.91 -2.33
C GLU A 15 5.22 11.22 -3.48
N GLU A 16 4.91 9.98 -3.74
CA GLU A 16 5.59 9.24 -4.84
C GLU A 16 5.26 9.88 -6.19
N PHE A 17 4.09 10.46 -6.34
CA PHE A 17 3.73 11.07 -7.65
C PHE A 17 3.13 12.47 -7.46
N LEU A 18 2.32 12.66 -6.46
CA LEU A 18 1.68 13.99 -6.25
C LEU A 18 2.01 14.54 -4.86
N PRO A 19 3.18 15.10 -4.69
CA PRO A 19 3.61 15.67 -3.38
C PRO A 19 2.93 17.02 -3.10
N ASP A 20 2.35 17.62 -4.09
CA ASP A 20 1.67 18.94 -3.88
C ASP A 20 0.19 18.71 -3.56
N VAL A 21 -0.20 17.48 -3.35
CA VAL A 21 -1.63 17.19 -3.05
C VAL A 21 -1.75 16.66 -1.61
N ALA A 22 -2.71 17.16 -0.87
CA ALA A 22 -2.88 16.70 0.54
C ALA A 22 -3.49 15.29 0.53
N PRO A 23 -2.81 14.30 1.08
CA PRO A 23 -3.35 12.90 1.11
C PRO A 23 -4.78 12.84 1.68
N ALA A 24 -5.13 13.79 2.50
CA ALA A 24 -6.51 13.80 3.08
C ALA A 24 -7.54 14.00 1.97
N ASP A 25 -7.13 14.59 0.88
CA ASP A 25 -8.08 14.82 -0.25
C ASP A 25 -8.20 13.54 -1.09
N VAL A 26 -7.59 12.48 -0.65
CA VAL A 26 -7.68 11.20 -1.44
C VAL A 26 -8.60 10.23 -0.71
N ASP A 27 -9.49 9.59 -1.42
CA ASP A 27 -10.39 8.62 -0.76
C ASP A 27 -9.74 7.24 -0.76
N VAL A 28 -9.50 6.67 0.39
CA VAL A 28 -8.88 5.32 0.43
C VAL A 28 -9.92 4.27 0.06
N ASP A 29 -11.10 4.69 -0.31
CA ASP A 29 -12.16 3.72 -0.69
C ASP A 29 -12.10 3.47 -2.20
N LEU A 30 -11.24 4.20 -2.89
CA LEU A 30 -11.12 4.01 -4.36
C LEU A 30 -9.93 3.11 -4.66
N ASP A 31 -10.07 2.21 -5.58
CA ASP A 31 -8.94 1.30 -5.91
C ASP A 31 -7.75 2.12 -6.40
N LEU A 32 -6.58 1.82 -5.91
CA LEU A 32 -5.37 2.58 -6.31
C LEU A 32 -5.03 2.28 -7.77
N VAL A 33 -5.16 1.06 -8.19
CA VAL A 33 -4.82 0.72 -9.60
C VAL A 33 -5.73 1.46 -10.57
N ASP A 34 -6.98 1.62 -10.24
CA ASP A 34 -7.91 2.32 -11.17
C ASP A 34 -7.27 3.66 -11.54
N ASN A 35 -6.55 4.24 -10.63
CA ASN A 35 -5.88 5.54 -10.91
C ASN A 35 -4.72 5.35 -11.89
N GLY A 36 -4.05 4.23 -11.79
CA GLY A 36 -2.89 3.99 -12.71
C GLY A 36 -1.65 4.67 -12.13
N VAL A 37 -1.77 5.22 -10.95
CA VAL A 37 -0.60 5.89 -10.32
C VAL A 37 0.51 4.86 -10.15
N ILE A 38 0.15 3.62 -9.96
CA ILE A 38 1.18 2.56 -9.78
C ILE A 38 1.59 2.01 -11.15
N ASP A 39 2.86 1.92 -11.38
CA ASP A 39 3.37 1.39 -12.68
C ASP A 39 4.37 0.27 -12.40
N ALA A 40 5.12 -0.14 -13.37
CA ALA A 40 6.12 -1.22 -13.14
C ALA A 40 7.16 -0.73 -12.15
N LEU A 41 7.78 0.38 -12.44
CA LEU A 41 8.78 0.93 -11.50
C LEU A 41 8.03 1.42 -10.27
N GLY A 42 6.83 1.89 -10.49
CA GLY A 42 6.01 2.38 -9.35
C GLY A 42 5.82 1.23 -8.36
N LEU A 43 5.58 0.05 -8.86
CA LEU A 43 5.39 -1.11 -7.96
C LEU A 43 6.71 -1.39 -7.24
N LEU A 44 7.81 -1.31 -7.94
CA LEU A 44 9.12 -1.57 -7.30
C LEU A 44 9.34 -0.56 -6.18
N LYS A 45 9.06 0.68 -6.43
CA LYS A 45 9.25 1.71 -5.39
C LYS A 45 8.37 1.40 -4.18
N VAL A 46 7.20 0.86 -4.43
CA VAL A 46 6.28 0.53 -3.30
C VAL A 46 6.93 -0.52 -2.39
N ILE A 47 7.46 -1.56 -2.97
CA ILE A 47 8.10 -2.63 -2.14
C ILE A 47 9.38 -2.11 -1.49
N ALA A 48 10.10 -1.23 -2.14
CA ALA A 48 11.37 -0.73 -1.56
C ALA A 48 11.12 0.07 -0.27
N TRP A 49 10.23 1.02 -0.30
CA TRP A 49 9.98 1.83 0.93
C TRP A 49 9.05 1.07 1.87
N LEU A 50 8.00 0.49 1.35
CA LEU A 50 7.05 -0.25 2.21
C LEU A 50 7.79 -1.37 2.96
N GLU A 51 8.66 -2.08 2.29
CA GLU A 51 9.40 -3.17 2.97
C GLU A 51 10.44 -2.57 3.92
N ASP A 52 11.04 -1.48 3.55
CA ASP A 52 12.08 -0.86 4.42
C ASP A 52 11.48 -0.48 5.78
N ARG A 53 10.27 0.00 5.80
CA ARG A 53 9.65 0.41 7.08
C ARG A 53 9.50 -0.77 8.04
N PHE A 54 9.17 -1.94 7.54
CA PHE A 54 9.01 -3.10 8.46
C PHE A 54 10.28 -3.94 8.48
N GLY A 55 11.19 -3.70 7.57
CA GLY A 55 12.45 -4.49 7.54
C GLY A 55 12.13 -5.89 7.05
N ILE A 56 11.16 -6.02 6.20
CA ILE A 56 10.80 -7.37 5.69
C ILE A 56 11.33 -7.55 4.27
N ALA A 57 11.68 -8.76 3.91
CA ALA A 57 12.22 -8.99 2.53
C ALA A 57 11.07 -9.31 1.58
N ALA A 58 10.81 -8.43 0.64
CA ALA A 58 9.70 -8.68 -0.32
C ALA A 58 10.09 -9.84 -1.24
N ASP A 59 11.37 -10.05 -1.45
CA ASP A 59 11.81 -11.14 -2.35
C ASP A 59 11.22 -12.47 -1.87
N ASP A 60 11.11 -12.66 -0.58
CA ASP A 60 10.55 -13.94 -0.06
C ASP A 60 9.17 -14.19 -0.67
N VAL A 61 8.38 -13.17 -0.84
CA VAL A 61 7.03 -13.35 -1.42
C VAL A 61 6.86 -12.43 -2.64
N GLU A 62 6.31 -12.93 -3.71
CA GLU A 62 6.13 -12.08 -4.91
C GLU A 62 4.78 -11.36 -4.83
N LEU A 63 4.76 -10.08 -5.05
CA LEU A 63 3.48 -9.32 -4.98
C LEU A 63 2.94 -9.10 -6.39
N SER A 64 1.65 -9.18 -6.56
CA SER A 64 1.05 -8.95 -7.90
C SER A 64 0.29 -7.63 -7.89
N PRO A 65 0.10 -7.04 -9.04
CA PRO A 65 -0.62 -5.75 -9.17
C PRO A 65 -2.01 -5.80 -8.54
N GLU A 66 -2.58 -6.98 -8.42
CA GLU A 66 -3.93 -7.11 -7.82
C GLU A 66 -3.84 -6.80 -6.33
N HIS A 67 -2.71 -7.05 -5.74
CA HIS A 67 -2.55 -6.78 -4.28
C HIS A 67 -2.62 -5.27 -4.07
N PHE A 68 -2.41 -4.51 -5.11
CA PHE A 68 -2.48 -3.03 -4.97
C PHE A 68 -3.88 -2.56 -5.34
N ARG A 69 -4.80 -3.49 -5.41
CA ARG A 69 -6.20 -3.16 -5.77
C ARG A 69 -6.65 -1.91 -5.02
N SER A 70 -6.28 -1.76 -3.78
CA SER A 70 -6.72 -0.55 -3.01
C SER A 70 -5.74 -0.25 -1.87
N ILE A 71 -5.77 0.95 -1.36
CA ILE A 71 -4.85 1.31 -0.25
C ILE A 71 -5.10 0.43 0.96
N ARG A 72 -6.34 0.20 1.30
CA ARG A 72 -6.65 -0.65 2.49
C ARG A 72 -6.05 -2.04 2.30
N SER A 73 -6.11 -2.56 1.11
CA SER A 73 -5.53 -3.92 0.86
C SER A 73 -4.02 -3.89 1.10
N ILE A 74 -3.36 -2.84 0.68
CA ILE A 74 -1.89 -2.75 0.88
C ILE A 74 -1.56 -2.75 2.38
N ASP A 75 -2.20 -1.90 3.13
CA ASP A 75 -1.93 -1.85 4.59
C ASP A 75 -2.22 -3.22 5.21
N ALA A 76 -3.28 -3.84 4.79
CA ALA A 76 -3.63 -5.18 5.35
C ALA A 76 -2.59 -6.22 4.95
N PHE A 77 -2.08 -6.13 3.75
CA PHE A 77 -1.07 -7.12 3.31
C PHE A 77 0.17 -7.05 4.20
N VAL A 78 0.68 -5.86 4.44
CA VAL A 78 1.88 -5.73 5.30
C VAL A 78 1.54 -6.17 6.73
N VAL A 79 0.46 -5.68 7.27
CA VAL A 79 0.08 -6.08 8.64
C VAL A 79 -0.34 -7.56 8.65
N GLY A 80 -1.04 -7.97 7.62
CA GLY A 80 -1.50 -9.38 7.55
C GLY A 80 -0.29 -10.33 7.57
N ALA A 81 0.80 -9.94 6.97
CA ALA A 81 2.00 -10.82 6.94
C ALA A 81 2.63 -10.95 8.34
N THR A 82 2.72 -9.87 9.06
CA THR A 82 3.33 -9.95 10.42
C THR A 82 2.30 -10.43 11.43
N THR A 83 1.07 -10.07 11.22
CA THR A 83 0.01 -10.50 12.16
C THR A 83 -1.19 -11.00 11.34
N PRO A 84 -1.99 -11.87 11.89
CA PRO A 84 -3.18 -12.40 11.17
C PRO A 84 -3.93 -11.27 10.45
N PRO A 85 -4.48 -11.53 9.29
CA PRO A 85 -5.22 -10.49 8.52
C PRO A 85 -6.44 -9.95 9.27
N VAL A 86 -6.67 -8.67 9.15
CA VAL A 86 -7.84 -8.07 9.85
C VAL A 86 -8.94 -7.80 8.82
N GLU A 87 -10.15 -8.22 9.09
CA GLU A 87 -11.26 -7.98 8.12
C GLU A 87 -10.75 -8.08 6.69
N ALA A 88 -9.89 -9.03 6.42
CA ALA A 88 -9.35 -9.17 5.04
C ALA A 88 -10.51 -9.19 4.04
N LYS A 89 -10.30 -8.63 2.87
CA LYS A 89 -11.39 -8.61 1.86
C LYS A 89 -11.83 -10.05 1.56
N LEU A 90 -10.92 -10.98 1.58
CA LEU A 90 -11.28 -12.39 1.29
C LEU A 90 -11.58 -13.11 2.60
N GLN A 91 -12.56 -13.97 2.60
CA GLN A 91 -12.91 -14.71 3.85
C GLN A 91 -11.76 -15.64 4.23
N SER A 1 -4.20 2.32 15.02
CA SER A 1 -5.44 1.59 14.63
C SER A 1 -5.06 0.21 14.09
N GLU A 2 -6.02 -0.62 13.81
CA GLU A 2 -5.71 -1.98 13.28
C GLU A 2 -4.98 -1.84 11.94
N MET A 3 -5.30 -0.85 11.17
CA MET A 3 -4.63 -0.66 9.87
C MET A 3 -3.12 -0.53 10.08
N GLN A 4 -2.71 0.07 11.18
CA GLN A 4 -1.27 0.23 11.47
C GLN A 4 -0.75 1.50 10.77
N HIS A 5 -1.19 2.65 11.19
CA HIS A 5 -0.74 3.92 10.57
C HIS A 5 -1.15 3.98 9.09
N ALA A 6 -2.38 3.67 8.79
CA ALA A 6 -2.83 3.70 7.37
C ALA A 6 -2.71 5.14 6.84
N SER A 7 -3.03 6.11 7.65
CA SER A 7 -2.94 7.52 7.20
C SER A 7 -1.51 7.86 6.80
N VAL A 8 -0.54 7.34 7.49
CA VAL A 8 0.87 7.64 7.14
C VAL A 8 1.17 7.13 5.74
N ILE A 9 0.75 5.95 5.42
CA ILE A 9 1.02 5.39 4.07
C ILE A 9 0.39 6.29 3.00
N ALA A 10 -0.86 6.63 3.16
CA ALA A 10 -1.52 7.49 2.15
C ALA A 10 -0.87 8.87 2.07
N GLN A 11 -0.57 9.47 3.19
CA GLN A 11 0.05 10.84 3.15
C GLN A 11 1.47 10.79 2.60
N PHE A 12 2.27 9.87 3.05
CA PHE A 12 3.68 9.80 2.55
C PHE A 12 3.71 9.34 1.09
N VAL A 13 2.99 8.31 0.77
CA VAL A 13 3.00 7.82 -0.65
C VAL A 13 2.46 8.92 -1.57
N VAL A 14 1.46 9.64 -1.14
CA VAL A 14 0.90 10.71 -2.00
C VAL A 14 1.96 11.78 -2.25
N GLU A 15 2.68 12.17 -1.23
CA GLU A 15 3.72 13.22 -1.41
C GLU A 15 4.81 12.72 -2.36
N GLU A 16 5.18 11.48 -2.27
CA GLU A 16 6.24 10.95 -3.17
C GLU A 16 5.71 10.85 -4.59
N PHE A 17 4.50 10.39 -4.76
CA PHE A 17 3.93 10.26 -6.14
C PHE A 17 3.34 11.59 -6.60
N LEU A 18 2.49 12.19 -5.82
CA LEU A 18 1.87 13.48 -6.23
C LEU A 18 2.14 14.56 -5.17
N PRO A 19 3.31 15.15 -5.18
CA PRO A 19 3.67 16.22 -4.19
C PRO A 19 2.84 17.50 -4.40
N ASP A 20 2.21 17.63 -5.52
CA ASP A 20 1.40 18.86 -5.79
C ASP A 20 -0.07 18.61 -5.42
N VAL A 21 -0.38 17.49 -4.83
CA VAL A 21 -1.80 17.20 -4.45
C VAL A 21 -1.91 17.02 -2.94
N ALA A 22 -2.91 17.60 -2.34
CA ALA A 22 -3.09 17.46 -0.87
C ALA A 22 -3.69 16.06 -0.57
N PRO A 23 -3.00 15.22 0.17
CA PRO A 23 -3.53 13.86 0.50
C PRO A 23 -4.95 13.91 1.07
N ALA A 24 -5.31 15.00 1.68
CA ALA A 24 -6.67 15.11 2.26
C ALA A 24 -7.72 15.05 1.14
N ASP A 25 -7.37 15.47 -0.05
CA ASP A 25 -8.35 15.43 -1.17
C ASP A 25 -8.31 14.06 -1.85
N VAL A 26 -7.59 13.13 -1.29
CA VAL A 26 -7.52 11.77 -1.92
C VAL A 26 -8.26 10.77 -1.04
N ASP A 27 -9.12 9.97 -1.63
CA ASP A 27 -9.85 8.96 -0.82
C ASP A 27 -9.03 7.68 -0.76
N VAL A 28 -8.64 7.26 0.42
CA VAL A 28 -7.86 6.01 0.54
C VAL A 28 -8.78 4.81 0.32
N ASP A 29 -10.01 5.07 -0.01
CA ASP A 29 -10.97 3.95 -0.25
C ASP A 29 -11.07 3.69 -1.75
N LEU A 30 -10.31 4.38 -2.54
CA LEU A 30 -10.35 4.18 -4.01
C LEU A 30 -9.22 3.25 -4.44
N ASP A 31 -9.51 2.28 -5.27
CA ASP A 31 -8.44 1.34 -5.70
C ASP A 31 -7.40 2.10 -6.53
N LEU A 32 -6.15 1.78 -6.37
CA LEU A 32 -5.08 2.49 -7.14
C LEU A 32 -5.13 2.10 -8.61
N VAL A 33 -5.50 0.89 -8.92
CA VAL A 33 -5.54 0.46 -10.34
C VAL A 33 -6.38 1.42 -11.16
N ASP A 34 -7.55 1.76 -10.69
CA ASP A 34 -8.41 2.71 -11.44
C ASP A 34 -7.68 4.04 -11.57
N ASN A 35 -6.93 4.40 -10.57
CA ASN A 35 -6.18 5.68 -10.60
C ASN A 35 -5.02 5.59 -11.61
N GLY A 36 -4.43 4.43 -11.74
CA GLY A 36 -3.29 4.28 -12.70
C GLY A 36 -1.99 4.69 -12.00
N VAL A 37 -2.06 4.97 -10.73
CA VAL A 37 -0.84 5.37 -9.99
C VAL A 37 0.17 4.23 -10.04
N ILE A 38 -0.31 3.01 -10.04
CA ILE A 38 0.62 1.84 -10.08
C ILE A 38 1.34 1.79 -11.42
N ASP A 39 2.52 2.34 -11.47
CA ASP A 39 3.31 2.32 -12.73
C ASP A 39 4.39 1.24 -12.59
N ALA A 40 5.06 0.90 -13.65
CA ALA A 40 6.12 -0.13 -13.54
C ALA A 40 7.11 0.32 -12.47
N LEU A 41 7.52 1.55 -12.54
CA LEU A 41 8.44 2.09 -11.51
C LEU A 41 7.62 2.26 -10.24
N GLY A 42 6.37 2.57 -10.41
CA GLY A 42 5.48 2.74 -9.24
C GLY A 42 5.46 1.46 -8.41
N LEU A 43 5.28 0.34 -9.05
CA LEU A 43 5.26 -0.94 -8.31
C LEU A 43 6.63 -1.17 -7.67
N LEU A 44 7.68 -0.84 -8.38
CA LEU A 44 9.05 -1.03 -7.81
C LEU A 44 9.18 -0.22 -6.54
N LYS A 45 8.76 1.02 -6.58
CA LYS A 45 8.86 1.87 -5.37
C LYS A 45 8.02 1.27 -4.24
N VAL A 46 6.92 0.65 -4.57
CA VAL A 46 6.05 0.05 -3.52
C VAL A 46 6.83 -1.01 -2.76
N ILE A 47 7.50 -1.88 -3.45
CA ILE A 47 8.27 -2.96 -2.77
C ILE A 47 9.46 -2.39 -1.99
N ALA A 48 10.11 -1.38 -2.50
CA ALA A 48 11.30 -0.82 -1.80
C ALA A 48 10.92 -0.15 -0.47
N TRP A 49 9.94 0.71 -0.46
CA TRP A 49 9.57 1.38 0.82
C TRP A 49 8.74 0.44 1.69
N LEU A 50 7.82 -0.27 1.10
CA LEU A 50 6.98 -1.19 1.91
C LEU A 50 7.84 -2.24 2.60
N GLU A 51 8.80 -2.78 1.92
CA GLU A 51 9.66 -3.82 2.55
C GLU A 51 10.59 -3.17 3.59
N ASP A 52 11.06 -1.99 3.31
CA ASP A 52 11.99 -1.30 4.27
C ASP A 52 11.31 -1.06 5.62
N ARG A 53 10.06 -0.70 5.62
CA ARG A 53 9.36 -0.41 6.91
C ARG A 53 9.27 -1.64 7.82
N PHE A 54 9.04 -2.81 7.28
CA PHE A 54 8.91 -4.00 8.17
C PHE A 54 10.22 -4.79 8.18
N GLY A 55 11.16 -4.44 7.36
CA GLY A 55 12.46 -5.17 7.34
C GLY A 55 12.23 -6.57 6.78
N ILE A 56 11.28 -6.70 5.89
CA ILE A 56 11.00 -8.03 5.31
C ILE A 56 11.50 -8.08 3.87
N ALA A 57 11.83 -9.24 3.38
CA ALA A 57 12.35 -9.35 1.99
C ALA A 57 11.21 -9.78 1.06
N ALA A 58 11.07 -9.12 -0.07
CA ALA A 58 10.00 -9.49 -1.03
C ALA A 58 10.25 -10.89 -1.58
N ASP A 59 11.50 -11.28 -1.68
CA ASP A 59 11.81 -12.63 -2.21
C ASP A 59 11.13 -13.71 -1.37
N ASP A 60 11.02 -13.49 -0.09
CA ASP A 60 10.38 -14.51 0.79
C ASP A 60 8.98 -14.86 0.27
N VAL A 61 8.25 -13.89 -0.20
CA VAL A 61 6.87 -14.17 -0.71
C VAL A 61 6.71 -13.58 -2.12
N GLU A 62 5.79 -14.09 -2.89
CA GLU A 62 5.60 -13.54 -4.26
C GLU A 62 4.45 -12.52 -4.23
N LEU A 63 4.67 -11.35 -4.75
CA LEU A 63 3.61 -10.33 -4.75
C LEU A 63 2.95 -10.25 -6.14
N SER A 64 1.64 -10.19 -6.18
CA SER A 64 0.94 -10.11 -7.49
C SER A 64 0.34 -8.72 -7.64
N PRO A 65 0.10 -8.29 -8.84
CA PRO A 65 -0.48 -6.95 -9.12
C PRO A 65 -1.84 -6.78 -8.43
N GLU A 66 -2.50 -7.86 -8.13
CA GLU A 66 -3.83 -7.78 -7.46
C GLU A 66 -3.62 -7.31 -6.03
N HIS A 67 -2.50 -7.62 -5.45
CA HIS A 67 -2.23 -7.18 -4.06
C HIS A 67 -2.15 -5.66 -4.02
N PHE A 68 -1.95 -5.05 -5.16
CA PHE A 68 -1.87 -3.56 -5.20
C PHE A 68 -3.26 -3.00 -5.51
N ARG A 69 -4.26 -3.83 -5.37
CA ARG A 69 -5.64 -3.39 -5.65
C ARG A 69 -5.96 -2.06 -4.96
N SER A 70 -5.47 -1.86 -3.76
CA SER A 70 -5.75 -0.56 -3.07
C SER A 70 -4.72 -0.30 -1.97
N ILE A 71 -4.44 0.95 -1.69
CA ILE A 71 -3.45 1.28 -0.64
C ILE A 71 -3.88 0.65 0.68
N ARG A 72 -5.15 0.73 1.00
CA ARG A 72 -5.65 0.15 2.26
C ARG A 72 -5.32 -1.35 2.29
N SER A 73 -5.47 -2.01 1.19
CA SER A 73 -5.16 -3.47 1.15
C SER A 73 -3.65 -3.67 1.36
N ILE A 74 -2.85 -2.78 0.86
CA ILE A 74 -1.39 -2.92 1.02
C ILE A 74 -1.03 -2.94 2.52
N ASP A 75 -1.51 -1.98 3.26
CA ASP A 75 -1.20 -1.96 4.71
C ASP A 75 -1.72 -3.25 5.36
N ALA A 76 -2.89 -3.67 4.97
CA ALA A 76 -3.47 -4.91 5.53
C ALA A 76 -2.65 -6.13 5.09
N PHE A 77 -2.17 -6.12 3.88
CA PHE A 77 -1.37 -7.29 3.41
C PHE A 77 -0.13 -7.45 4.28
N VAL A 78 0.61 -6.39 4.49
CA VAL A 78 1.83 -6.49 5.32
C VAL A 78 1.46 -6.74 6.79
N VAL A 79 0.53 -5.99 7.32
CA VAL A 79 0.12 -6.20 8.73
C VAL A 79 -0.65 -7.52 8.83
N GLY A 80 -1.50 -7.77 7.89
CA GLY A 80 -2.29 -9.03 7.91
C GLY A 80 -1.35 -10.23 7.87
N ALA A 81 -0.31 -10.16 7.10
CA ALA A 81 0.63 -11.31 7.01
C ALA A 81 1.39 -11.49 8.33
N THR A 82 1.79 -10.42 8.95
CA THR A 82 2.53 -10.53 10.23
C THR A 82 1.54 -10.69 11.37
N THR A 83 0.36 -10.15 11.23
CA THR A 83 -0.65 -10.26 12.31
C THR A 83 -2.00 -10.65 11.69
N PRO A 84 -2.85 -11.29 12.45
CA PRO A 84 -4.20 -11.72 11.96
C PRO A 84 -5.06 -10.51 11.57
N PRO A 85 -5.35 -10.33 10.30
CA PRO A 85 -6.16 -9.18 9.82
C PRO A 85 -7.66 -9.36 10.09
N VAL A 86 -8.36 -8.27 10.26
CA VAL A 86 -9.82 -8.35 10.51
C VAL A 86 -10.58 -8.00 9.21
N GLU A 87 -11.54 -8.79 8.84
CA GLU A 87 -12.31 -8.50 7.59
C GLU A 87 -11.37 -7.96 6.51
N ALA A 88 -10.50 -8.79 6.00
CA ALA A 88 -9.56 -8.33 4.95
C ALA A 88 -10.33 -7.84 3.72
N LYS A 89 -9.78 -6.89 3.01
CA LYS A 89 -10.48 -6.37 1.80
C LYS A 89 -10.80 -7.52 0.86
N LEU A 90 -9.90 -8.46 0.72
CA LEU A 90 -10.15 -9.61 -0.19
C LEU A 90 -11.42 -10.35 0.25
N GLN A 91 -11.65 -10.45 1.53
CA GLN A 91 -12.87 -11.15 2.03
C GLN A 91 -13.96 -10.13 2.31
N SER A 1 -5.60 -4.95 13.15
CA SER A 1 -6.54 -4.06 12.41
C SER A 1 -6.15 -2.60 12.62
N GLU A 2 -5.21 -2.35 13.51
CA GLU A 2 -4.79 -0.95 13.77
C GLU A 2 -4.28 -0.32 12.46
N MET A 3 -4.59 0.93 12.24
CA MET A 3 -4.13 1.59 10.99
C MET A 3 -2.61 1.62 10.95
N GLN A 4 -1.98 1.80 12.07
CA GLN A 4 -0.49 1.84 12.11
C GLN A 4 0.00 2.93 11.15
N HIS A 5 -0.54 4.12 11.26
CA HIS A 5 -0.13 5.25 10.37
C HIS A 5 -0.74 5.07 8.98
N ALA A 6 -2.04 4.94 8.90
CA ALA A 6 -2.68 4.78 7.56
C ALA A 6 -2.42 6.04 6.73
N SER A 7 -2.46 7.18 7.33
CA SER A 7 -2.22 8.44 6.57
C SER A 7 -0.83 8.43 5.95
N VAL A 8 0.14 7.91 6.65
CA VAL A 8 1.52 7.88 6.08
C VAL A 8 1.53 7.04 4.80
N ILE A 9 0.86 5.92 4.82
CA ILE A 9 0.82 5.06 3.60
C ILE A 9 0.20 5.85 2.44
N ALA A 10 -0.89 6.52 2.70
CA ALA A 10 -1.55 7.30 1.62
C ALA A 10 -0.57 8.38 1.15
N GLN A 11 0.15 8.98 2.06
CA GLN A 11 1.13 10.02 1.67
C GLN A 11 2.23 9.39 0.82
N PHE A 12 2.59 8.17 1.12
CA PHE A 12 3.65 7.49 0.33
C PHE A 12 3.25 7.38 -1.13
N VAL A 13 2.08 6.89 -1.40
CA VAL A 13 1.65 6.76 -2.82
C VAL A 13 1.47 8.16 -3.41
N VAL A 14 0.96 9.08 -2.64
CA VAL A 14 0.77 10.46 -3.17
C VAL A 14 2.14 11.06 -3.51
N GLU A 15 3.10 10.90 -2.64
CA GLU A 15 4.45 11.45 -2.91
C GLU A 15 5.16 10.62 -3.98
N GLU A 16 4.69 9.42 -4.19
CA GLU A 16 5.34 8.54 -5.20
C GLU A 16 5.20 9.14 -6.61
N PHE A 17 4.13 9.84 -6.87
CA PHE A 17 3.96 10.43 -8.23
C PHE A 17 3.31 11.81 -8.14
N LEU A 18 2.39 12.00 -7.23
CA LEU A 18 1.72 13.33 -7.09
C LEU A 18 1.98 13.92 -5.70
N PRO A 19 3.13 14.49 -5.50
CA PRO A 19 3.50 15.10 -4.19
C PRO A 19 2.84 16.48 -3.99
N ASP A 20 2.32 17.05 -5.04
CA ASP A 20 1.68 18.38 -4.92
C ASP A 20 0.18 18.22 -4.59
N VAL A 21 -0.25 17.02 -4.33
CA VAL A 21 -1.69 16.79 -4.02
C VAL A 21 -1.84 16.43 -2.54
N ALA A 22 -2.79 17.03 -1.86
CA ALA A 22 -2.98 16.72 -0.42
C ALA A 22 -3.59 15.32 -0.27
N PRO A 23 -2.89 14.39 0.35
CA PRO A 23 -3.42 13.01 0.55
C PRO A 23 -4.81 13.01 1.18
N ALA A 24 -5.13 14.02 1.93
CA ALA A 24 -6.48 14.09 2.58
C ALA A 24 -7.56 14.18 1.52
N ASP A 25 -7.23 14.65 0.34
CA ASP A 25 -8.26 14.76 -0.73
C ASP A 25 -8.39 13.44 -1.47
N VAL A 26 -7.77 12.40 -0.99
CA VAL A 26 -7.87 11.08 -1.68
C VAL A 26 -8.83 10.18 -0.91
N ASP A 27 -9.75 9.55 -1.60
CA ASP A 27 -10.71 8.66 -0.89
C ASP A 27 -10.11 7.25 -0.84
N VAL A 28 -9.90 6.72 0.34
CA VAL A 28 -9.33 5.36 0.44
C VAL A 28 -10.38 4.32 0.04
N ASP A 29 -11.53 4.77 -0.40
CA ASP A 29 -12.59 3.82 -0.81
C ASP A 29 -12.43 3.50 -2.29
N LEU A 30 -11.56 4.20 -2.97
CA LEU A 30 -11.35 3.95 -4.42
C LEU A 30 -10.07 3.13 -4.61
N ASP A 31 -10.10 2.19 -5.51
CA ASP A 31 -8.88 1.36 -5.72
C ASP A 31 -7.72 2.26 -6.12
N LEU A 32 -6.54 1.95 -5.65
CA LEU A 32 -5.36 2.78 -5.96
C LEU A 32 -4.98 2.64 -7.44
N VAL A 33 -5.08 1.47 -7.98
CA VAL A 33 -4.70 1.28 -9.41
C VAL A 33 -5.62 2.09 -10.33
N ASP A 34 -6.87 2.19 -9.99
CA ASP A 34 -7.79 2.96 -10.86
C ASP A 34 -7.20 4.36 -11.08
N ASN A 35 -6.51 4.86 -10.10
CA ASN A 35 -5.88 6.19 -10.23
C ASN A 35 -4.70 6.12 -11.20
N GLY A 36 -4.00 5.02 -11.21
CA GLY A 36 -2.82 4.89 -12.13
C GLY A 36 -1.59 5.47 -11.44
N VAL A 37 -1.74 5.84 -10.20
CA VAL A 37 -0.58 6.42 -9.45
C VAL A 37 0.53 5.38 -9.38
N ILE A 38 0.18 4.12 -9.31
CA ILE A 38 1.22 3.06 -9.22
C ILE A 38 1.56 2.56 -10.63
N ASP A 39 2.82 2.62 -10.98
CA ASP A 39 3.25 2.16 -12.32
C ASP A 39 4.17 0.95 -12.16
N ALA A 40 4.83 0.54 -13.21
CA ALA A 40 5.74 -0.63 -13.10
C ALA A 40 6.87 -0.28 -12.13
N LEU A 41 7.54 0.80 -12.38
CA LEU A 41 8.63 1.23 -11.46
C LEU A 41 7.97 1.65 -10.16
N GLY A 42 6.78 2.20 -10.26
CA GLY A 42 6.05 2.63 -9.06
C GLY A 42 5.85 1.42 -8.15
N LEU A 43 5.50 0.31 -8.73
CA LEU A 43 5.31 -0.92 -7.91
C LEU A 43 6.64 -1.32 -7.29
N LEU A 44 7.70 -1.23 -8.05
CA LEU A 44 9.03 -1.60 -7.51
C LEU A 44 9.35 -0.71 -6.30
N LYS A 45 9.12 0.55 -6.43
CA LYS A 45 9.40 1.48 -5.29
C LYS A 45 8.55 1.07 -4.08
N VAL A 46 7.36 0.62 -4.32
CA VAL A 46 6.47 0.21 -3.20
C VAL A 46 7.12 -0.95 -2.43
N ILE A 47 7.65 -1.90 -3.13
CA ILE A 47 8.28 -3.07 -2.47
C ILE A 47 9.54 -2.66 -1.71
N ALA A 48 10.33 -1.78 -2.25
CA ALA A 48 11.60 -1.39 -1.55
C ALA A 48 11.33 -0.64 -0.24
N TRP A 49 10.51 0.37 -0.28
CA TRP A 49 10.26 1.14 0.98
C TRP A 49 9.28 0.39 1.89
N LEU A 50 8.22 -0.12 1.33
CA LEU A 50 7.22 -0.83 2.18
C LEU A 50 7.89 -2.00 2.90
N GLU A 51 8.69 -2.76 2.20
CA GLU A 51 9.36 -3.91 2.85
C GLU A 51 10.38 -3.40 3.89
N ASP A 52 11.05 -2.32 3.57
CA ASP A 52 12.07 -1.78 4.53
C ASP A 52 11.40 -1.35 5.84
N ARG A 53 10.22 -0.81 5.78
CA ARG A 53 9.52 -0.35 7.02
C ARG A 53 9.36 -1.49 8.02
N PHE A 54 9.05 -2.67 7.57
CA PHE A 54 8.87 -3.80 8.52
C PHE A 54 10.19 -4.55 8.72
N GLY A 55 11.22 -4.18 8.01
CA GLY A 55 12.52 -4.88 8.17
C GLY A 55 12.42 -6.24 7.50
N ILE A 56 11.61 -6.34 6.48
CA ILE A 56 11.44 -7.63 5.78
C ILE A 56 11.99 -7.53 4.36
N ALA A 57 12.40 -8.63 3.80
CA ALA A 57 12.95 -8.60 2.41
C ALA A 57 11.85 -8.99 1.42
N ALA A 58 11.79 -8.32 0.30
CA ALA A 58 10.73 -8.64 -0.71
C ALA A 58 10.92 -10.08 -1.20
N ASP A 59 12.13 -10.56 -1.24
CA ASP A 59 12.36 -11.95 -1.71
C ASP A 59 11.54 -12.92 -0.87
N ASP A 60 11.44 -12.69 0.40
CA ASP A 60 10.65 -13.61 1.27
C ASP A 60 9.19 -13.63 0.81
N VAL A 61 8.65 -12.50 0.48
CA VAL A 61 7.23 -12.44 0.02
C VAL A 61 7.12 -11.66 -1.28
N GLU A 62 6.41 -12.17 -2.24
CA GLU A 62 6.26 -11.45 -3.53
C GLU A 62 4.88 -10.80 -3.60
N LEU A 63 4.81 -9.56 -4.01
CA LEU A 63 3.49 -8.87 -4.09
C LEU A 63 2.96 -8.97 -5.53
N SER A 64 1.68 -9.15 -5.69
CA SER A 64 1.09 -9.24 -7.04
C SER A 64 0.27 -7.98 -7.29
N PRO A 65 0.05 -7.62 -8.53
CA PRO A 65 -0.74 -6.41 -8.87
C PRO A 65 -2.07 -6.40 -8.10
N GLU A 66 -2.50 -7.55 -7.68
CA GLU A 66 -3.77 -7.64 -6.90
C GLU A 66 -3.57 -7.04 -5.52
N HIS A 67 -2.37 -7.12 -5.01
CA HIS A 67 -2.11 -6.55 -3.66
C HIS A 67 -2.28 -5.03 -3.71
N PHE A 68 -2.27 -4.49 -4.90
CA PHE A 68 -2.42 -3.02 -5.04
C PHE A 68 -3.88 -2.70 -5.35
N ARG A 69 -4.74 -3.65 -5.14
CA ARG A 69 -6.18 -3.46 -5.42
C ARG A 69 -6.67 -2.16 -4.76
N SER A 70 -6.17 -1.83 -3.60
CA SER A 70 -6.61 -0.58 -2.93
C SER A 70 -5.62 -0.19 -1.83
N ILE A 71 -5.54 1.08 -1.52
CA ILE A 71 -4.62 1.55 -0.46
C ILE A 71 -4.96 0.84 0.86
N ARG A 72 -6.21 0.74 1.15
CA ARG A 72 -6.64 0.06 2.40
C ARG A 72 -6.12 -1.38 2.39
N SER A 73 -6.17 -2.02 1.25
CA SER A 73 -5.67 -3.42 1.16
C SER A 73 -4.17 -3.45 1.45
N ILE A 74 -3.43 -2.50 0.95
CA ILE A 74 -1.97 -2.48 1.19
C ILE A 74 -1.70 -2.43 2.69
N ASP A 75 -2.34 -1.53 3.39
CA ASP A 75 -2.13 -1.45 4.85
C ASP A 75 -2.50 -2.78 5.49
N ALA A 76 -3.61 -3.33 5.08
CA ALA A 76 -4.05 -4.63 5.65
C ALA A 76 -3.09 -5.75 5.24
N PHE A 77 -2.60 -5.70 4.03
CA PHE A 77 -1.66 -6.76 3.59
C PHE A 77 -0.40 -6.71 4.44
N VAL A 78 0.17 -5.55 4.62
CA VAL A 78 1.40 -5.43 5.45
C VAL A 78 1.09 -5.81 6.89
N VAL A 79 0.04 -5.27 7.45
CA VAL A 79 -0.31 -5.60 8.86
C VAL A 79 -0.81 -7.05 8.93
N GLY A 80 -1.71 -7.39 8.07
CA GLY A 80 -2.25 -8.78 8.06
C GLY A 80 -1.16 -9.78 7.68
N ALA A 81 -0.17 -9.35 6.94
CA ALA A 81 0.91 -10.29 6.52
C ALA A 81 1.72 -10.71 7.75
N THR A 82 1.97 -9.81 8.65
CA THR A 82 2.76 -10.18 9.87
C THR A 82 1.84 -10.83 10.90
N THR A 83 0.58 -10.47 10.89
CA THR A 83 -0.36 -11.07 11.87
C THR A 83 -1.64 -11.52 11.15
N PRO A 84 -2.29 -12.56 11.62
CA PRO A 84 -3.55 -13.06 11.00
C PRO A 84 -4.47 -11.91 10.57
N PRO A 85 -4.63 -11.69 9.29
CA PRO A 85 -5.51 -10.58 8.78
C PRO A 85 -6.95 -10.72 9.29
N VAL A 86 -7.61 -9.62 9.52
CA VAL A 86 -9.02 -9.69 10.00
C VAL A 86 -9.96 -9.39 8.83
N GLU A 87 -10.96 -10.22 8.64
CA GLU A 87 -11.92 -9.98 7.52
C GLU A 87 -11.17 -9.47 6.29
N ALA A 88 -10.29 -10.25 5.74
CA ALA A 88 -9.52 -9.81 4.54
C ALA A 88 -10.48 -9.15 3.54
N LYS A 89 -10.00 -8.19 2.79
CA LYS A 89 -10.87 -7.50 1.80
C LYS A 89 -11.49 -8.54 0.86
N LEU A 90 -10.78 -9.59 0.56
CA LEU A 90 -11.32 -10.63 -0.36
C LEU A 90 -12.26 -11.56 0.43
N GLN A 91 -13.33 -11.99 -0.18
CA GLN A 91 -14.27 -12.89 0.52
C GLN A 91 -14.66 -12.27 1.86
N SER A 1 -4.06 1.54 15.95
CA SER A 1 -2.99 0.51 16.15
C SER A 1 -3.02 -0.49 15.00
N GLU A 2 -4.15 -1.10 14.77
CA GLU A 2 -4.25 -2.09 13.66
C GLU A 2 -3.87 -1.42 12.34
N MET A 3 -4.20 -0.16 12.20
CA MET A 3 -3.87 0.56 10.94
C MET A 3 -2.36 0.57 10.74
N GLN A 4 -1.61 0.62 11.81
CA GLN A 4 -0.12 0.66 11.68
C GLN A 4 0.31 1.85 10.84
N HIS A 5 -0.21 3.03 11.16
CA HIS A 5 0.15 4.25 10.39
C HIS A 5 -0.58 4.28 9.05
N ALA A 6 -1.88 4.21 9.05
CA ALA A 6 -2.64 4.23 7.77
C ALA A 6 -2.39 5.57 7.05
N SER A 7 -2.38 6.65 7.79
CA SER A 7 -2.14 7.98 7.15
C SER A 7 -0.75 8.01 6.52
N VAL A 8 0.19 7.35 7.12
CA VAL A 8 1.57 7.35 6.55
C VAL A 8 1.55 6.63 5.20
N ILE A 9 0.83 5.55 5.12
CA ILE A 9 0.76 4.80 3.83
C ILE A 9 0.19 5.71 2.74
N ALA A 10 -0.85 6.44 3.05
CA ALA A 10 -1.44 7.35 2.05
C ALA A 10 -0.41 8.41 1.64
N GLN A 11 0.37 8.88 2.58
CA GLN A 11 1.40 9.91 2.25
C GLN A 11 2.35 9.34 1.20
N PHE A 12 2.72 8.09 1.34
CA PHE A 12 3.64 7.48 0.35
C PHE A 12 2.97 7.44 -1.02
N VAL A 13 1.71 7.11 -1.08
CA VAL A 13 1.02 7.03 -2.39
C VAL A 13 1.08 8.37 -3.12
N VAL A 14 0.72 9.45 -2.48
CA VAL A 14 0.77 10.75 -3.18
C VAL A 14 2.22 11.13 -3.49
N GLU A 15 3.12 10.86 -2.58
CA GLU A 15 4.55 11.21 -2.82
C GLU A 15 5.12 10.34 -3.94
N GLU A 16 4.50 9.23 -4.22
CA GLU A 16 5.02 8.35 -5.31
C GLU A 16 4.96 9.09 -6.65
N PHE A 17 4.02 9.98 -6.82
CA PHE A 17 3.94 10.71 -8.11
C PHE A 17 3.37 12.11 -7.90
N LEU A 18 2.48 12.27 -6.95
CA LEU A 18 1.89 13.62 -6.70
C LEU A 18 2.16 14.05 -5.25
N PRO A 19 3.33 14.55 -4.97
CA PRO A 19 3.70 15.00 -3.60
C PRO A 19 3.05 16.34 -3.23
N ASP A 20 2.49 17.01 -4.19
CA ASP A 20 1.85 18.33 -3.90
C ASP A 20 0.35 18.14 -3.63
N VAL A 21 -0.09 16.93 -3.43
CA VAL A 21 -1.54 16.70 -3.15
C VAL A 21 -1.73 16.26 -1.71
N ALA A 22 -2.69 16.83 -1.03
CA ALA A 22 -2.94 16.44 0.39
C ALA A 22 -3.65 15.07 0.43
N PRO A 23 -3.05 14.06 1.02
CA PRO A 23 -3.69 12.70 1.11
C PRO A 23 -5.11 12.77 1.66
N ALA A 24 -5.41 13.78 2.44
CA ALA A 24 -6.78 13.90 3.01
C ALA A 24 -7.79 14.12 1.89
N ASP A 25 -7.37 14.65 0.77
CA ASP A 25 -8.32 14.90 -0.35
C ASP A 25 -8.43 13.63 -1.21
N VAL A 26 -7.85 12.55 -0.77
CA VAL A 26 -7.93 11.28 -1.57
C VAL A 26 -8.82 10.28 -0.84
N ASP A 27 -9.73 9.67 -1.54
CA ASP A 27 -10.61 8.67 -0.87
C ASP A 27 -9.94 7.30 -0.92
N VAL A 28 -9.67 6.72 0.22
CA VAL A 28 -9.02 5.38 0.22
C VAL A 28 -10.05 4.31 -0.14
N ASP A 29 -11.25 4.72 -0.47
CA ASP A 29 -12.30 3.73 -0.83
C ASP A 29 -12.21 3.45 -2.34
N LEU A 30 -11.45 4.25 -3.04
CA LEU A 30 -11.30 4.04 -4.51
C LEU A 30 -10.05 3.20 -4.76
N ASP A 31 -10.13 2.25 -5.65
CA ASP A 31 -8.94 1.40 -5.92
C ASP A 31 -7.80 2.29 -6.41
N LEU A 32 -6.63 2.07 -5.87
CA LEU A 32 -5.46 2.89 -6.27
C LEU A 32 -5.07 2.60 -7.71
N VAL A 33 -5.18 1.37 -8.13
CA VAL A 33 -4.79 1.02 -9.53
C VAL A 33 -5.71 1.73 -10.52
N ASP A 34 -6.96 1.91 -10.19
CA ASP A 34 -7.88 2.60 -11.13
C ASP A 34 -7.24 3.93 -11.53
N ASN A 35 -6.52 4.53 -10.62
CA ASN A 35 -5.85 5.82 -10.92
C ASN A 35 -4.69 5.59 -11.89
N GLY A 36 -4.02 4.47 -11.77
CA GLY A 36 -2.87 4.19 -12.67
C GLY A 36 -1.60 4.81 -12.07
N VAL A 37 -1.71 5.33 -10.87
CA VAL A 37 -0.52 5.95 -10.23
C VAL A 37 0.56 4.88 -10.04
N ILE A 38 0.16 3.67 -9.78
CA ILE A 38 1.16 2.58 -9.59
C ILE A 38 1.54 1.99 -10.94
N ASP A 39 2.79 2.11 -11.30
CA ASP A 39 3.26 1.55 -12.60
C ASP A 39 4.24 0.41 -12.34
N ALA A 40 4.98 0.00 -13.33
CA ALA A 40 5.96 -1.10 -13.12
C ALA A 40 7.02 -0.64 -12.12
N LEU A 41 7.64 0.47 -12.40
CA LEU A 41 8.66 1.00 -11.45
C LEU A 41 7.92 1.45 -10.21
N GLY A 42 6.72 1.92 -10.39
CA GLY A 42 5.92 2.37 -9.23
C GLY A 42 5.74 1.19 -8.29
N LEU A 43 5.51 0.03 -8.82
CA LEU A 43 5.35 -1.17 -7.97
C LEU A 43 6.68 -1.46 -7.26
N LEU A 44 7.76 -1.34 -7.97
CA LEU A 44 9.09 -1.59 -7.35
C LEU A 44 9.28 -0.62 -6.19
N LYS A 45 8.97 0.62 -6.39
CA LYS A 45 9.12 1.62 -5.31
C LYS A 45 8.24 1.23 -4.12
N VAL A 46 7.10 0.67 -4.39
CA VAL A 46 6.18 0.27 -3.29
C VAL A 46 6.90 -0.76 -2.40
N ILE A 47 7.57 -1.70 -3.00
CA ILE A 47 8.25 -2.75 -2.20
C ILE A 47 9.43 -2.15 -1.40
N ALA A 48 10.16 -1.24 -1.99
CA ALA A 48 11.35 -0.67 -1.28
C ALA A 48 10.94 0.17 -0.06
N TRP A 49 10.01 1.07 -0.20
CA TRP A 49 9.64 1.90 0.98
C TRP A 49 8.73 1.13 1.92
N LEU A 50 7.72 0.48 1.40
CA LEU A 50 6.78 -0.26 2.30
C LEU A 50 7.55 -1.30 3.11
N GLU A 51 8.46 -2.01 2.51
CA GLU A 51 9.22 -3.04 3.27
C GLU A 51 10.18 -2.34 4.24
N ASP A 52 10.75 -1.24 3.85
CA ASP A 52 11.69 -0.52 4.75
C ASP A 52 10.95 -0.04 6.01
N ARG A 53 9.73 0.39 5.86
CA ARG A 53 8.96 0.89 7.03
C ARG A 53 8.77 -0.20 8.10
N PHE A 54 8.55 -1.41 7.71
CA PHE A 54 8.35 -2.48 8.73
C PHE A 54 9.66 -3.24 8.98
N GLY A 55 10.67 -2.96 8.21
CA GLY A 55 11.97 -3.66 8.41
C GLY A 55 11.81 -5.11 7.97
N ILE A 56 10.97 -5.35 7.00
CA ILE A 56 10.75 -6.74 6.53
C ILE A 56 11.38 -6.91 5.14
N ALA A 57 11.77 -8.12 4.81
CA ALA A 57 12.39 -8.36 3.48
C ALA A 57 11.37 -9.04 2.57
N ALA A 58 11.54 -8.92 1.28
CA ALA A 58 10.59 -9.55 0.33
C ALA A 58 10.56 -11.06 0.59
N ASP A 59 11.63 -11.60 1.12
CA ASP A 59 11.69 -13.06 1.40
C ASP A 59 11.50 -13.82 0.10
N ASP A 60 12.08 -13.33 -0.96
CA ASP A 60 11.94 -14.01 -2.28
C ASP A 60 10.47 -14.22 -2.63
N VAL A 61 9.65 -13.22 -2.43
CA VAL A 61 8.21 -13.35 -2.76
C VAL A 61 7.83 -12.28 -3.80
N GLU A 62 7.10 -12.65 -4.81
CA GLU A 62 6.71 -11.67 -5.85
C GLU A 62 5.25 -11.24 -5.63
N LEU A 63 4.99 -9.96 -5.65
CA LEU A 63 3.60 -9.48 -5.45
C LEU A 63 2.94 -9.26 -6.81
N SER A 64 1.65 -9.48 -6.90
CA SER A 64 0.95 -9.29 -8.19
C SER A 64 0.16 -7.99 -8.14
N PRO A 65 -0.14 -7.42 -9.27
CA PRO A 65 -0.91 -6.15 -9.35
C PRO A 65 -2.17 -6.22 -8.48
N GLU A 66 -2.60 -7.41 -8.16
CA GLU A 66 -3.80 -7.58 -7.30
C GLU A 66 -3.51 -7.08 -5.89
N HIS A 67 -2.29 -7.23 -5.45
CA HIS A 67 -1.93 -6.78 -4.09
C HIS A 67 -2.05 -5.25 -4.03
N PHE A 68 -2.05 -4.63 -5.17
CA PHE A 68 -2.16 -3.15 -5.22
C PHE A 68 -3.59 -2.79 -5.59
N ARG A 69 -4.48 -3.73 -5.49
CA ARG A 69 -5.91 -3.49 -5.82
C ARG A 69 -6.37 -2.17 -5.18
N SER A 70 -5.93 -1.88 -3.98
CA SER A 70 -6.35 -0.62 -3.33
C SER A 70 -5.43 -0.30 -2.15
N ILE A 71 -5.39 0.93 -1.74
CA ILE A 71 -4.54 1.30 -0.59
C ILE A 71 -4.97 0.46 0.61
N ARG A 72 -6.24 0.19 0.71
CA ARG A 72 -6.75 -0.62 1.84
C ARG A 72 -6.03 -1.98 1.83
N SER A 73 -5.87 -2.55 0.67
CA SER A 73 -5.20 -3.87 0.57
C SER A 73 -3.74 -3.74 0.99
N ILE A 74 -3.09 -2.66 0.63
CA ILE A 74 -1.67 -2.48 1.00
C ILE A 74 -1.52 -2.53 2.52
N ASP A 75 -2.29 -1.75 3.23
CA ASP A 75 -2.19 -1.77 4.71
C ASP A 75 -2.56 -3.16 5.21
N ALA A 76 -3.57 -3.75 4.63
CA ALA A 76 -4.00 -5.10 5.05
C ALA A 76 -2.91 -6.12 4.71
N PHE A 77 -2.25 -5.96 3.60
CA PHE A 77 -1.18 -6.93 3.22
C PHE A 77 -0.09 -6.94 4.29
N VAL A 78 0.39 -5.78 4.68
CA VAL A 78 1.46 -5.72 5.71
C VAL A 78 0.90 -6.22 7.05
N VAL A 79 -0.25 -5.74 7.43
CA VAL A 79 -0.84 -6.18 8.72
C VAL A 79 -1.20 -7.66 8.64
N GLY A 80 -1.73 -8.09 7.52
CA GLY A 80 -2.11 -9.51 7.35
C GLY A 80 -0.88 -10.41 7.52
N ALA A 81 0.26 -9.98 7.05
CA ALA A 81 1.48 -10.83 7.16
C ALA A 81 2.00 -10.85 8.61
N THR A 82 2.01 -9.72 9.27
CA THR A 82 2.51 -9.70 10.67
C THR A 82 1.40 -10.13 11.62
N THR A 83 0.20 -9.76 11.32
CA THR A 83 -0.94 -10.13 12.20
C THR A 83 -2.09 -10.65 11.33
N PRO A 84 -2.93 -11.50 11.87
CA PRO A 84 -4.08 -12.04 11.10
C PRO A 84 -4.78 -10.95 10.29
N PRO A 85 -5.27 -11.26 9.11
CA PRO A 85 -5.94 -10.25 8.25
C PRO A 85 -7.18 -9.64 8.90
N VAL A 86 -7.36 -8.37 8.72
CA VAL A 86 -8.55 -7.70 9.33
C VAL A 86 -9.59 -7.45 8.23
N GLU A 87 -10.80 -7.85 8.45
CA GLU A 87 -11.87 -7.63 7.42
C GLU A 87 -11.28 -7.80 6.01
N ALA A 88 -10.41 -8.75 5.83
CA ALA A 88 -9.78 -8.95 4.50
C ALA A 88 -10.89 -9.02 3.43
N LYS A 89 -10.62 -8.50 2.26
CA LYS A 89 -11.64 -8.53 1.18
C LYS A 89 -12.02 -9.98 0.89
N LEU A 90 -11.10 -10.89 1.02
CA LEU A 90 -11.42 -12.32 0.74
C LEU A 90 -11.94 -12.98 2.02
N GLN A 91 -12.91 -13.84 1.92
CA GLN A 91 -13.46 -14.53 3.12
C GLN A 91 -13.26 -16.03 2.99
N SER A 1 -9.34 -0.57 13.12
CA SER A 1 -7.86 -0.39 13.13
C SER A 1 -7.26 -1.06 11.89
N GLU A 2 -8.09 -1.56 11.01
CA GLU A 2 -7.56 -2.22 9.79
C GLU A 2 -6.70 -1.23 9.00
N MET A 3 -7.05 0.03 9.04
CA MET A 3 -6.25 1.05 8.30
C MET A 3 -4.80 1.01 8.78
N GLN A 4 -4.59 0.77 10.05
CA GLN A 4 -3.20 0.73 10.57
C GLN A 4 -2.40 1.90 10.03
N HIS A 5 -2.65 3.10 10.51
CA HIS A 5 -1.90 4.29 10.03
C HIS A 5 -2.14 4.46 8.53
N ALA A 6 -3.37 4.61 8.11
CA ALA A 6 -3.63 4.80 6.65
C ALA A 6 -2.93 6.07 6.15
N SER A 7 -2.85 7.07 6.98
CA SER A 7 -2.19 8.34 6.56
C SER A 7 -0.75 8.06 6.15
N VAL A 8 -0.08 7.18 6.85
CA VAL A 8 1.33 6.87 6.50
C VAL A 8 1.37 6.23 5.11
N ILE A 9 0.51 5.28 4.88
CA ILE A 9 0.48 4.60 3.54
C ILE A 9 0.16 5.65 2.47
N ALA A 10 -0.82 6.47 2.72
CA ALA A 10 -1.20 7.51 1.73
C ALA A 10 -0.02 8.47 1.54
N GLN A 11 0.72 8.73 2.58
CA GLN A 11 1.88 9.66 2.46
C GLN A 11 2.91 9.10 1.48
N PHE A 12 3.18 7.83 1.53
CA PHE A 12 4.20 7.26 0.59
C PHE A 12 3.69 7.29 -0.85
N VAL A 13 2.51 6.80 -1.09
CA VAL A 13 2.01 6.81 -2.49
C VAL A 13 1.79 8.25 -2.95
N VAL A 14 1.31 9.09 -2.08
CA VAL A 14 1.10 10.51 -2.46
C VAL A 14 2.45 11.15 -2.79
N GLU A 15 3.44 10.95 -1.96
CA GLU A 15 4.78 11.54 -2.23
C GLU A 15 5.48 10.77 -3.35
N GLU A 16 5.02 9.58 -3.64
CA GLU A 16 5.67 8.77 -4.70
C GLU A 16 5.54 9.46 -6.07
N PHE A 17 4.47 10.16 -6.31
CA PHE A 17 4.32 10.84 -7.63
C PHE A 17 3.40 12.06 -7.50
N LEU A 18 2.60 12.12 -6.46
CA LEU A 18 1.68 13.28 -6.30
C LEU A 18 1.96 13.98 -4.98
N PRO A 19 2.97 14.80 -4.94
CA PRO A 19 3.35 15.55 -3.71
C PRO A 19 2.48 16.79 -3.47
N ASP A 20 1.78 17.24 -4.48
CA ASP A 20 0.92 18.44 -4.31
C ASP A 20 -0.49 18.03 -3.87
N VAL A 21 -0.67 16.78 -3.52
CA VAL A 21 -2.03 16.31 -3.07
C VAL A 21 -1.99 15.99 -1.58
N ALA A 22 -2.98 16.41 -0.85
CA ALA A 22 -3.00 16.12 0.62
C ALA A 22 -3.44 14.67 0.84
N PRO A 23 -2.61 13.83 1.43
CA PRO A 23 -2.98 12.41 1.70
C PRO A 23 -4.31 12.31 2.45
N ALA A 24 -4.58 13.22 3.33
CA ALA A 24 -5.85 13.18 4.10
C ALA A 24 -7.02 13.42 3.13
N ASP A 25 -6.74 14.05 2.02
CA ASP A 25 -7.82 14.32 1.02
C ASP A 25 -8.00 13.12 0.11
N VAL A 26 -7.33 12.03 0.41
CA VAL A 26 -7.47 10.82 -0.45
C VAL A 26 -8.41 9.82 0.23
N ASP A 27 -9.35 9.29 -0.49
CA ASP A 27 -10.29 8.31 0.13
C ASP A 27 -9.70 6.90 -0.01
N VAL A 28 -9.46 6.25 1.09
CA VAL A 28 -8.90 4.88 1.02
C VAL A 28 -9.95 3.91 0.47
N ASP A 29 -11.08 4.43 0.07
CA ASP A 29 -12.15 3.55 -0.49
C ASP A 29 -12.04 3.54 -2.00
N LEU A 30 -11.13 4.30 -2.55
CA LEU A 30 -10.97 4.32 -4.02
C LEU A 30 -9.80 3.43 -4.41
N ASP A 31 -9.94 2.64 -5.44
CA ASP A 31 -8.83 1.74 -5.84
C ASP A 31 -7.59 2.58 -6.15
N LEU A 32 -6.46 2.15 -5.69
CA LEU A 32 -5.20 2.90 -5.92
C LEU A 32 -4.82 2.88 -7.41
N VAL A 33 -5.06 1.79 -8.06
CA VAL A 33 -4.69 1.70 -9.51
C VAL A 33 -5.52 2.68 -10.34
N ASP A 34 -6.75 2.90 -9.98
CA ASP A 34 -7.58 3.86 -10.76
C ASP A 34 -6.81 5.17 -10.87
N ASN A 35 -6.08 5.50 -9.85
CA ASN A 35 -5.28 6.76 -9.86
C ASN A 35 -4.11 6.64 -10.85
N GLY A 36 -3.55 5.46 -10.96
CA GLY A 36 -2.41 5.28 -11.89
C GLY A 36 -1.11 5.65 -11.16
N VAL A 37 -1.21 5.92 -9.89
CA VAL A 37 0.01 6.28 -9.11
C VAL A 37 0.98 5.10 -9.15
N ILE A 38 0.46 3.91 -9.23
CA ILE A 38 1.36 2.71 -9.27
C ILE A 38 1.61 2.33 -10.73
N ASP A 39 2.85 2.09 -11.06
CA ASP A 39 3.22 1.69 -12.44
C ASP A 39 4.28 0.60 -12.38
N ALA A 40 4.91 0.28 -13.48
CA ALA A 40 5.95 -0.78 -13.43
C ALA A 40 7.08 -0.32 -12.52
N LEU A 41 7.63 0.82 -12.78
CA LEU A 41 8.71 1.34 -11.90
C LEU A 41 8.04 1.76 -10.60
N GLY A 42 6.84 2.27 -10.69
CA GLY A 42 6.11 2.68 -9.48
C GLY A 42 5.94 1.48 -8.56
N LEU A 43 5.67 0.33 -9.13
CA LEU A 43 5.51 -0.89 -8.31
C LEU A 43 6.86 -1.21 -7.64
N LEU A 44 7.92 -1.13 -8.40
CA LEU A 44 9.25 -1.42 -7.81
C LEU A 44 9.51 -0.47 -6.65
N LYS A 45 9.25 0.78 -6.84
CA LYS A 45 9.47 1.76 -5.74
C LYS A 45 8.59 1.40 -4.54
N VAL A 46 7.41 0.89 -4.80
CA VAL A 46 6.49 0.53 -3.69
C VAL A 46 7.11 -0.57 -2.82
N ILE A 47 7.58 -1.62 -3.43
CA ILE A 47 8.19 -2.73 -2.64
C ILE A 47 9.51 -2.27 -2.02
N ALA A 48 10.21 -1.37 -2.65
CA ALA A 48 11.52 -0.92 -2.10
C ALA A 48 11.37 -0.18 -0.78
N TRP A 49 10.48 0.78 -0.70
CA TRP A 49 10.34 1.53 0.59
C TRP A 49 9.47 0.74 1.57
N LEU A 50 8.42 0.12 1.08
CA LEU A 50 7.53 -0.64 2.00
C LEU A 50 8.33 -1.78 2.63
N GLU A 51 9.16 -2.45 1.88
CA GLU A 51 9.95 -3.55 2.46
C GLU A 51 11.05 -2.98 3.35
N ASP A 52 11.60 -1.86 2.95
CA ASP A 52 12.70 -1.22 3.75
C ASP A 52 12.19 -0.75 5.13
N ARG A 53 11.02 -0.18 5.20
CA ARG A 53 10.54 0.35 6.50
C ARG A 53 10.16 -0.79 7.46
N PHE A 54 9.62 -1.87 6.97
CA PHE A 54 9.25 -2.99 7.90
C PHE A 54 10.49 -3.83 8.20
N GLY A 55 11.53 -3.68 7.44
CA GLY A 55 12.76 -4.47 7.69
C GLY A 55 12.54 -5.87 7.14
N ILE A 56 11.62 -6.01 6.23
CA ILE A 56 11.35 -7.36 5.64
C ILE A 56 11.73 -7.36 4.17
N ALA A 57 12.06 -8.50 3.63
CA ALA A 57 12.45 -8.56 2.19
C ALA A 57 11.27 -9.08 1.36
N ALA A 58 10.97 -8.42 0.27
CA ALA A 58 9.84 -8.87 -0.58
C ALA A 58 10.20 -10.19 -1.27
N ASP A 59 11.46 -10.47 -1.42
CA ASP A 59 11.88 -11.73 -2.08
C ASP A 59 11.24 -12.93 -1.38
N ASP A 60 11.10 -12.87 -0.08
CA ASP A 60 10.49 -14.03 0.65
C ASP A 60 9.11 -14.34 0.07
N VAL A 61 8.35 -13.33 -0.27
CA VAL A 61 6.99 -13.56 -0.83
C VAL A 61 6.85 -12.81 -2.16
N GLU A 62 6.27 -13.43 -3.14
CA GLU A 62 6.11 -12.74 -4.46
C GLU A 62 4.80 -11.96 -4.45
N LEU A 63 4.85 -10.70 -4.77
CA LEU A 63 3.62 -9.87 -4.77
C LEU A 63 3.16 -9.62 -6.21
N SER A 64 1.88 -9.63 -6.46
CA SER A 64 1.38 -9.38 -7.84
C SER A 64 0.71 -8.00 -7.87
N PRO A 65 0.71 -7.37 -9.01
CA PRO A 65 0.10 -6.02 -9.17
C PRO A 65 -1.39 -6.01 -8.78
N GLU A 66 -2.02 -7.14 -8.80
CA GLU A 66 -3.47 -7.21 -8.44
C GLU A 66 -3.64 -6.93 -6.96
N HIS A 67 -2.68 -7.27 -6.17
CA HIS A 67 -2.80 -7.02 -4.70
C HIS A 67 -2.82 -5.51 -4.47
N PHE A 68 -2.34 -4.75 -5.40
CA PHE A 68 -2.31 -3.28 -5.23
C PHE A 68 -3.61 -2.70 -5.77
N ARG A 69 -4.57 -3.54 -6.03
CA ARG A 69 -5.88 -3.07 -6.54
C ARG A 69 -6.40 -1.91 -5.67
N SER A 70 -6.13 -1.95 -4.39
CA SER A 70 -6.60 -0.86 -3.50
C SER A 70 -5.65 -0.71 -2.31
N ILE A 71 -5.58 0.46 -1.74
CA ILE A 71 -4.70 0.68 -0.57
C ILE A 71 -5.14 -0.25 0.56
N ARG A 72 -6.42 -0.49 0.65
CA ARG A 72 -6.94 -1.38 1.73
C ARG A 72 -6.27 -2.74 1.66
N SER A 73 -6.17 -3.30 0.48
CA SER A 73 -5.53 -4.64 0.33
C SER A 73 -4.06 -4.55 0.72
N ILE A 74 -3.37 -3.55 0.24
CA ILE A 74 -1.93 -3.40 0.56
C ILE A 74 -1.75 -3.28 2.08
N ASP A 75 -2.59 -2.52 2.72
CA ASP A 75 -2.46 -2.35 4.18
C ASP A 75 -2.63 -3.71 4.87
N ALA A 76 -3.52 -4.54 4.39
CA ALA A 76 -3.74 -5.87 5.04
C ALA A 76 -2.51 -6.75 4.86
N PHE A 77 -1.98 -6.83 3.67
CA PHE A 77 -0.78 -7.69 3.45
C PHE A 77 0.41 -7.13 4.22
N VAL A 78 0.60 -5.83 4.18
CA VAL A 78 1.72 -5.23 4.91
C VAL A 78 1.54 -5.51 6.41
N VAL A 79 0.34 -5.40 6.90
CA VAL A 79 0.09 -5.68 8.34
C VAL A 79 0.36 -7.16 8.61
N GLY A 80 -0.05 -8.01 7.72
CA GLY A 80 0.19 -9.48 7.90
C GLY A 80 1.69 -9.75 8.05
N ALA A 81 2.50 -8.81 7.66
CA ALA A 81 3.98 -9.03 7.75
C ALA A 81 4.41 -9.10 9.22
N THR A 82 3.79 -8.35 10.09
CA THR A 82 4.20 -8.39 11.53
C THR A 82 2.97 -8.48 12.44
N THR A 83 1.81 -8.12 11.95
CA THR A 83 0.59 -8.19 12.80
C THR A 83 -0.53 -8.86 12.01
N PRO A 84 -1.45 -9.50 12.68
CA PRO A 84 -2.60 -10.19 12.02
C PRO A 84 -3.53 -9.19 11.32
N PRO A 85 -3.99 -9.48 10.12
CA PRO A 85 -4.90 -8.56 9.38
C PRO A 85 -6.27 -8.45 10.03
N VAL A 86 -6.88 -7.29 9.92
CA VAL A 86 -8.23 -7.10 10.52
C VAL A 86 -9.28 -7.15 9.40
N GLU A 87 -10.34 -7.90 9.61
CA GLU A 87 -11.40 -7.98 8.56
C GLU A 87 -10.75 -8.07 7.18
N ALA A 88 -9.87 -9.02 6.98
CA ALA A 88 -9.20 -9.15 5.65
C ALA A 88 -10.25 -9.20 4.55
N LYS A 89 -9.91 -8.76 3.37
CA LYS A 89 -10.89 -8.79 2.25
C LYS A 89 -11.26 -10.23 1.92
N LEU A 90 -12.48 -10.47 1.55
CA LEU A 90 -12.89 -11.87 1.21
C LEU A 90 -12.34 -12.83 2.26
N GLN A 91 -13.05 -13.04 3.34
CA GLN A 91 -12.56 -13.97 4.39
C GLN A 91 -12.53 -15.40 3.84
N SER A 1 -6.43 6.31 7.90
CA SER A 1 -6.08 5.72 9.23
C SER A 1 -7.11 4.65 9.60
N GLU A 2 -7.84 4.16 8.64
CA GLU A 2 -8.86 3.11 8.93
C GLU A 2 -8.16 1.86 9.50
N MET A 3 -6.98 1.58 9.04
CA MET A 3 -6.25 0.39 9.54
C MET A 3 -5.33 0.81 10.68
N GLN A 4 -4.05 0.57 10.52
CA GLN A 4 -3.07 0.96 11.58
C GLN A 4 -2.23 2.11 11.03
N HIS A 5 -1.35 1.81 10.12
CA HIS A 5 -0.50 2.87 9.52
C HIS A 5 -1.04 3.17 8.13
N ALA A 6 -2.29 2.86 7.90
CA ALA A 6 -2.89 3.11 6.56
C ALA A 6 -2.68 4.56 6.15
N SER A 7 -2.83 5.48 7.07
CA SER A 7 -2.63 6.92 6.72
C SER A 7 -1.19 7.13 6.23
N VAL A 8 -0.24 6.48 6.86
CA VAL A 8 1.18 6.64 6.44
C VAL A 8 1.34 6.17 5.00
N ILE A 9 0.75 5.06 4.66
CA ILE A 9 0.86 4.55 3.27
C ILE A 9 0.28 5.58 2.31
N ALA A 10 -0.80 6.19 2.68
CA ALA A 10 -1.43 7.21 1.80
C ALA A 10 -0.43 8.35 1.59
N GLN A 11 0.34 8.68 2.58
CA GLN A 11 1.33 9.78 2.43
C GLN A 11 2.40 9.38 1.41
N PHE A 12 2.83 8.14 1.44
CA PHE A 12 3.88 7.69 0.48
C PHE A 12 3.39 7.78 -0.97
N VAL A 13 2.24 7.23 -1.25
CA VAL A 13 1.73 7.28 -2.65
C VAL A 13 1.57 8.74 -3.09
N VAL A 14 1.05 9.57 -2.24
CA VAL A 14 0.88 11.00 -2.62
C VAL A 14 2.25 11.62 -2.86
N GLU A 15 3.18 11.41 -1.98
CA GLU A 15 4.55 11.99 -2.15
C GLU A 15 5.28 11.25 -3.27
N GLU A 16 4.89 10.04 -3.55
CA GLU A 16 5.57 9.27 -4.61
C GLU A 16 5.38 9.92 -5.99
N PHE A 17 4.27 10.56 -6.21
CA PHE A 17 4.05 11.20 -7.55
C PHE A 17 3.35 12.55 -7.40
N LEU A 18 2.47 12.69 -6.45
CA LEU A 18 1.76 13.99 -6.28
C LEU A 18 2.06 14.57 -4.89
N PRO A 19 3.20 15.19 -4.73
CA PRO A 19 3.60 15.79 -3.44
C PRO A 19 2.90 17.14 -3.19
N ASP A 20 2.33 17.72 -4.20
CA ASP A 20 1.64 19.03 -4.03
C ASP A 20 0.19 18.79 -3.62
N VAL A 21 -0.19 17.56 -3.39
CA VAL A 21 -1.60 17.27 -2.99
C VAL A 21 -1.64 16.82 -1.53
N ALA A 22 -2.55 17.34 -0.76
CA ALA A 22 -2.65 16.93 0.67
C ALA A 22 -3.19 15.50 0.76
N PRO A 23 -2.44 14.57 1.30
CA PRO A 23 -2.92 13.15 1.43
C PRO A 23 -4.30 13.08 2.09
N ALA A 24 -4.63 14.02 2.93
CA ALA A 24 -5.96 14.00 3.60
C ALA A 24 -7.05 14.20 2.54
N ASP A 25 -6.71 14.79 1.44
CA ASP A 25 -7.73 15.01 0.37
C ASP A 25 -7.92 13.73 -0.46
N VAL A 26 -7.26 12.67 -0.07
CA VAL A 26 -7.40 11.39 -0.83
C VAL A 26 -8.19 10.40 -0.01
N ASP A 27 -9.15 9.75 -0.60
CA ASP A 27 -9.94 8.75 0.16
C ASP A 27 -9.24 7.39 0.08
N VAL A 28 -8.87 6.83 1.19
CA VAL A 28 -8.20 5.51 1.17
C VAL A 28 -9.25 4.42 0.91
N ASP A 29 -10.47 4.81 0.67
CA ASP A 29 -11.53 3.81 0.40
C ASP A 29 -11.64 3.60 -1.11
N LEU A 30 -10.87 4.34 -1.87
CA LEU A 30 -10.92 4.20 -3.35
C LEU A 30 -9.79 3.27 -3.79
N ASP A 31 -10.05 2.40 -4.72
CA ASP A 31 -8.98 1.47 -5.18
C ASP A 31 -7.82 2.27 -5.75
N LEU A 32 -6.62 1.88 -5.43
CA LEU A 32 -5.42 2.60 -5.92
C LEU A 32 -5.17 2.28 -7.40
N VAL A 33 -5.41 1.08 -7.81
CA VAL A 33 -5.17 0.70 -9.23
C VAL A 33 -6.09 1.50 -10.15
N ASP A 34 -7.31 1.72 -9.76
CA ASP A 34 -8.23 2.49 -10.63
C ASP A 34 -7.58 3.83 -10.97
N ASN A 35 -6.82 4.34 -10.05
CA ASN A 35 -6.13 5.65 -10.29
C ASN A 35 -5.02 5.47 -11.33
N GLY A 36 -4.36 4.34 -11.32
CA GLY A 36 -3.27 4.11 -12.30
C GLY A 36 -1.98 4.74 -11.78
N VAL A 37 -2.00 5.26 -10.58
CA VAL A 37 -0.78 5.88 -10.02
C VAL A 37 0.32 4.83 -9.94
N ILE A 38 -0.05 3.60 -9.66
CA ILE A 38 0.96 2.52 -9.57
C ILE A 38 1.40 2.08 -10.96
N ASP A 39 2.62 2.36 -11.31
CA ASP A 39 3.14 1.97 -12.65
C ASP A 39 4.18 0.87 -12.47
N ALA A 40 4.97 0.60 -13.48
CA ALA A 40 6.01 -0.46 -13.35
C ALA A 40 7.05 -0.01 -12.34
N LEU A 41 7.61 1.15 -12.53
CA LEU A 41 8.61 1.67 -11.56
C LEU A 41 7.86 2.02 -10.29
N GLY A 42 6.64 2.45 -10.43
CA GLY A 42 5.83 2.81 -9.24
C GLY A 42 5.70 1.58 -8.34
N LEU A 43 5.46 0.44 -8.93
CA LEU A 43 5.33 -0.81 -8.12
C LEU A 43 6.67 -1.12 -7.46
N LEU A 44 7.74 -0.98 -8.19
CA LEU A 44 9.08 -1.27 -7.61
C LEU A 44 9.32 -0.35 -6.41
N LYS A 45 9.03 0.90 -6.57
CA LYS A 45 9.25 1.87 -5.46
C LYS A 45 8.35 1.49 -4.27
N VAL A 46 7.18 0.99 -4.55
CA VAL A 46 6.25 0.62 -3.44
C VAL A 46 6.88 -0.46 -2.56
N ILE A 47 7.37 -1.52 -3.15
CA ILE A 47 7.99 -2.61 -2.36
C ILE A 47 9.30 -2.15 -1.71
N ALA A 48 10.03 -1.29 -2.37
CA ALA A 48 11.34 -0.84 -1.80
C ALA A 48 11.16 -0.04 -0.51
N TRP A 49 10.29 0.94 -0.51
CA TRP A 49 10.12 1.74 0.74
C TRP A 49 9.18 1.00 1.70
N LEU A 50 8.12 0.46 1.20
CA LEU A 50 7.17 -0.26 2.09
C LEU A 50 7.88 -1.40 2.81
N GLU A 51 8.71 -2.14 2.11
CA GLU A 51 9.43 -3.26 2.77
C GLU A 51 10.52 -2.71 3.70
N ASP A 52 11.15 -1.62 3.32
CA ASP A 52 12.21 -1.04 4.18
C ASP A 52 11.66 -0.65 5.54
N ARG A 53 10.46 -0.13 5.58
CA ARG A 53 9.86 0.30 6.88
C ARG A 53 9.71 -0.87 7.85
N PHE A 54 9.35 -2.03 7.37
CA PHE A 54 9.17 -3.18 8.29
C PHE A 54 10.44 -4.03 8.35
N GLY A 55 11.38 -3.76 7.50
CA GLY A 55 12.64 -4.56 7.51
C GLY A 55 12.35 -5.95 6.97
N ILE A 56 11.40 -6.05 6.08
CA ILE A 56 11.05 -7.39 5.52
C ILE A 56 11.54 -7.48 4.07
N ALA A 57 11.85 -8.65 3.61
CA ALA A 57 12.35 -8.80 2.22
C ALA A 57 11.22 -9.31 1.32
N ALA A 58 11.02 -8.70 0.19
CA ALA A 58 9.94 -9.16 -0.73
C ALA A 58 10.29 -10.54 -1.28
N ASP A 59 11.55 -10.86 -1.35
CA ASP A 59 11.96 -12.19 -1.88
C ASP A 59 11.27 -13.30 -1.10
N ASP A 60 11.05 -13.12 0.18
CA ASP A 60 10.39 -14.17 0.99
C ASP A 60 9.00 -14.48 0.42
N VAL A 61 8.32 -13.50 -0.10
CA VAL A 61 6.96 -13.74 -0.65
C VAL A 61 6.80 -13.00 -1.99
N GLU A 62 6.16 -13.60 -2.94
CA GLU A 62 5.99 -12.91 -4.26
C GLU A 62 4.75 -12.01 -4.20
N LEU A 63 4.83 -10.84 -4.77
CA LEU A 63 3.67 -9.92 -4.73
C LEU A 63 2.89 -10.04 -6.05
N SER A 64 1.58 -10.07 -5.97
CA SER A 64 0.76 -10.17 -7.21
C SER A 64 0.03 -8.84 -7.42
N PRO A 65 -0.33 -8.53 -8.63
CA PRO A 65 -1.04 -7.26 -8.95
C PRO A 65 -2.28 -7.08 -8.08
N GLU A 66 -2.82 -8.16 -7.58
CA GLU A 66 -4.04 -8.06 -6.72
C GLU A 66 -3.67 -7.44 -5.38
N HIS A 67 -2.44 -7.58 -4.97
CA HIS A 67 -2.02 -6.99 -3.67
C HIS A 67 -2.10 -5.47 -3.76
N PHE A 68 -2.09 -4.95 -4.94
CA PHE A 68 -2.17 -3.47 -5.10
C PHE A 68 -3.61 -3.08 -5.40
N ARG A 69 -4.52 -3.97 -5.15
CA ARG A 69 -5.96 -3.68 -5.41
C ARG A 69 -6.35 -2.36 -4.75
N SER A 70 -5.83 -2.07 -3.59
CA SER A 70 -6.20 -0.81 -2.90
C SER A 70 -5.20 -0.50 -1.78
N ILE A 71 -5.05 0.75 -1.45
CA ILE A 71 -4.10 1.14 -0.37
C ILE A 71 -4.50 0.43 0.93
N ARG A 72 -5.77 0.35 1.19
CA ARG A 72 -6.26 -0.32 2.41
C ARG A 72 -5.77 -1.77 2.42
N SER A 73 -5.82 -2.43 1.29
CA SER A 73 -5.35 -3.84 1.23
C SER A 73 -3.85 -3.89 1.49
N ILE A 74 -3.11 -2.94 0.97
CA ILE A 74 -1.65 -2.94 1.19
C ILE A 74 -1.34 -2.89 2.69
N ASP A 75 -1.99 -2.02 3.41
CA ASP A 75 -1.72 -1.94 4.87
C ASP A 75 -2.04 -3.30 5.51
N ALA A 76 -3.13 -3.88 5.12
CA ALA A 76 -3.50 -5.21 5.69
C ALA A 76 -2.50 -6.26 5.22
N PHE A 77 -2.04 -6.16 4.00
CA PHE A 77 -1.07 -7.16 3.49
C PHE A 77 0.23 -7.09 4.31
N VAL A 78 0.75 -5.91 4.51
CA VAL A 78 2.00 -5.78 5.29
C VAL A 78 1.74 -6.14 6.76
N VAL A 79 0.71 -5.60 7.34
CA VAL A 79 0.39 -5.94 8.76
C VAL A 79 -0.10 -7.38 8.82
N GLY A 80 -0.95 -7.75 7.92
CA GLY A 80 -1.49 -9.14 7.90
C GLY A 80 -0.35 -10.15 7.77
N ALA A 81 0.70 -9.79 7.10
CA ALA A 81 1.84 -10.74 6.91
C ALA A 81 2.55 -11.00 8.24
N THR A 82 2.76 -9.98 9.03
CA THR A 82 3.44 -10.18 10.33
C THR A 82 2.45 -10.74 11.35
N THR A 83 1.20 -10.37 11.22
CA THR A 83 0.17 -10.87 12.18
C THR A 83 -1.05 -11.33 11.38
N PRO A 84 -1.79 -12.30 11.88
CA PRO A 84 -3.00 -12.79 11.17
C PRO A 84 -3.82 -11.63 10.60
N PRO A 85 -4.34 -11.75 9.40
CA PRO A 85 -5.13 -10.67 8.77
C PRO A 85 -6.43 -10.37 9.51
N VAL A 86 -6.82 -9.14 9.53
CA VAL A 86 -8.09 -8.76 10.23
C VAL A 86 -9.17 -8.49 9.19
N GLU A 87 -10.33 -9.07 9.35
CA GLU A 87 -11.45 -8.85 8.38
C GLU A 87 -10.89 -8.68 6.96
N ALA A 88 -9.97 -9.53 6.57
CA ALA A 88 -9.39 -9.41 5.20
C ALA A 88 -10.52 -9.36 4.17
N LYS A 89 -10.32 -8.68 3.07
CA LYS A 89 -11.39 -8.61 2.03
C LYS A 89 -11.80 -10.03 1.61
N LEU A 90 -10.87 -10.93 1.57
CA LEU A 90 -11.20 -12.33 1.18
C LEU A 90 -11.43 -13.17 2.43
N GLN A 91 -12.39 -14.06 2.40
CA GLN A 91 -12.66 -14.91 3.59
C GLN A 91 -11.77 -16.15 3.54
N SER A 1 -4.45 -6.13 12.94
CA SER A 1 -5.48 -5.39 12.17
C SER A 1 -5.38 -3.90 12.47
N GLU A 2 -4.51 -3.52 13.38
CA GLU A 2 -4.36 -2.08 13.71
C GLU A 2 -4.00 -1.30 12.45
N MET A 3 -4.48 -0.10 12.32
CA MET A 3 -4.17 0.71 11.11
C MET A 3 -2.66 0.90 11.00
N GLN A 4 -1.97 1.02 12.11
CA GLN A 4 -0.50 1.22 12.06
C GLN A 4 -0.18 2.45 11.21
N HIS A 5 -0.84 3.55 11.48
CA HIS A 5 -0.60 4.79 10.70
C HIS A 5 -1.24 4.67 9.31
N ALA A 6 -2.52 4.42 9.25
CA ALA A 6 -3.19 4.29 7.93
C ALA A 6 -3.03 5.60 7.16
N SER A 7 -3.17 6.71 7.83
CA SER A 7 -3.03 8.02 7.15
C SER A 7 -1.62 8.15 6.56
N VAL A 8 -0.63 7.70 7.27
CA VAL A 8 0.77 7.78 6.75
C VAL A 8 0.87 7.00 5.46
N ILE A 9 0.27 5.85 5.40
CA ILE A 9 0.33 5.03 4.16
C ILE A 9 -0.26 5.82 3.00
N ALA A 10 -1.38 6.44 3.21
CA ALA A 10 -2.01 7.23 2.12
C ALA A 10 -1.07 8.38 1.73
N GLN A 11 -0.49 9.03 2.69
CA GLN A 11 0.45 10.14 2.37
C GLN A 11 1.67 9.58 1.63
N PHE A 12 2.05 8.37 1.96
CA PHE A 12 3.23 7.75 1.29
C PHE A 12 2.99 7.64 -0.21
N VAL A 13 1.87 7.09 -0.61
CA VAL A 13 1.60 6.96 -2.06
C VAL A 13 1.48 8.34 -2.69
N VAL A 14 0.86 9.27 -2.01
CA VAL A 14 0.72 10.65 -2.57
C VAL A 14 2.11 11.28 -2.71
N GLU A 15 2.95 11.15 -1.72
CA GLU A 15 4.30 11.75 -1.82
C GLU A 15 5.15 10.99 -2.84
N GLU A 16 4.96 9.71 -2.94
CA GLU A 16 5.75 8.91 -3.91
C GLU A 16 5.43 9.32 -5.35
N PHE A 17 4.21 9.72 -5.61
CA PHE A 17 3.84 10.11 -7.01
C PHE A 17 3.41 11.58 -7.08
N LEU A 18 2.45 11.98 -6.28
CA LEU A 18 1.97 13.40 -6.35
C LEU A 18 2.18 14.11 -5.00
N PRO A 19 3.39 14.56 -4.74
CA PRO A 19 3.70 15.29 -3.49
C PRO A 19 3.16 16.73 -3.50
N ASP A 20 2.81 17.24 -4.65
CA ASP A 20 2.28 18.62 -4.74
C ASP A 20 0.76 18.60 -4.61
N VAL A 21 0.18 17.47 -4.34
CA VAL A 21 -1.30 17.37 -4.21
C VAL A 21 -1.67 17.06 -2.75
N ALA A 22 -2.67 17.70 -2.23
CA ALA A 22 -3.07 17.43 -0.83
C ALA A 22 -3.69 16.02 -0.72
N PRO A 23 -3.10 15.11 0.02
CA PRO A 23 -3.64 13.73 0.18
C PRO A 23 -5.12 13.74 0.59
N ALA A 24 -5.56 14.77 1.25
CA ALA A 24 -6.98 14.84 1.68
C ALA A 24 -7.90 14.88 0.45
N ASP A 25 -7.40 15.31 -0.66
CA ASP A 25 -8.25 15.39 -1.89
C ASP A 25 -8.24 14.03 -2.62
N VAL A 26 -7.66 13.02 -2.02
CA VAL A 26 -7.62 11.69 -2.67
C VAL A 26 -8.58 10.74 -1.95
N ASP A 27 -9.43 10.08 -2.68
CA ASP A 27 -10.37 9.13 -2.02
C ASP A 27 -9.72 7.75 -1.95
N VAL A 28 -9.55 7.22 -0.76
CA VAL A 28 -8.94 5.87 -0.64
C VAL A 28 -9.98 4.82 -0.97
N ASP A 29 -11.16 5.24 -1.38
CA ASP A 29 -12.23 4.27 -1.73
C ASP A 29 -12.09 3.91 -3.22
N LEU A 30 -11.28 4.62 -3.93
CA LEU A 30 -11.09 4.32 -5.37
C LEU A 30 -9.88 3.40 -5.55
N ASP A 31 -9.97 2.45 -6.43
CA ASP A 31 -8.83 1.51 -6.63
C ASP A 31 -7.58 2.31 -7.02
N LEU A 32 -6.44 1.91 -6.52
CA LEU A 32 -5.18 2.63 -6.85
C LEU A 32 -4.75 2.35 -8.28
N VAL A 33 -4.93 1.13 -8.73
CA VAL A 33 -4.51 0.77 -10.11
C VAL A 33 -5.36 1.52 -11.14
N ASP A 34 -6.65 1.58 -10.92
CA ASP A 34 -7.52 2.30 -11.88
C ASP A 34 -6.98 3.71 -12.07
N ASN A 35 -6.41 4.27 -11.05
CA ASN A 35 -5.84 5.64 -11.15
C ASN A 35 -4.58 5.62 -12.02
N GLY A 36 -3.83 4.57 -11.98
CA GLY A 36 -2.58 4.49 -12.80
C GLY A 36 -1.43 5.12 -12.02
N VAL A 37 -1.65 5.44 -10.79
CA VAL A 37 -0.56 6.04 -9.96
C VAL A 37 0.57 5.04 -9.86
N ILE A 38 0.27 3.77 -9.96
CA ILE A 38 1.34 2.74 -9.84
C ILE A 38 1.86 2.39 -11.23
N ASP A 39 3.15 2.52 -11.42
CA ASP A 39 3.75 2.19 -12.74
C ASP A 39 4.72 1.01 -12.55
N ALA A 40 5.43 0.64 -13.57
CA ALA A 40 6.39 -0.50 -13.42
C ALA A 40 7.42 -0.13 -12.36
N LEU A 41 8.05 1.00 -12.53
CA LEU A 41 9.04 1.45 -11.52
C LEU A 41 8.27 1.84 -10.27
N GLY A 42 7.08 2.36 -10.47
CA GLY A 42 6.24 2.76 -9.31
C GLY A 42 6.00 1.55 -8.42
N LEU A 43 5.70 0.42 -9.01
CA LEU A 43 5.47 -0.79 -8.20
C LEU A 43 6.77 -1.20 -7.50
N LEU A 44 7.87 -1.11 -8.20
CA LEU A 44 9.18 -1.48 -7.58
C LEU A 44 9.43 -0.58 -6.36
N LYS A 45 9.23 0.69 -6.53
CA LYS A 45 9.46 1.63 -5.40
C LYS A 45 8.53 1.29 -4.23
N VAL A 46 7.34 0.86 -4.52
CA VAL A 46 6.38 0.51 -3.43
C VAL A 46 6.93 -0.62 -2.57
N ILE A 47 7.36 -1.68 -3.19
CA ILE A 47 7.90 -2.84 -2.41
C ILE A 47 9.23 -2.48 -1.77
N ALA A 48 10.03 -1.67 -2.41
CA ALA A 48 11.37 -1.34 -1.83
C ALA A 48 11.26 -0.49 -0.56
N TRP A 49 10.49 0.56 -0.58
CA TRP A 49 10.38 1.41 0.65
C TRP A 49 9.41 0.77 1.63
N LEU A 50 8.29 0.30 1.16
CA LEU A 50 7.29 -0.31 2.06
C LEU A 50 7.91 -1.49 2.82
N GLU A 51 8.68 -2.30 2.15
CA GLU A 51 9.31 -3.46 2.84
C GLU A 51 10.43 -2.98 3.75
N ASP A 52 11.16 -1.98 3.33
CA ASP A 52 12.28 -1.47 4.17
C ASP A 52 11.76 -0.99 5.53
N ARG A 53 10.62 -0.36 5.55
CA ARG A 53 10.08 0.15 6.84
C ARG A 53 9.81 -0.99 7.82
N PHE A 54 9.37 -2.12 7.37
CA PHE A 54 9.08 -3.24 8.30
C PHE A 54 10.29 -4.17 8.41
N GLY A 55 11.28 -3.97 7.58
CA GLY A 55 12.48 -4.85 7.64
C GLY A 55 12.12 -6.22 7.08
N ILE A 56 11.19 -6.26 6.16
CA ILE A 56 10.78 -7.56 5.57
C ILE A 56 11.26 -7.64 4.12
N ALA A 57 11.48 -8.82 3.62
CA ALA A 57 11.96 -8.96 2.21
C ALA A 57 10.80 -9.41 1.32
N ALA A 58 10.65 -8.80 0.18
CA ALA A 58 9.55 -9.19 -0.75
C ALA A 58 9.82 -10.59 -1.30
N ASP A 59 11.06 -10.97 -1.40
CA ASP A 59 11.39 -12.32 -1.93
C ASP A 59 10.68 -13.40 -1.11
N ASP A 60 10.58 -13.21 0.17
CA ASP A 60 9.91 -14.22 1.03
C ASP A 60 8.48 -14.48 0.53
N VAL A 61 7.79 -13.44 0.11
CA VAL A 61 6.39 -13.63 -0.39
C VAL A 61 6.25 -12.96 -1.76
N GLU A 62 5.62 -13.60 -2.69
CA GLU A 62 5.44 -12.98 -4.03
C GLU A 62 4.19 -12.10 -4.03
N LEU A 63 4.29 -10.90 -4.54
CA LEU A 63 3.12 -10.00 -4.55
C LEU A 63 2.42 -10.08 -5.90
N SER A 64 1.11 -10.06 -5.91
CA SER A 64 0.36 -10.12 -7.19
C SER A 64 -0.28 -8.75 -7.45
N PRO A 65 -0.56 -8.45 -8.69
CA PRO A 65 -1.18 -7.16 -9.07
C PRO A 65 -2.46 -6.88 -8.26
N GLU A 66 -3.08 -7.90 -7.75
CA GLU A 66 -4.32 -7.70 -6.95
C GLU A 66 -3.96 -7.04 -5.62
N HIS A 67 -2.76 -7.24 -5.15
CA HIS A 67 -2.35 -6.63 -3.86
C HIS A 67 -2.33 -5.10 -4.01
N PHE A 68 -2.26 -4.64 -5.24
CA PHE A 68 -2.23 -3.18 -5.47
C PHE A 68 -3.62 -2.70 -5.87
N ARG A 69 -4.60 -3.51 -5.62
CA ARG A 69 -5.99 -3.12 -5.99
C ARG A 69 -6.35 -1.76 -5.40
N SER A 70 -5.91 -1.45 -4.20
CA SER A 70 -6.26 -0.13 -3.62
C SER A 70 -5.42 0.16 -2.37
N ILE A 71 -5.42 1.38 -1.92
CA ILE A 71 -4.65 1.74 -0.70
C ILE A 71 -5.17 0.89 0.45
N ARG A 72 -6.44 0.62 0.44
CA ARG A 72 -7.05 -0.19 1.54
C ARG A 72 -6.36 -1.55 1.61
N SER A 73 -6.13 -2.16 0.48
CA SER A 73 -5.45 -3.49 0.46
C SER A 73 -4.00 -3.34 0.94
N ILE A 74 -3.35 -2.29 0.55
CA ILE A 74 -1.93 -2.10 0.96
C ILE A 74 -1.83 -2.02 2.48
N ASP A 75 -2.64 -1.21 3.11
CA ASP A 75 -2.58 -1.10 4.59
C ASP A 75 -2.87 -2.48 5.20
N ALA A 76 -3.84 -3.17 4.67
CA ALA A 76 -4.19 -4.51 5.21
C ALA A 76 -3.04 -5.48 4.94
N PHE A 77 -2.48 -5.43 3.77
CA PHE A 77 -1.35 -6.35 3.44
C PHE A 77 -0.17 -6.06 4.38
N VAL A 78 0.16 -4.81 4.54
CA VAL A 78 1.30 -4.46 5.43
C VAL A 78 0.99 -4.94 6.84
N VAL A 79 -0.19 -4.66 7.33
CA VAL A 79 -0.55 -5.11 8.69
C VAL A 79 -0.70 -6.63 8.70
N GLY A 80 -1.31 -7.17 7.69
CA GLY A 80 -1.51 -8.64 7.60
C GLY A 80 -0.16 -9.35 7.47
N ALA A 81 0.82 -8.68 6.91
CA ALA A 81 2.15 -9.33 6.72
C ALA A 81 2.81 -9.56 8.08
N THR A 82 2.68 -8.64 9.00
CA THR A 82 3.30 -8.82 10.34
C THR A 82 2.40 -9.70 11.20
N THR A 83 1.11 -9.62 11.00
CA THR A 83 0.18 -10.44 11.81
C THR A 83 -0.85 -11.11 10.90
N PRO A 84 -1.38 -12.24 11.29
CA PRO A 84 -2.39 -12.98 10.48
C PRO A 84 -3.78 -12.33 10.57
N PRO A 85 -4.28 -11.74 9.50
CA PRO A 85 -5.61 -11.07 9.50
C PRO A 85 -6.77 -12.06 9.44
N VAL A 86 -7.87 -11.71 10.04
CA VAL A 86 -9.05 -12.61 9.99
C VAL A 86 -10.08 -12.04 9.00
N GLU A 87 -10.45 -12.81 8.00
CA GLU A 87 -11.45 -12.32 7.00
C GLU A 87 -11.32 -10.81 6.80
N ALA A 88 -10.15 -10.27 6.94
CA ALA A 88 -9.97 -8.80 6.78
C ALA A 88 -10.15 -8.40 5.31
N LYS A 89 -10.81 -7.31 5.07
CA LYS A 89 -11.03 -6.85 3.66
C LYS A 89 -11.38 -8.05 2.78
N LEU A 90 -12.37 -8.81 3.17
CA LEU A 90 -12.76 -9.99 2.35
C LEU A 90 -11.51 -10.76 1.94
N GLN A 91 -11.06 -11.66 2.77
CA GLN A 91 -9.83 -12.45 2.42
C GLN A 91 -10.03 -13.91 2.85
N SER A 1 -13.39 1.82 10.24
CA SER A 1 -12.92 2.33 8.92
C SER A 1 -11.41 2.56 8.97
N GLU A 2 -10.95 3.33 9.91
CA GLU A 2 -9.49 3.60 10.02
C GLU A 2 -8.74 2.28 10.19
N MET A 3 -7.57 2.17 9.62
CA MET A 3 -6.79 0.91 9.75
C MET A 3 -5.66 1.13 10.74
N GLN A 4 -4.44 0.97 10.29
CA GLN A 4 -3.27 1.19 11.18
C GLN A 4 -2.42 2.30 10.56
N HIS A 5 -2.34 3.42 11.21
CA HIS A 5 -1.54 4.54 10.62
C HIS A 5 -1.92 4.67 9.15
N ALA A 6 -3.16 4.36 8.83
CA ALA A 6 -3.62 4.46 7.41
C ALA A 6 -3.41 5.88 6.89
N SER A 7 -3.65 6.87 7.71
CA SER A 7 -3.47 8.27 7.25
C SER A 7 -1.99 8.51 6.92
N VAL A 8 -1.10 7.86 7.63
CA VAL A 8 0.35 8.06 7.36
C VAL A 8 0.68 7.49 5.98
N ILE A 9 0.16 6.34 5.67
CA ILE A 9 0.45 5.73 4.33
C ILE A 9 -0.03 6.66 3.23
N ALA A 10 -1.22 7.17 3.33
CA ALA A 10 -1.75 8.07 2.27
C ALA A 10 -0.92 9.34 2.17
N GLN A 11 -0.58 9.95 3.28
CA GLN A 11 0.21 11.21 3.21
C GLN A 11 1.64 10.94 2.72
N PHE A 12 2.28 9.95 3.26
CA PHE A 12 3.68 9.65 2.83
C PHE A 12 3.68 9.09 1.40
N VAL A 13 2.86 8.12 1.13
CA VAL A 13 2.83 7.53 -0.24
C VAL A 13 2.48 8.62 -1.26
N VAL A 14 1.58 9.51 -0.92
CA VAL A 14 1.20 10.58 -1.88
C VAL A 14 2.41 11.48 -2.16
N GLU A 15 3.17 11.83 -1.15
CA GLU A 15 4.35 12.70 -1.37
C GLU A 15 5.36 12.00 -2.27
N GLU A 16 5.47 10.70 -2.14
CA GLU A 16 6.44 9.95 -2.98
C GLU A 16 6.04 10.03 -4.46
N PHE A 17 4.77 10.10 -4.73
CA PHE A 17 4.32 10.15 -6.17
C PHE A 17 3.67 11.50 -6.50
N LEU A 18 2.59 11.84 -5.85
CA LEU A 18 1.91 13.14 -6.17
C LEU A 18 1.96 14.09 -4.97
N PRO A 19 3.06 14.76 -4.76
CA PRO A 19 3.20 15.74 -3.65
C PRO A 19 2.45 17.05 -3.92
N ASP A 20 2.05 17.27 -5.15
CA ASP A 20 1.30 18.52 -5.47
C ASP A 20 -0.18 18.32 -5.17
N VAL A 21 -0.56 17.17 -4.68
CA VAL A 21 -1.99 16.91 -4.37
C VAL A 21 -2.16 16.71 -2.87
N ALA A 22 -3.15 17.32 -2.28
CA ALA A 22 -3.37 17.15 -0.81
C ALA A 22 -3.88 15.74 -0.53
N PRO A 23 -3.16 14.93 0.22
CA PRO A 23 -3.61 13.54 0.55
C PRO A 23 -5.03 13.52 1.10
N ALA A 24 -5.45 14.55 1.77
CA ALA A 24 -6.82 14.59 2.34
C ALA A 24 -7.84 14.58 1.19
N ASP A 25 -7.43 15.04 0.03
CA ASP A 25 -8.36 15.06 -1.12
C ASP A 25 -8.41 13.69 -1.79
N VAL A 26 -7.74 12.72 -1.23
CA VAL A 26 -7.75 11.36 -1.83
C VAL A 26 -8.59 10.42 -0.97
N ASP A 27 -9.51 9.72 -1.56
CA ASP A 27 -10.34 8.78 -0.76
C ASP A 27 -9.66 7.41 -0.73
N VAL A 28 -9.34 6.92 0.43
CA VAL A 28 -8.69 5.59 0.51
C VAL A 28 -9.71 4.50 0.15
N ASP A 29 -10.90 4.89 -0.22
CA ASP A 29 -11.93 3.90 -0.59
C ASP A 29 -11.90 3.69 -2.11
N LEU A 30 -11.10 4.45 -2.80
CA LEU A 30 -11.02 4.30 -4.28
C LEU A 30 -9.84 3.38 -4.61
N ASP A 31 -10.01 2.49 -5.54
CA ASP A 31 -8.89 1.57 -5.88
C ASP A 31 -7.66 2.40 -6.27
N LEU A 32 -6.52 2.03 -5.78
CA LEU A 32 -5.27 2.78 -6.10
C LEU A 32 -4.95 2.66 -7.59
N VAL A 33 -5.18 1.53 -8.18
CA VAL A 33 -4.87 1.35 -9.62
C VAL A 33 -5.77 2.25 -10.47
N ASP A 34 -7.00 2.42 -10.11
CA ASP A 34 -7.90 3.28 -10.92
C ASP A 34 -7.22 4.63 -11.10
N ASN A 35 -6.47 5.06 -10.12
CA ASN A 35 -5.76 6.36 -10.20
C ASN A 35 -4.62 6.26 -11.22
N GLY A 36 -3.99 5.12 -11.31
CA GLY A 36 -2.86 4.96 -12.26
C GLY A 36 -1.57 5.42 -11.58
N VAL A 37 -1.66 5.75 -10.32
CA VAL A 37 -0.45 6.20 -9.58
C VAL A 37 0.58 5.08 -9.60
N ILE A 38 0.13 3.85 -9.58
CA ILE A 38 1.09 2.71 -9.58
C ILE A 38 1.52 2.41 -11.02
N ASP A 39 2.78 2.57 -11.29
CA ASP A 39 3.30 2.29 -12.66
C ASP A 39 4.28 1.11 -12.57
N ALA A 40 4.91 0.76 -13.66
CA ALA A 40 5.87 -0.37 -13.61
C ALA A 40 6.95 -0.03 -12.59
N LEU A 41 7.56 1.10 -12.75
CA LEU A 41 8.60 1.52 -11.77
C LEU A 41 7.88 1.81 -10.46
N GLY A 42 6.66 2.28 -10.56
CA GLY A 42 5.88 2.58 -9.34
C GLY A 42 5.74 1.29 -8.53
N LEU A 43 5.51 0.19 -9.19
CA LEU A 43 5.39 -1.10 -8.47
C LEU A 43 6.73 -1.43 -7.82
N LEU A 44 7.80 -1.20 -8.54
CA LEU A 44 9.15 -1.49 -7.97
C LEU A 44 9.34 -0.64 -6.72
N LYS A 45 9.01 0.61 -6.80
CA LYS A 45 9.17 1.51 -5.63
C LYS A 45 8.31 0.99 -4.47
N VAL A 46 7.17 0.44 -4.76
CA VAL A 46 6.29 -0.07 -3.67
C VAL A 46 7.03 -1.16 -2.89
N ILE A 47 7.59 -2.12 -3.58
CA ILE A 47 8.33 -3.20 -2.88
C ILE A 47 9.62 -2.65 -2.25
N ALA A 48 10.20 -1.64 -2.84
CA ALA A 48 11.47 -1.08 -2.29
C ALA A 48 11.26 -0.47 -0.90
N TRP A 49 10.27 0.36 -0.74
CA TRP A 49 10.05 0.98 0.60
C TRP A 49 9.30 0.01 1.51
N LEU A 50 8.29 -0.63 0.99
CA LEU A 50 7.52 -1.57 1.84
C LEU A 50 8.46 -2.66 2.38
N GLU A 51 9.33 -3.18 1.56
CA GLU A 51 10.27 -4.23 2.04
C GLU A 51 11.31 -3.59 2.96
N ASP A 52 11.74 -2.39 2.67
CA ASP A 52 12.76 -1.73 3.52
C ASP A 52 12.26 -1.58 4.95
N ARG A 53 11.00 -1.27 5.13
CA ARG A 53 10.46 -1.08 6.50
C ARG A 53 10.61 -2.36 7.34
N PHE A 54 10.37 -3.51 6.76
CA PHE A 54 10.49 -4.77 7.54
C PHE A 54 11.74 -5.53 7.12
N GLY A 55 12.37 -5.14 6.04
CA GLY A 55 13.60 -5.83 5.60
C GLY A 55 13.23 -7.22 5.09
N ILE A 56 12.06 -7.37 4.55
CA ILE A 56 11.66 -8.70 4.04
C ILE A 56 11.98 -8.81 2.55
N ALA A 57 12.74 -9.81 2.18
CA ALA A 57 13.11 -9.96 0.74
C ALA A 57 11.86 -10.26 -0.09
N ALA A 58 11.75 -9.70 -1.25
CA ALA A 58 10.56 -9.96 -2.10
C ALA A 58 10.55 -11.42 -2.53
N ASP A 59 11.70 -12.01 -2.69
CA ASP A 59 11.76 -13.45 -3.11
C ASP A 59 11.02 -14.31 -2.08
N ASP A 60 11.12 -13.99 -0.82
CA ASP A 60 10.43 -14.80 0.21
C ASP A 60 8.93 -14.83 -0.06
N VAL A 61 8.36 -13.73 -0.46
CA VAL A 61 6.90 -13.68 -0.75
C VAL A 61 6.67 -13.13 -2.16
N GLU A 62 5.83 -13.75 -2.93
CA GLU A 62 5.57 -13.25 -4.31
C GLU A 62 4.41 -12.25 -4.26
N LEU A 63 4.60 -11.10 -4.84
CA LEU A 63 3.52 -10.08 -4.83
C LEU A 63 2.71 -10.17 -6.13
N SER A 64 1.41 -10.15 -6.04
CA SER A 64 0.56 -10.22 -7.26
C SER A 64 -0.11 -8.86 -7.47
N PRO A 65 -0.49 -8.56 -8.68
CA PRO A 65 -1.15 -7.28 -9.01
C PRO A 65 -2.39 -7.03 -8.13
N GLU A 66 -2.95 -8.07 -7.59
CA GLU A 66 -4.15 -7.92 -6.72
C GLU A 66 -3.73 -7.26 -5.40
N HIS A 67 -2.50 -7.44 -5.01
CA HIS A 67 -2.04 -6.82 -3.74
C HIS A 67 -2.05 -5.30 -3.90
N PHE A 68 -2.05 -4.83 -5.11
CA PHE A 68 -2.05 -3.37 -5.34
C PHE A 68 -3.48 -2.92 -5.64
N ARG A 69 -4.43 -3.75 -5.33
CA ARG A 69 -5.86 -3.41 -5.59
C ARG A 69 -6.21 -2.06 -4.95
N SER A 70 -5.66 -1.75 -3.80
CA SER A 70 -6.00 -0.44 -3.16
C SER A 70 -5.05 -0.17 -2.00
N ILE A 71 -4.96 1.06 -1.59
CA ILE A 71 -4.08 1.42 -0.45
C ILE A 71 -4.53 0.59 0.76
N ARG A 72 -5.80 0.34 0.86
CA ARG A 72 -6.33 -0.45 2.01
C ARG A 72 -5.62 -1.81 2.04
N SER A 73 -5.43 -2.41 0.89
CA SER A 73 -4.75 -3.73 0.85
C SER A 73 -3.29 -3.56 1.24
N ILE A 74 -2.69 -2.44 0.92
CA ILE A 74 -1.27 -2.23 1.27
C ILE A 74 -1.10 -2.27 2.79
N ASP A 75 -1.90 -1.53 3.51
CA ASP A 75 -1.79 -1.54 5.00
C ASP A 75 -2.07 -2.96 5.50
N ALA A 76 -3.05 -3.60 4.94
CA ALA A 76 -3.40 -4.98 5.36
C ALA A 76 -2.25 -5.94 5.01
N PHE A 77 -1.63 -5.74 3.88
CA PHE A 77 -0.51 -6.64 3.50
C PHE A 77 0.61 -6.56 4.53
N VAL A 78 0.98 -5.37 4.93
CA VAL A 78 2.06 -5.22 5.93
C VAL A 78 1.64 -5.89 7.24
N VAL A 79 0.44 -5.63 7.68
CA VAL A 79 -0.06 -6.24 8.94
C VAL A 79 -0.27 -7.74 8.72
N GLY A 80 -0.86 -8.11 7.62
CA GLY A 80 -1.11 -9.55 7.35
C GLY A 80 0.21 -10.31 7.24
N ALA A 81 1.20 -9.73 6.61
CA ALA A 81 2.50 -10.44 6.45
C ALA A 81 3.23 -10.52 7.80
N THR A 82 3.22 -9.48 8.58
CA THR A 82 3.92 -9.52 9.89
C THR A 82 3.00 -10.11 10.96
N THR A 83 1.73 -9.89 10.83
CA THR A 83 0.78 -10.42 11.83
C THR A 83 -0.39 -11.11 11.12
N PRO A 84 -1.03 -12.06 11.75
CA PRO A 84 -2.18 -12.78 11.15
C PRO A 84 -3.14 -11.80 10.45
N PRO A 85 -3.89 -12.28 9.48
CA PRO A 85 -4.85 -11.44 8.73
C PRO A 85 -5.88 -10.77 9.63
N VAL A 86 -6.28 -9.57 9.30
CA VAL A 86 -7.29 -8.86 10.14
C VAL A 86 -8.65 -8.91 9.45
N GLU A 87 -9.68 -9.30 10.17
CA GLU A 87 -11.04 -9.38 9.57
C GLU A 87 -10.96 -9.88 8.13
N ALA A 88 -9.91 -10.60 7.80
CA ALA A 88 -9.76 -11.13 6.42
C ALA A 88 -10.23 -10.07 5.41
N LYS A 89 -9.34 -9.23 4.96
CA LYS A 89 -9.74 -8.18 3.98
C LYS A 89 -10.34 -8.84 2.74
N LEU A 90 -9.80 -9.95 2.31
CA LEU A 90 -10.35 -10.63 1.12
C LEU A 90 -11.81 -11.03 1.37
N GLN A 91 -12.13 -11.39 2.58
CA GLN A 91 -13.53 -11.78 2.90
C GLN A 91 -13.91 -11.28 4.29
N SER A 1 -5.14 0.27 15.52
CA SER A 1 -3.74 -0.23 15.61
C SER A 1 -3.44 -1.12 14.39
N GLU A 2 -4.43 -1.80 13.88
CA GLU A 2 -4.20 -2.68 12.70
C GLU A 2 -3.75 -1.83 11.51
N MET A 3 -4.23 -0.62 11.42
CA MET A 3 -3.82 0.26 10.29
C MET A 3 -2.31 0.47 10.31
N GLN A 4 -1.73 0.56 11.49
CA GLN A 4 -0.26 0.79 11.58
C GLN A 4 0.10 2.05 10.78
N HIS A 5 -0.63 3.12 11.00
CA HIS A 5 -0.34 4.40 10.28
C HIS A 5 -0.87 4.32 8.85
N ALA A 6 -2.12 3.97 8.67
CA ALA A 6 -2.67 3.89 7.29
C ALA A 6 -2.60 5.28 6.64
N SER A 7 -2.92 6.30 7.38
CA SER A 7 -2.88 7.68 6.81
C SER A 7 -1.45 8.01 6.36
N VAL A 8 -0.47 7.58 7.10
CA VAL A 8 0.94 7.88 6.71
C VAL A 8 1.21 7.29 5.33
N ILE A 9 0.79 6.07 5.10
CA ILE A 9 1.03 5.44 3.79
C ILE A 9 0.39 6.28 2.68
N ALA A 10 -0.86 6.62 2.84
CA ALA A 10 -1.55 7.42 1.81
C ALA A 10 -0.91 8.81 1.66
N GLN A 11 -0.60 9.46 2.76
CA GLN A 11 -0.01 10.83 2.66
C GLN A 11 1.41 10.78 2.09
N PHE A 12 2.24 9.88 2.56
CA PHE A 12 3.63 9.83 2.03
C PHE A 12 3.65 9.30 0.60
N VAL A 13 2.94 8.24 0.32
CA VAL A 13 2.92 7.69 -1.06
C VAL A 13 2.34 8.73 -2.03
N VAL A 14 1.32 9.43 -1.62
CA VAL A 14 0.72 10.46 -2.52
C VAL A 14 1.74 11.56 -2.80
N GLU A 15 2.44 12.00 -1.81
CA GLU A 15 3.44 13.09 -2.02
C GLU A 15 4.57 12.58 -2.91
N GLU A 16 4.97 11.36 -2.76
CA GLU A 16 6.08 10.81 -3.61
C GLU A 16 5.64 10.75 -5.07
N PHE A 17 4.42 10.37 -5.32
CA PHE A 17 3.95 10.28 -6.73
C PHE A 17 3.26 11.58 -7.17
N LEU A 18 2.32 12.05 -6.40
CA LEU A 18 1.59 13.30 -6.77
C LEU A 18 1.78 14.38 -5.71
N PRO A 19 2.90 15.08 -5.72
CA PRO A 19 3.17 16.16 -4.73
C PRO A 19 2.27 17.38 -4.94
N ASP A 20 1.62 17.47 -6.07
CA ASP A 20 0.74 18.64 -6.32
C ASP A 20 -0.71 18.31 -5.94
N VAL A 21 -0.94 17.17 -5.34
CA VAL A 21 -2.33 16.80 -4.94
C VAL A 21 -2.42 16.63 -3.43
N ALA A 22 -3.45 17.15 -2.82
CA ALA A 22 -3.60 17.01 -1.34
C ALA A 22 -4.12 15.60 -1.02
N PRO A 23 -3.37 14.78 -0.29
CA PRO A 23 -3.82 13.40 0.06
C PRO A 23 -5.22 13.39 0.69
N ALA A 24 -5.60 14.46 1.33
CA ALA A 24 -6.95 14.50 1.96
C ALA A 24 -8.02 14.42 0.87
N ASP A 25 -7.70 14.87 -0.31
CA ASP A 25 -8.69 14.83 -1.42
C ASP A 25 -8.71 13.44 -2.05
N VAL A 26 -7.96 12.52 -1.51
CA VAL A 26 -7.93 11.14 -2.10
C VAL A 26 -8.62 10.17 -1.15
N ASP A 27 -9.56 9.41 -1.63
CA ASP A 27 -10.25 8.44 -0.74
C ASP A 27 -9.49 7.11 -0.77
N VAL A 28 -9.03 6.64 0.35
CA VAL A 28 -8.30 5.35 0.35
C VAL A 28 -9.29 4.22 0.11
N ASP A 29 -10.53 4.55 -0.13
CA ASP A 29 -11.55 3.50 -0.39
C ASP A 29 -11.64 3.25 -1.89
N LEU A 30 -10.93 4.02 -2.66
CA LEU A 30 -10.96 3.84 -4.15
C LEU A 30 -9.76 2.99 -4.56
N ASP A 31 -9.94 2.11 -5.50
CA ASP A 31 -8.81 1.25 -5.93
C ASP A 31 -7.65 2.13 -6.41
N LEU A 32 -6.48 1.91 -5.89
CA LEU A 32 -5.30 2.73 -6.29
C LEU A 32 -4.94 2.46 -7.75
N VAL A 33 -5.06 1.25 -8.20
CA VAL A 33 -4.69 0.94 -9.60
C VAL A 33 -5.60 1.69 -10.58
N ASP A 34 -6.84 1.85 -10.25
CA ASP A 34 -7.75 2.57 -11.18
C ASP A 34 -7.10 3.91 -11.53
N ASN A 35 -6.39 4.48 -10.59
CA ASN A 35 -5.72 5.78 -10.85
C ASN A 35 -4.53 5.59 -11.80
N GLY A 36 -3.87 4.48 -11.71
CA GLY A 36 -2.69 4.23 -12.59
C GLY A 36 -1.45 4.81 -11.92
N VAL A 37 -1.61 5.29 -10.72
CA VAL A 37 -0.45 5.86 -9.99
C VAL A 37 0.61 4.78 -9.83
N ILE A 38 0.18 3.55 -9.77
CA ILE A 38 1.15 2.43 -9.62
C ILE A 38 1.61 1.96 -10.99
N ASP A 39 2.89 1.81 -11.15
CA ASP A 39 3.44 1.35 -12.46
C ASP A 39 4.56 0.33 -12.20
N ALA A 40 5.41 0.10 -13.17
CA ALA A 40 6.51 -0.87 -12.97
C ALA A 40 7.45 -0.33 -11.89
N LEU A 41 7.93 0.87 -12.07
CA LEU A 41 8.82 1.47 -11.05
C LEU A 41 7.97 1.78 -9.83
N GLY A 42 6.73 2.10 -10.05
CA GLY A 42 5.82 2.40 -8.92
C GLY A 42 5.74 1.18 -8.01
N LEU A 43 5.61 0.02 -8.59
CA LEU A 43 5.55 -1.22 -7.77
C LEU A 43 6.87 -1.42 -7.05
N LEU A 44 7.96 -1.19 -7.73
CA LEU A 44 9.29 -1.38 -7.10
C LEU A 44 9.39 -0.44 -5.89
N LYS A 45 8.99 0.79 -6.04
CA LYS A 45 9.07 1.72 -4.90
C LYS A 45 8.18 1.23 -3.76
N VAL A 46 7.08 0.60 -4.08
CA VAL A 46 6.17 0.10 -3.01
C VAL A 46 6.90 -0.92 -2.13
N ILE A 47 7.52 -1.90 -2.74
CA ILE A 47 8.25 -2.93 -1.95
C ILE A 47 9.48 -2.34 -1.26
N ALA A 48 10.14 -1.39 -1.88
CA ALA A 48 11.38 -0.83 -1.25
C ALA A 48 11.06 -0.07 0.05
N TRP A 49 10.12 0.82 0.03
CA TRP A 49 9.81 1.58 1.28
C TRP A 49 8.93 0.72 2.19
N LEU A 50 7.95 0.06 1.65
CA LEU A 50 7.06 -0.77 2.48
C LEU A 50 7.87 -1.84 3.21
N GLU A 51 8.78 -2.48 2.54
CA GLU A 51 9.59 -3.53 3.21
C GLU A 51 10.58 -2.89 4.18
N ASP A 52 11.11 -1.74 3.84
CA ASP A 52 12.10 -1.07 4.73
C ASP A 52 11.47 -0.74 6.10
N ARG A 53 10.24 -0.29 6.10
CA ARG A 53 9.59 0.10 7.39
C ARG A 53 9.46 -1.10 8.34
N PHE A 54 9.20 -2.27 7.85
CA PHE A 54 9.04 -3.43 8.76
C PHE A 54 10.36 -4.20 8.88
N GLY A 55 11.34 -3.85 8.11
CA GLY A 55 12.64 -4.56 8.18
C GLY A 55 12.46 -5.97 7.63
N ILE A 56 11.56 -6.12 6.70
CA ILE A 56 11.34 -7.47 6.11
C ILE A 56 11.90 -7.51 4.68
N ALA A 57 12.30 -8.66 4.23
CA ALA A 57 12.87 -8.77 2.85
C ALA A 57 11.84 -9.41 1.92
N ALA A 58 11.93 -9.13 0.65
CA ALA A 58 10.96 -9.73 -0.31
C ALA A 58 11.06 -11.25 -0.25
N ASP A 59 12.16 -11.76 0.23
CA ASP A 59 12.36 -13.23 0.33
C ASP A 59 12.31 -13.84 -1.07
N ASP A 60 12.84 -13.14 -2.04
CA ASP A 60 12.85 -13.68 -3.42
C ASP A 60 11.43 -14.08 -3.85
N VAL A 61 10.47 -13.22 -3.65
CA VAL A 61 9.07 -13.56 -4.06
C VAL A 61 8.52 -12.42 -4.92
N GLU A 62 7.75 -12.75 -5.92
CA GLU A 62 7.19 -11.68 -6.79
C GLU A 62 5.75 -11.37 -6.38
N LEU A 63 5.42 -10.12 -6.26
CA LEU A 63 4.04 -9.74 -5.85
C LEU A 63 3.18 -9.53 -7.11
N SER A 64 1.93 -9.88 -7.05
CA SER A 64 1.06 -9.68 -8.24
C SER A 64 0.40 -8.31 -8.15
N PRO A 65 0.10 -7.71 -9.27
CA PRO A 65 -0.54 -6.36 -9.30
C PRO A 65 -1.86 -6.33 -8.53
N GLU A 66 -2.46 -7.48 -8.31
CA GLU A 66 -3.74 -7.53 -7.56
C GLU A 66 -3.51 -7.13 -6.11
N HIS A 67 -2.35 -7.42 -5.59
CA HIS A 67 -2.07 -7.04 -4.18
C HIS A 67 -2.03 -5.53 -4.08
N PHE A 68 -1.82 -4.87 -5.19
CA PHE A 68 -1.77 -3.39 -5.17
C PHE A 68 -3.16 -2.85 -5.52
N ARG A 69 -4.14 -3.70 -5.45
CA ARG A 69 -5.54 -3.28 -5.78
C ARG A 69 -5.86 -1.95 -5.09
N SER A 70 -5.39 -1.75 -3.88
CA SER A 70 -5.71 -0.47 -3.18
C SER A 70 -4.69 -0.24 -2.05
N ILE A 71 -4.48 0.99 -1.67
CA ILE A 71 -3.52 1.30 -0.58
C ILE A 71 -3.93 0.54 0.67
N ARG A 72 -5.21 0.51 0.96
CA ARG A 72 -5.68 -0.21 2.17
C ARG A 72 -5.26 -1.68 2.09
N SER A 73 -5.37 -2.27 0.93
CA SER A 73 -4.97 -3.69 0.77
C SER A 73 -3.47 -3.81 1.03
N ILE A 74 -2.69 -2.89 0.55
CA ILE A 74 -1.23 -2.96 0.77
C ILE A 74 -0.93 -2.93 2.27
N ASP A 75 -1.51 -2.00 2.98
CA ASP A 75 -1.28 -1.92 4.45
C ASP A 75 -1.73 -3.24 5.08
N ALA A 76 -2.84 -3.76 4.64
CA ALA A 76 -3.36 -5.03 5.20
C ALA A 76 -2.41 -6.19 4.87
N PHE A 77 -1.85 -6.19 3.69
CA PHE A 77 -0.93 -7.29 3.32
C PHE A 77 0.27 -7.33 4.29
N VAL A 78 0.88 -6.21 4.54
CA VAL A 78 2.03 -6.19 5.47
C VAL A 78 1.57 -6.63 6.86
N VAL A 79 0.47 -6.10 7.31
CA VAL A 79 -0.05 -6.48 8.65
C VAL A 79 -0.50 -7.95 8.61
N GLY A 80 -1.12 -8.35 7.54
CA GLY A 80 -1.59 -9.76 7.42
C GLY A 80 -0.40 -10.72 7.55
N ALA A 81 0.72 -10.36 6.98
CA ALA A 81 1.91 -11.26 7.05
C ALA A 81 2.46 -11.31 8.47
N THR A 82 2.51 -10.20 9.15
CA THR A 82 3.03 -10.20 10.55
C THR A 82 1.93 -10.66 11.50
N THR A 83 0.71 -10.36 11.18
CA THR A 83 -0.41 -10.76 12.05
C THR A 83 -1.52 -11.40 11.21
N PRO A 84 -2.31 -12.26 11.79
CA PRO A 84 -3.41 -12.94 11.05
C PRO A 84 -4.47 -11.93 10.57
N PRO A 85 -4.94 -12.07 9.34
CA PRO A 85 -5.95 -11.12 8.78
C PRO A 85 -7.30 -11.20 9.51
N VAL A 86 -7.98 -10.10 9.60
CA VAL A 86 -9.30 -10.09 10.29
C VAL A 86 -10.42 -10.05 9.24
N GLU A 87 -11.35 -10.97 9.32
CA GLU A 87 -12.48 -10.99 8.34
C GLU A 87 -11.97 -10.62 6.94
N ALA A 88 -10.71 -10.77 6.68
CA ALA A 88 -10.17 -10.41 5.34
C ALA A 88 -10.62 -9.00 4.96
N LYS A 89 -10.14 -8.49 3.85
CA LYS A 89 -10.55 -7.12 3.43
C LYS A 89 -12.07 -7.08 3.25
N LEU A 90 -12.64 -8.13 2.74
CA LEU A 90 -14.12 -8.14 2.53
C LEU A 90 -14.80 -8.80 3.73
N GLN A 91 -15.93 -8.29 4.14
CA GLN A 91 -16.64 -8.89 5.31
C GLN A 91 -16.90 -10.38 5.04
N SER A 1 -12.66 5.15 5.83
CA SER A 1 -12.18 4.55 7.11
C SER A 1 -10.66 4.43 7.09
N GLU A 2 -10.03 4.61 8.21
CA GLU A 2 -8.54 4.51 8.26
C GLU A 2 -8.13 3.24 8.99
N MET A 3 -6.95 2.73 8.71
CA MET A 3 -6.51 1.49 9.39
C MET A 3 -5.50 1.86 10.48
N GLN A 4 -4.32 1.31 10.40
CA GLN A 4 -3.27 1.64 11.40
C GLN A 4 -2.25 2.58 10.77
N HIS A 5 -1.49 2.07 9.84
CA HIS A 5 -0.49 2.93 9.15
C HIS A 5 -1.05 3.29 7.77
N ALA A 6 -2.33 3.11 7.59
CA ALA A 6 -2.94 3.41 6.27
C ALA A 6 -2.61 4.85 5.86
N SER A 7 -2.69 5.77 6.78
CA SER A 7 -2.38 7.19 6.44
C SER A 7 -0.93 7.31 5.99
N VAL A 8 -0.04 6.58 6.60
CA VAL A 8 1.39 6.66 6.20
C VAL A 8 1.56 6.17 4.76
N ILE A 9 0.94 5.07 4.44
CA ILE A 9 1.07 4.52 3.06
C ILE A 9 0.53 5.56 2.06
N ALA A 10 -0.57 6.18 2.39
CA ALA A 10 -1.15 7.19 1.47
C ALA A 10 -0.14 8.32 1.27
N GLN A 11 0.59 8.67 2.30
CA GLN A 11 1.59 9.76 2.16
C GLN A 11 2.70 9.34 1.21
N PHE A 12 3.13 8.11 1.28
CA PHE A 12 4.23 7.65 0.37
C PHE A 12 3.79 7.75 -1.09
N VAL A 13 2.65 7.23 -1.43
CA VAL A 13 2.20 7.29 -2.84
C VAL A 13 1.99 8.76 -3.23
N VAL A 14 1.43 9.54 -2.35
CA VAL A 14 1.21 10.98 -2.68
C VAL A 14 2.57 11.66 -2.89
N GLU A 15 3.51 11.43 -2.01
CA GLU A 15 4.85 12.06 -2.15
C GLU A 15 5.59 11.43 -3.33
N GLU A 16 5.31 10.20 -3.62
CA GLU A 16 6.00 9.51 -4.75
C GLU A 16 5.66 10.17 -6.08
N PHE A 17 4.48 10.73 -6.21
CA PHE A 17 4.09 11.37 -7.51
C PHE A 17 3.50 12.76 -7.28
N LEU A 18 2.60 12.91 -6.34
CA LEU A 18 1.98 14.25 -6.10
C LEU A 18 2.30 14.75 -4.69
N PRO A 19 3.49 15.29 -4.50
CA PRO A 19 3.91 15.82 -3.17
C PRO A 19 3.26 17.18 -2.86
N ASP A 20 2.69 17.81 -3.85
CA ASP A 20 2.05 19.14 -3.61
C ASP A 20 0.59 18.94 -3.21
N VAL A 21 0.17 17.71 -3.03
CA VAL A 21 -1.25 17.44 -2.64
C VAL A 21 -1.29 16.87 -1.22
N ALA A 22 -2.18 17.36 -0.41
CA ALA A 22 -2.28 16.84 0.99
C ALA A 22 -2.89 15.43 0.97
N PRO A 23 -2.17 14.42 1.40
CA PRO A 23 -2.71 13.03 1.44
C PRO A 23 -4.06 12.95 2.15
N ALA A 24 -4.33 13.87 3.03
CA ALA A 24 -5.63 13.85 3.76
C ALA A 24 -6.78 14.07 2.79
N ASP A 25 -6.51 14.68 1.67
CA ASP A 25 -7.59 14.93 0.67
C ASP A 25 -7.80 13.69 -0.19
N VAL A 26 -7.16 12.60 0.13
CA VAL A 26 -7.33 11.36 -0.67
C VAL A 26 -8.21 10.38 0.09
N ASP A 27 -9.17 9.79 -0.57
CA ASP A 27 -10.06 8.81 0.13
C ASP A 27 -9.43 7.42 0.03
N VAL A 28 -9.14 6.81 1.14
CA VAL A 28 -8.53 5.45 1.09
C VAL A 28 -9.61 4.43 0.73
N ASP A 29 -10.80 4.88 0.45
CA ASP A 29 -11.89 3.94 0.07
C ASP A 29 -11.96 3.84 -1.44
N LEU A 30 -11.10 4.53 -2.13
CA LEU A 30 -11.10 4.47 -3.62
C LEU A 30 -9.99 3.53 -4.06
N ASP A 31 -10.26 2.65 -4.98
CA ASP A 31 -9.20 1.72 -5.42
C ASP A 31 -8.00 2.53 -5.92
N LEU A 32 -6.85 2.25 -5.40
CA LEU A 32 -5.63 3.00 -5.81
C LEU A 32 -5.29 2.71 -7.27
N VAL A 33 -5.46 1.49 -7.70
CA VAL A 33 -5.12 1.15 -9.12
C VAL A 33 -6.06 1.85 -10.09
N ASP A 34 -7.32 1.96 -9.75
CA ASP A 34 -8.26 2.65 -10.67
C ASP A 34 -7.68 4.01 -11.04
N ASN A 35 -6.98 4.60 -10.11
CA ASN A 35 -6.36 5.93 -10.38
C ASN A 35 -5.19 5.77 -11.36
N GLY A 36 -4.51 4.67 -11.30
CA GLY A 36 -3.34 4.45 -12.21
C GLY A 36 -2.07 4.95 -11.53
N VAL A 37 -2.19 5.35 -10.29
CA VAL A 37 -0.99 5.85 -9.55
C VAL A 37 0.05 4.73 -9.47
N ILE A 38 -0.40 3.51 -9.38
CA ILE A 38 0.56 2.37 -9.28
C ILE A 38 0.87 1.84 -10.68
N ASP A 39 2.11 1.86 -11.06
CA ASP A 39 2.51 1.36 -12.40
C ASP A 39 3.51 0.21 -12.23
N ALA A 40 4.12 -0.21 -13.30
CA ALA A 40 5.11 -1.32 -13.18
C ALA A 40 6.27 -0.86 -12.30
N LEU A 41 6.87 0.24 -12.66
CA LEU A 41 7.97 0.78 -11.83
C LEU A 41 7.37 1.29 -10.53
N GLY A 42 6.16 1.80 -10.63
CA GLY A 42 5.48 2.32 -9.42
C GLY A 42 5.33 1.19 -8.41
N LEU A 43 4.97 0.03 -8.88
CA LEU A 43 4.82 -1.13 -7.95
C LEU A 43 6.19 -1.48 -7.38
N LEU A 44 7.21 -1.45 -8.19
CA LEU A 44 8.57 -1.78 -7.68
C LEU A 44 8.94 -0.80 -6.57
N LYS A 45 8.70 0.46 -6.79
CA LYS A 45 9.04 1.48 -5.77
C LYS A 45 8.24 1.20 -4.48
N VAL A 46 7.03 0.72 -4.64
CA VAL A 46 6.19 0.44 -3.44
C VAL A 46 6.86 -0.62 -2.56
N ILE A 47 7.26 -1.71 -3.15
CA ILE A 47 7.91 -2.79 -2.35
C ILE A 47 9.28 -2.33 -1.84
N ALA A 48 9.97 -1.51 -2.57
CA ALA A 48 11.33 -1.08 -2.11
C ALA A 48 11.24 -0.26 -0.82
N TRP A 49 10.39 0.74 -0.78
CA TRP A 49 10.29 1.56 0.46
C TRP A 49 9.40 0.84 1.48
N LEU A 50 8.28 0.33 1.04
CA LEU A 50 7.37 -0.36 1.99
C LEU A 50 8.10 -1.51 2.68
N GLU A 51 8.89 -2.26 1.95
CA GLU A 51 9.61 -3.38 2.59
C GLU A 51 10.76 -2.84 3.45
N ASP A 52 11.37 -1.77 3.02
CA ASP A 52 12.51 -1.19 3.79
C ASP A 52 12.05 -0.70 5.18
N ARG A 53 10.91 -0.07 5.25
CA ARG A 53 10.45 0.47 6.57
C ARG A 53 10.18 -0.66 7.58
N PHE A 54 9.66 -1.78 7.16
CA PHE A 54 9.39 -2.87 8.14
C PHE A 54 10.60 -3.79 8.24
N GLY A 55 11.53 -3.67 7.34
CA GLY A 55 12.73 -4.55 7.40
C GLY A 55 12.35 -5.94 6.94
N ILE A 56 11.36 -6.04 6.08
CA ILE A 56 10.92 -7.37 5.60
C ILE A 56 11.32 -7.55 4.13
N ALA A 57 11.51 -8.77 3.70
CA ALA A 57 11.90 -9.00 2.28
C ALA A 57 10.69 -9.47 1.49
N ALA A 58 10.38 -8.80 0.40
CA ALA A 58 9.21 -9.21 -0.43
C ALA A 58 9.50 -10.55 -1.09
N ASP A 59 10.74 -10.86 -1.33
CA ASP A 59 11.10 -12.15 -1.99
C ASP A 59 10.52 -13.32 -1.19
N ASP A 60 10.45 -13.19 0.11
CA ASP A 60 9.90 -14.30 0.93
C ASP A 60 8.53 -14.72 0.40
N VAL A 61 7.73 -13.78 -0.03
CA VAL A 61 6.38 -14.12 -0.55
C VAL A 61 6.19 -13.49 -1.94
N GLU A 62 5.30 -14.01 -2.73
CA GLU A 62 5.08 -13.43 -4.08
C GLU A 62 3.88 -12.49 -4.04
N LEU A 63 4.06 -11.27 -4.48
CA LEU A 63 2.94 -10.29 -4.45
C LEU A 63 2.45 -10.05 -5.88
N SER A 64 1.16 -9.92 -6.06
CA SER A 64 0.61 -9.67 -7.42
C SER A 64 0.09 -8.24 -7.47
N PRO A 65 0.07 -7.65 -8.64
CA PRO A 65 -0.40 -6.25 -8.81
C PRO A 65 -1.81 -6.04 -8.25
N GLU A 66 -2.58 -7.09 -8.15
CA GLU A 66 -3.96 -6.97 -7.60
C GLU A 66 -3.90 -6.67 -6.11
N HIS A 67 -2.84 -7.06 -5.46
CA HIS A 67 -2.72 -6.80 -4.01
C HIS A 67 -2.61 -5.30 -3.78
N PHE A 68 -2.22 -4.58 -4.79
CA PHE A 68 -2.08 -3.10 -4.64
C PHE A 68 -3.35 -2.43 -5.16
N ARG A 69 -4.39 -3.19 -5.34
CA ARG A 69 -5.66 -2.62 -5.84
C ARG A 69 -6.07 -1.41 -5.00
N SER A 70 -5.79 -1.43 -3.72
CA SER A 70 -6.16 -0.27 -2.86
C SER A 70 -5.19 -0.16 -1.69
N ILE A 71 -5.03 1.03 -1.17
CA ILE A 71 -4.13 1.23 -0.02
C ILE A 71 -4.58 0.31 1.12
N ARG A 72 -5.86 0.10 1.22
CA ARG A 72 -6.39 -0.77 2.31
C ARG A 72 -5.73 -2.15 2.21
N SER A 73 -5.63 -2.68 1.02
CA SER A 73 -5.00 -4.03 0.86
C SER A 73 -3.52 -3.95 1.21
N ILE A 74 -2.86 -2.90 0.81
CA ILE A 74 -1.41 -2.78 1.11
C ILE A 74 -1.18 -2.74 2.62
N ASP A 75 -1.89 -1.90 3.32
CA ASP A 75 -1.70 -1.82 4.79
C ASP A 75 -2.03 -3.17 5.42
N ALA A 76 -3.08 -3.79 4.96
CA ALA A 76 -3.48 -5.11 5.54
C ALA A 76 -2.44 -6.17 5.20
N PHE A 77 -1.93 -6.16 4.00
CA PHE A 77 -0.91 -7.18 3.63
C PHE A 77 0.33 -7.03 4.51
N VAL A 78 0.80 -5.82 4.67
CA VAL A 78 2.00 -5.60 5.52
C VAL A 78 1.67 -5.92 6.99
N VAL A 79 0.58 -5.40 7.49
CA VAL A 79 0.21 -5.67 8.90
C VAL A 79 -0.21 -7.13 9.05
N GLY A 80 -0.96 -7.63 8.10
CA GLY A 80 -1.42 -9.04 8.18
C GLY A 80 -0.22 -9.99 8.22
N ALA A 81 0.83 -9.67 7.52
CA ALA A 81 2.02 -10.56 7.50
C ALA A 81 2.69 -10.59 8.88
N THR A 82 2.79 -9.46 9.53
CA THR A 82 3.44 -9.42 10.87
C THR A 82 2.43 -9.85 11.93
N THR A 83 1.18 -9.57 11.71
CA THR A 83 0.15 -9.95 12.71
C THR A 83 -1.03 -10.62 12.00
N PRO A 84 -1.75 -11.46 12.70
CA PRO A 84 -2.93 -12.16 12.12
C PRO A 84 -4.03 -11.18 11.70
N PRO A 85 -4.28 -11.03 10.41
CA PRO A 85 -5.31 -10.08 9.91
C PRO A 85 -6.74 -10.57 10.14
N VAL A 86 -7.65 -9.65 10.30
CA VAL A 86 -9.08 -10.03 10.52
C VAL A 86 -9.86 -9.78 9.23
N GLU A 87 -10.73 -10.68 8.87
CA GLU A 87 -11.52 -10.50 7.61
C GLU A 87 -10.60 -9.97 6.51
N ALA A 88 -9.45 -10.58 6.35
CA ALA A 88 -8.50 -10.11 5.30
C ALA A 88 -9.19 -10.11 3.94
N LYS A 89 -8.78 -9.24 3.05
CA LYS A 89 -9.40 -9.20 1.71
C LYS A 89 -9.29 -10.57 1.04
N LEU A 90 -8.21 -11.27 1.29
CA LEU A 90 -8.04 -12.61 0.67
C LEU A 90 -8.56 -13.68 1.62
N GLN A 91 -9.19 -14.71 1.11
CA GLN A 91 -9.71 -15.78 1.99
C GLN A 91 -10.65 -15.16 3.05
N SER A 1 -8.62 -4.75 12.62
CA SER A 1 -7.51 -4.43 11.69
C SER A 1 -7.22 -2.93 11.75
N GLU A 2 -6.06 -2.55 12.22
CA GLU A 2 -5.73 -1.10 12.30
C GLU A 2 -4.80 -0.73 11.13
N MET A 3 -5.07 0.35 10.46
CA MET A 3 -4.21 0.76 9.32
C MET A 3 -2.78 1.00 9.81
N GLN A 4 -2.64 1.51 11.00
CA GLN A 4 -1.27 1.77 11.54
C GLN A 4 -0.52 2.70 10.58
N HIS A 5 -0.56 3.98 10.83
CA HIS A 5 0.16 4.96 9.94
C HIS A 5 -0.46 4.97 8.54
N ALA A 6 -1.76 4.94 8.44
CA ALA A 6 -2.41 4.97 7.10
C ALA A 6 -2.02 6.27 6.39
N SER A 7 -1.96 7.35 7.11
CA SER A 7 -1.60 8.65 6.49
C SER A 7 -0.21 8.56 5.85
N VAL A 8 0.68 7.85 6.47
CA VAL A 8 2.06 7.73 5.91
C VAL A 8 1.99 7.08 4.52
N ILE A 9 1.24 6.02 4.39
CA ILE A 9 1.13 5.35 3.07
C ILE A 9 0.57 6.34 2.05
N ALA A 10 -0.43 7.08 2.43
CA ALA A 10 -1.03 8.07 1.50
C ALA A 10 0.05 9.08 1.10
N GLN A 11 0.91 9.42 2.02
CA GLN A 11 1.99 10.40 1.72
C GLN A 11 2.93 9.85 0.65
N PHE A 12 3.21 8.58 0.70
CA PHE A 12 4.15 7.98 -0.31
C PHE A 12 3.53 8.02 -1.71
N VAL A 13 2.31 7.58 -1.86
CA VAL A 13 1.69 7.56 -3.20
C VAL A 13 1.63 8.98 -3.77
N VAL A 14 1.16 9.93 -3.01
CA VAL A 14 1.08 11.32 -3.55
C VAL A 14 2.50 11.85 -3.82
N GLU A 15 3.43 11.63 -2.94
CA GLU A 15 4.81 12.14 -3.16
C GLU A 15 5.42 11.43 -4.37
N GLU A 16 4.98 10.25 -4.66
CA GLU A 16 5.55 9.50 -5.82
C GLU A 16 5.24 10.25 -7.11
N PHE A 17 4.12 10.94 -7.18
CA PHE A 17 3.79 11.67 -8.44
C PHE A 17 3.15 13.03 -8.11
N LEU A 18 2.36 13.11 -7.08
CA LEU A 18 1.69 14.41 -6.74
C LEU A 18 2.06 14.84 -5.32
N PRO A 19 3.23 15.42 -5.15
CA PRO A 19 3.70 15.89 -3.81
C PRO A 19 3.02 17.20 -3.38
N ASP A 20 2.32 17.84 -4.28
CA ASP A 20 1.66 19.12 -3.92
C ASP A 20 0.20 18.86 -3.52
N VAL A 21 -0.16 17.63 -3.27
CA VAL A 21 -1.57 17.32 -2.88
C VAL A 21 -1.62 16.91 -1.40
N ALA A 22 -2.56 17.44 -0.66
CA ALA A 22 -2.67 17.07 0.78
C ALA A 22 -3.22 15.65 0.91
N PRO A 23 -2.49 14.72 1.48
CA PRO A 23 -2.96 13.31 1.65
C PRO A 23 -4.33 13.24 2.33
N ALA A 24 -4.65 14.21 3.14
CA ALA A 24 -5.96 14.18 3.85
C ALA A 24 -7.11 14.30 2.84
N ASP A 25 -6.85 14.88 1.69
CA ASP A 25 -7.93 15.01 0.68
C ASP A 25 -8.00 13.76 -0.19
N VAL A 26 -7.27 12.74 0.16
CA VAL A 26 -7.31 11.48 -0.65
C VAL A 26 -8.21 10.45 0.03
N ASP A 27 -9.11 9.86 -0.70
CA ASP A 27 -9.99 8.84 -0.08
C ASP A 27 -9.32 7.47 -0.18
N VAL A 28 -9.06 6.84 0.93
CA VAL A 28 -8.42 5.50 0.88
C VAL A 28 -9.47 4.46 0.49
N ASP A 29 -10.65 4.88 0.17
CA ASP A 29 -11.72 3.93 -0.24
C ASP A 29 -11.77 3.85 -1.76
N LEU A 30 -10.92 4.59 -2.43
CA LEU A 30 -10.91 4.57 -3.92
C LEU A 30 -9.87 3.56 -4.40
N ASP A 31 -10.14 2.87 -5.46
CA ASP A 31 -9.15 1.87 -5.96
C ASP A 31 -7.92 2.61 -6.46
N LEU A 32 -6.79 2.34 -5.86
CA LEU A 32 -5.54 3.03 -6.25
C LEU A 32 -5.16 2.71 -7.71
N VAL A 33 -5.38 1.50 -8.14
CA VAL A 33 -5.01 1.15 -9.54
C VAL A 33 -5.89 1.91 -10.54
N ASP A 34 -7.14 2.07 -10.25
CA ASP A 34 -8.01 2.81 -11.21
C ASP A 34 -7.35 4.15 -11.52
N ASN A 35 -6.68 4.71 -10.56
CA ASN A 35 -5.99 6.01 -10.78
C ASN A 35 -4.78 5.82 -11.70
N GLY A 36 -4.13 4.69 -11.61
CA GLY A 36 -2.94 4.45 -12.47
C GLY A 36 -1.69 4.91 -11.73
N VAL A 37 -1.85 5.30 -10.50
CA VAL A 37 -0.69 5.75 -9.70
C VAL A 37 0.32 4.61 -9.60
N ILE A 38 -0.15 3.40 -9.61
CA ILE A 38 0.76 2.24 -9.51
C ILE A 38 1.10 1.72 -10.92
N ASP A 39 2.36 1.54 -11.18
CA ASP A 39 2.77 1.04 -12.52
C ASP A 39 3.88 -0.01 -12.35
N ALA A 40 4.59 -0.32 -13.38
CA ALA A 40 5.68 -1.34 -13.25
C ALA A 40 6.73 -0.80 -12.28
N LEU A 41 7.25 0.36 -12.54
CA LEU A 41 8.24 0.96 -11.63
C LEU A 41 7.51 1.38 -10.37
N GLY A 42 6.29 1.80 -10.52
CA GLY A 42 5.48 2.22 -9.35
C GLY A 42 5.35 1.04 -8.38
N LEU A 43 5.06 -0.12 -8.90
CA LEU A 43 4.94 -1.31 -8.03
C LEU A 43 6.29 -1.60 -7.40
N LEU A 44 7.34 -1.46 -8.15
CA LEU A 44 8.70 -1.73 -7.60
C LEU A 44 8.97 -0.80 -6.42
N LYS A 45 8.66 0.45 -6.58
CA LYS A 45 8.89 1.42 -5.47
C LYS A 45 8.08 0.99 -4.25
N VAL A 46 6.90 0.48 -4.47
CA VAL A 46 6.04 0.04 -3.33
C VAL A 46 6.69 -1.13 -2.60
N ILE A 47 7.27 -2.05 -3.31
CA ILE A 47 7.89 -3.22 -2.65
C ILE A 47 9.10 -2.79 -1.79
N ALA A 48 10.00 -2.04 -2.36
CA ALA A 48 11.22 -1.64 -1.59
C ALA A 48 10.91 -0.69 -0.42
N TRP A 49 10.17 0.36 -0.65
CA TRP A 49 9.91 1.32 0.46
C TRP A 49 8.89 0.76 1.45
N LEU A 50 7.79 0.24 0.99
CA LEU A 50 6.78 -0.28 1.95
C LEU A 50 7.42 -1.39 2.80
N GLU A 51 8.15 -2.29 2.20
CA GLU A 51 8.79 -3.37 2.99
C GLU A 51 9.81 -2.78 3.97
N ASP A 52 10.54 -1.77 3.56
CA ASP A 52 11.54 -1.16 4.46
C ASP A 52 10.87 -0.57 5.71
N ARG A 53 9.70 0.00 5.55
CA ARG A 53 9.01 0.61 6.71
C ARG A 53 8.76 -0.42 7.81
N PHE A 54 8.48 -1.65 7.46
CA PHE A 54 8.22 -2.67 8.52
C PHE A 54 9.49 -3.47 8.80
N GLY A 55 10.52 -3.27 8.04
CA GLY A 55 11.79 -4.03 8.28
C GLY A 55 11.58 -5.46 7.82
N ILE A 56 10.75 -5.66 6.82
CA ILE A 56 10.51 -7.03 6.31
C ILE A 56 11.07 -7.17 4.90
N ALA A 57 11.40 -8.37 4.50
CA ALA A 57 11.97 -8.57 3.13
C ALA A 57 10.84 -8.94 2.18
N ALA A 58 10.75 -8.27 1.06
CA ALA A 58 9.67 -8.59 0.07
C ALA A 58 9.87 -10.00 -0.46
N ASP A 59 11.09 -10.44 -0.56
CA ASP A 59 11.36 -11.81 -1.08
C ASP A 59 10.65 -12.85 -0.20
N ASP A 60 10.55 -12.59 1.07
CA ASP A 60 9.88 -13.57 1.97
C ASP A 60 8.49 -13.90 1.44
N VAL A 61 7.80 -12.92 0.91
CA VAL A 61 6.43 -13.18 0.37
C VAL A 61 6.28 -12.54 -1.00
N GLU A 62 5.59 -13.17 -1.90
CA GLU A 62 5.41 -12.60 -3.26
C GLU A 62 4.03 -11.94 -3.35
N LEU A 63 3.99 -10.70 -3.79
CA LEU A 63 2.68 -10.00 -3.90
C LEU A 63 2.28 -9.90 -5.37
N SER A 64 1.02 -10.01 -5.66
CA SER A 64 0.57 -9.90 -7.07
C SER A 64 0.08 -8.47 -7.30
N PRO A 65 0.18 -7.99 -8.51
CA PRO A 65 -0.25 -6.59 -8.86
C PRO A 65 -1.70 -6.34 -8.48
N GLU A 66 -2.50 -7.37 -8.37
CA GLU A 66 -3.92 -7.19 -8.00
C GLU A 66 -4.03 -6.80 -6.54
N HIS A 67 -3.12 -7.22 -5.73
CA HIS A 67 -3.20 -6.86 -4.29
C HIS A 67 -3.01 -5.36 -4.14
N PHE A 68 -2.42 -4.73 -5.12
CA PHE A 68 -2.19 -3.26 -5.03
C PHE A 68 -3.43 -2.54 -5.56
N ARG A 69 -4.51 -3.26 -5.72
CA ARG A 69 -5.76 -2.64 -6.22
C ARG A 69 -6.12 -1.41 -5.39
N SER A 70 -5.83 -1.42 -4.11
CA SER A 70 -6.17 -0.24 -3.27
C SER A 70 -5.17 -0.12 -2.12
N ILE A 71 -4.94 1.09 -1.66
CA ILE A 71 -3.98 1.30 -0.55
C ILE A 71 -4.44 0.53 0.69
N ARG A 72 -5.71 0.52 0.94
CA ARG A 72 -6.25 -0.19 2.14
C ARG A 72 -5.85 -1.67 2.10
N SER A 73 -5.90 -2.28 0.96
CA SER A 73 -5.54 -3.72 0.87
C SER A 73 -4.05 -3.91 1.20
N ILE A 74 -3.20 -3.05 0.68
CA ILE A 74 -1.75 -3.20 0.95
C ILE A 74 -1.47 -3.07 2.44
N ASP A 75 -2.02 -2.07 3.07
CA ASP A 75 -1.78 -1.89 4.53
C ASP A 75 -2.28 -3.12 5.29
N ALA A 76 -3.38 -3.69 4.87
CA ALA A 76 -3.93 -4.87 5.59
C ALA A 76 -3.01 -6.08 5.42
N PHE A 77 -2.57 -6.35 4.22
CA PHE A 77 -1.67 -7.51 4.02
C PHE A 77 -0.35 -7.27 4.74
N VAL A 78 0.20 -6.09 4.61
CA VAL A 78 1.47 -5.79 5.30
C VAL A 78 1.28 -5.94 6.81
N VAL A 79 0.21 -5.40 7.33
CA VAL A 79 -0.04 -5.52 8.80
C VAL A 79 -0.37 -6.98 9.13
N GLY A 80 -1.15 -7.61 8.29
CA GLY A 80 -1.51 -9.04 8.53
C GLY A 80 -0.24 -9.91 8.58
N ALA A 81 0.78 -9.51 7.88
CA ALA A 81 2.03 -10.32 7.87
C ALA A 81 2.67 -10.31 9.26
N THR A 82 2.61 -9.20 9.95
CA THR A 82 3.22 -9.14 11.30
C THR A 82 2.24 -9.70 12.33
N THR A 83 0.97 -9.54 12.09
CA THR A 83 -0.04 -10.06 13.04
C THR A 83 -1.13 -10.82 12.29
N PRO A 84 -1.78 -11.76 12.94
CA PRO A 84 -2.86 -12.56 12.31
C PRO A 84 -4.09 -11.69 11.98
N PRO A 85 -4.38 -11.47 10.71
CA PRO A 85 -5.54 -10.63 10.30
C PRO A 85 -6.88 -11.34 10.45
N VAL A 86 -7.91 -10.57 10.65
CA VAL A 86 -9.27 -11.19 10.78
C VAL A 86 -10.03 -10.95 9.47
N GLU A 87 -10.70 -11.95 8.98
CA GLU A 87 -11.44 -11.78 7.69
C GLU A 87 -10.57 -10.99 6.72
N ALA A 88 -9.52 -11.60 6.22
CA ALA A 88 -8.62 -10.88 5.28
C ALA A 88 -9.45 -10.21 4.18
N LYS A 89 -8.98 -9.10 3.68
CA LYS A 89 -9.72 -8.39 2.59
C LYS A 89 -9.93 -9.34 1.41
N LEU A 90 -8.97 -10.18 1.14
CA LEU A 90 -9.11 -11.13 0.01
C LEU A 90 -9.52 -12.51 0.54
N GLN A 91 -10.52 -13.10 -0.02
CA GLN A 91 -10.97 -14.44 0.46
C GLN A 91 -10.00 -15.51 -0.06
N SER A 1 -12.63 2.49 10.39
CA SER A 1 -11.82 3.01 9.25
C SER A 1 -10.34 2.90 9.59
N GLU A 2 -9.48 3.32 8.71
CA GLU A 2 -8.01 3.26 8.98
C GLU A 2 -7.65 1.84 9.43
N MET A 3 -7.04 1.07 8.57
CA MET A 3 -6.66 -0.32 8.94
C MET A 3 -5.73 -0.28 10.17
N GLN A 4 -4.80 0.62 10.15
CA GLN A 4 -3.83 0.78 11.28
C GLN A 4 -2.81 1.83 10.83
N HIS A 5 -1.86 1.43 10.04
CA HIS A 5 -0.86 2.38 9.52
C HIS A 5 -1.29 2.71 8.08
N ALA A 6 -2.52 2.39 7.77
CA ALA A 6 -3.03 2.63 6.39
C ALA A 6 -2.78 4.09 5.99
N SER A 7 -2.95 5.00 6.91
CA SER A 7 -2.72 6.43 6.58
C SER A 7 -1.28 6.64 6.11
N VAL A 8 -0.35 5.95 6.72
CA VAL A 8 1.08 6.10 6.31
C VAL A 8 1.24 5.66 4.85
N ILE A 9 0.63 4.58 4.50
CA ILE A 9 0.74 4.07 3.09
C ILE A 9 0.21 5.14 2.14
N ALA A 10 -0.88 5.77 2.50
CA ALA A 10 -1.45 6.82 1.62
C ALA A 10 -0.45 7.97 1.46
N GLN A 11 0.25 8.32 2.50
CA GLN A 11 1.24 9.42 2.39
C GLN A 11 2.31 9.04 1.38
N PHE A 12 2.77 7.83 1.41
CA PHE A 12 3.81 7.41 0.42
C PHE A 12 3.26 7.53 -0.99
N VAL A 13 2.04 7.13 -1.19
CA VAL A 13 1.42 7.22 -2.55
C VAL A 13 1.38 8.68 -2.99
N VAL A 14 0.97 9.55 -2.12
CA VAL A 14 0.89 10.99 -2.47
C VAL A 14 2.29 11.52 -2.78
N GLU A 15 3.24 11.22 -1.94
CA GLU A 15 4.63 11.71 -2.17
C GLU A 15 5.28 10.93 -3.32
N GLU A 16 4.72 9.81 -3.69
CA GLU A 16 5.34 9.01 -4.78
C GLU A 16 5.31 9.80 -6.09
N PHE A 17 4.33 10.62 -6.30
CA PHE A 17 4.27 11.40 -7.58
C PHE A 17 3.55 12.72 -7.36
N LEU A 18 2.63 12.79 -6.43
CA LEU A 18 1.90 14.07 -6.20
C LEU A 18 2.09 14.52 -4.74
N PRO A 19 3.20 15.14 -4.45
CA PRO A 19 3.50 15.63 -3.07
C PRO A 19 2.74 16.93 -2.74
N ASP A 20 2.17 17.56 -3.73
CA ASP A 20 1.44 18.83 -3.48
C ASP A 20 -0.06 18.55 -3.28
N VAL A 21 -0.43 17.31 -3.15
CA VAL A 21 -1.87 16.97 -2.95
C VAL A 21 -2.09 16.47 -1.52
N ALA A 22 -3.15 16.89 -0.88
CA ALA A 22 -3.41 16.43 0.51
C ALA A 22 -4.01 15.01 0.47
N PRO A 23 -3.35 14.02 1.04
CA PRO A 23 -3.86 12.63 1.05
C PRO A 23 -5.28 12.55 1.63
N ALA A 24 -5.64 13.49 2.45
CA ALA A 24 -7.01 13.47 3.06
C ALA A 24 -8.05 13.62 1.94
N ASP A 25 -7.68 14.21 0.85
CA ASP A 25 -8.64 14.38 -0.27
C ASP A 25 -8.72 13.09 -1.08
N VAL A 26 -8.03 12.07 -0.66
CA VAL A 26 -8.07 10.77 -1.41
C VAL A 26 -8.83 9.74 -0.58
N ASP A 27 -9.73 9.02 -1.19
CA ASP A 27 -10.49 7.99 -0.43
C ASP A 27 -9.71 6.67 -0.46
N VAL A 28 -9.34 6.17 0.68
CA VAL A 28 -8.59 4.88 0.71
C VAL A 28 -9.55 3.74 0.40
N ASP A 29 -10.79 4.04 0.12
CA ASP A 29 -11.78 2.98 -0.19
C ASP A 29 -11.75 2.70 -1.70
N LEU A 30 -11.00 3.48 -2.42
CA LEU A 30 -10.93 3.28 -3.90
C LEU A 30 -9.68 2.47 -4.23
N ASP A 31 -9.78 1.55 -5.15
CA ASP A 31 -8.59 0.73 -5.50
C ASP A 31 -7.45 1.63 -5.96
N LEU A 32 -6.26 1.35 -5.53
CA LEU A 32 -5.09 2.19 -5.91
C LEU A 32 -4.83 2.05 -7.41
N VAL A 33 -4.98 0.87 -7.96
CA VAL A 33 -4.70 0.68 -9.40
C VAL A 33 -5.67 1.51 -10.25
N ASP A 34 -6.89 1.64 -9.83
CA ASP A 34 -7.86 2.45 -10.63
C ASP A 34 -7.23 3.81 -10.90
N ASN A 35 -6.47 4.30 -9.97
CA ASN A 35 -5.82 5.62 -10.15
C ASN A 35 -4.70 5.52 -11.20
N GLY A 36 -4.02 4.40 -11.25
CA GLY A 36 -2.92 4.24 -12.24
C GLY A 36 -1.65 4.83 -11.65
N VAL A 37 -1.69 5.27 -10.42
CA VAL A 37 -0.48 5.86 -9.79
C VAL A 37 0.62 4.80 -9.77
N ILE A 38 0.26 3.56 -9.62
CA ILE A 38 1.28 2.48 -9.60
C ILE A 38 1.62 2.07 -11.03
N ASP A 39 2.87 2.13 -11.38
CA ASP A 39 3.30 1.73 -12.75
C ASP A 39 4.44 0.72 -12.63
N ALA A 40 5.22 0.54 -13.66
CA ALA A 40 6.33 -0.43 -13.57
C ALA A 40 7.35 0.07 -12.55
N LEU A 41 7.83 1.26 -12.72
CA LEU A 41 8.78 1.83 -11.74
C LEU A 41 8.01 2.14 -10.47
N GLY A 42 6.78 2.54 -10.64
CA GLY A 42 5.94 2.84 -9.45
C GLY A 42 5.82 1.60 -8.59
N LEU A 43 5.68 0.46 -9.21
CA LEU A 43 5.59 -0.81 -8.44
C LEU A 43 6.91 -1.06 -7.72
N LEU A 44 8.00 -0.89 -8.41
CA LEU A 44 9.33 -1.13 -7.77
C LEU A 44 9.50 -0.20 -6.58
N LYS A 45 9.15 1.04 -6.73
CA LYS A 45 9.31 1.99 -5.60
C LYS A 45 8.43 1.53 -4.43
N VAL A 46 7.29 0.98 -4.72
CA VAL A 46 6.38 0.52 -3.63
C VAL A 46 7.05 -0.57 -2.80
N ILE A 47 7.58 -1.57 -3.44
CA ILE A 47 8.25 -2.68 -2.70
C ILE A 47 9.54 -2.18 -2.03
N ALA A 48 10.23 -1.25 -2.62
CA ALA A 48 11.51 -0.78 -2.02
C ALA A 48 11.29 -0.03 -0.70
N TRP A 49 10.39 0.92 -0.66
CA TRP A 49 10.17 1.66 0.61
C TRP A 49 9.27 0.86 1.54
N LEU A 50 8.23 0.27 1.02
CA LEU A 50 7.31 -0.50 1.88
C LEU A 50 8.07 -1.64 2.58
N GLU A 51 8.94 -2.30 1.87
CA GLU A 51 9.71 -3.41 2.50
C GLU A 51 10.76 -2.85 3.46
N ASP A 52 11.36 -1.74 3.10
CA ASP A 52 12.40 -1.14 3.97
C ASP A 52 11.81 -0.80 5.35
N ARG A 53 10.60 -0.35 5.40
CA ARG A 53 9.98 0.02 6.70
C ARG A 53 9.90 -1.19 7.64
N PHE A 54 9.60 -2.35 7.14
CA PHE A 54 9.49 -3.53 8.03
C PHE A 54 10.79 -4.34 8.02
N GLY A 55 11.71 -4.00 7.15
CA GLY A 55 13.00 -4.74 7.11
C GLY A 55 12.76 -6.11 6.50
N ILE A 56 11.81 -6.22 5.61
CA ILE A 56 11.52 -7.53 4.98
C ILE A 56 12.02 -7.54 3.54
N ALA A 57 12.35 -8.68 3.00
CA ALA A 57 12.86 -8.73 1.60
C ALA A 57 11.73 -9.20 0.67
N ALA A 58 11.61 -8.59 -0.47
CA ALA A 58 10.55 -8.99 -1.43
C ALA A 58 10.83 -10.41 -1.95
N ASP A 59 12.08 -10.80 -1.96
CA ASP A 59 12.41 -12.16 -2.47
C ASP A 59 11.72 -13.23 -1.63
N ASP A 60 11.51 -12.98 -0.36
CA ASP A 60 10.85 -13.98 0.50
C ASP A 60 9.46 -14.32 -0.06
N VAL A 61 8.76 -13.33 -0.55
CA VAL A 61 7.40 -13.58 -1.11
C VAL A 61 7.24 -12.78 -2.41
N GLU A 62 6.55 -13.33 -3.37
CA GLU A 62 6.36 -12.59 -4.66
C GLU A 62 5.07 -11.77 -4.57
N LEU A 63 5.13 -10.52 -4.95
CA LEU A 63 3.92 -9.67 -4.89
C LEU A 63 3.25 -9.62 -6.27
N SER A 64 1.95 -9.71 -6.31
CA SER A 64 1.22 -9.66 -7.61
C SER A 64 0.45 -8.35 -7.68
N PRO A 65 0.15 -7.89 -8.86
CA PRO A 65 -0.60 -6.62 -9.06
C PRO A 65 -1.92 -6.62 -8.27
N GLU A 66 -2.42 -7.77 -7.94
CA GLU A 66 -3.69 -7.84 -7.16
C GLU A 66 -3.43 -7.38 -5.74
N HIS A 67 -2.24 -7.55 -5.25
CA HIS A 67 -1.93 -7.12 -3.85
C HIS A 67 -2.05 -5.61 -3.77
N PHE A 68 -2.03 -4.94 -4.89
CA PHE A 68 -2.15 -3.46 -4.88
C PHE A 68 -3.60 -3.09 -5.17
N ARG A 69 -4.48 -4.04 -5.04
CA ARG A 69 -5.91 -3.79 -5.31
C ARG A 69 -6.39 -2.53 -4.58
N SER A 70 -5.93 -2.30 -3.37
CA SER A 70 -6.38 -1.08 -2.64
C SER A 70 -5.41 -0.77 -1.50
N ILE A 71 -5.40 0.45 -1.04
CA ILE A 71 -4.49 0.84 0.07
C ILE A 71 -4.76 -0.04 1.29
N ARG A 72 -6.01 -0.26 1.61
CA ARG A 72 -6.34 -1.10 2.79
C ARG A 72 -5.73 -2.50 2.61
N SER A 73 -5.77 -3.02 1.42
CA SER A 73 -5.19 -4.37 1.18
C SER A 73 -3.68 -4.35 1.47
N ILE A 74 -3.01 -3.31 1.05
CA ILE A 74 -1.55 -3.23 1.29
C ILE A 74 -1.27 -3.24 2.79
N ASP A 75 -1.97 -2.44 3.55
CA ASP A 75 -1.74 -2.42 5.02
C ASP A 75 -2.00 -3.81 5.60
N ALA A 76 -3.07 -4.43 5.17
CA ALA A 76 -3.40 -5.79 5.68
C ALA A 76 -2.35 -6.79 5.22
N PHE A 77 -1.87 -6.67 4.01
CA PHE A 77 -0.85 -7.63 3.53
C PHE A 77 0.41 -7.52 4.40
N VAL A 78 0.90 -6.33 4.59
CA VAL A 78 2.11 -6.14 5.42
C VAL A 78 1.78 -6.42 6.89
N VAL A 79 0.71 -5.87 7.39
CA VAL A 79 0.34 -6.11 8.81
C VAL A 79 -0.12 -7.56 8.99
N GLY A 80 -0.98 -8.01 8.12
CA GLY A 80 -1.48 -9.41 8.23
C GLY A 80 -0.31 -10.40 8.08
N ALA A 81 0.63 -10.10 7.23
CA ALA A 81 1.78 -11.03 7.03
C ALA A 81 2.65 -11.05 8.29
N THR A 82 2.83 -9.92 8.91
CA THR A 82 3.67 -9.87 10.14
C THR A 82 2.85 -10.31 11.34
N THR A 83 1.57 -10.04 11.32
CA THR A 83 0.71 -10.43 12.46
C THR A 83 -0.57 -11.11 11.94
N PRO A 84 -1.17 -11.98 12.72
CA PRO A 84 -2.42 -12.67 12.32
C PRO A 84 -3.45 -11.70 11.68
N PRO A 85 -3.71 -11.82 10.40
CA PRO A 85 -4.68 -10.92 9.72
C PRO A 85 -6.07 -10.98 10.37
N VAL A 86 -6.74 -9.86 10.42
CA VAL A 86 -8.10 -9.84 11.05
C VAL A 86 -9.17 -9.79 9.95
N GLU A 87 -10.16 -10.63 10.06
CA GLU A 87 -11.26 -10.64 9.04
C GLU A 87 -10.68 -10.39 7.65
N ALA A 88 -9.43 -10.72 7.44
CA ALA A 88 -8.82 -10.49 6.10
C ALA A 88 -9.23 -9.12 5.56
N LYS A 89 -9.37 -9.00 4.27
CA LYS A 89 -9.78 -7.69 3.68
C LYS A 89 -11.27 -7.45 3.96
N LEU A 90 -11.64 -6.21 4.14
CA LEU A 90 -13.07 -5.90 4.40
C LEU A 90 -13.93 -6.51 3.29
N GLN A 91 -13.47 -6.46 2.07
CA GLN A 91 -14.26 -7.04 0.95
C GLN A 91 -13.96 -8.54 0.84
#